data_1KNO
#
_entry.id   1KNO
#
_cell.length_a   74.100
_cell.length_b   76.900
_cell.length_c   88.300
_cell.angle_alpha   93.80
_cell.angle_beta   93.90
_cell.angle_gamma   115.60
#
_symmetry.space_group_name_H-M   'P 1'
#
loop_
_entity.id
_entity.type
_entity.pdbx_description
1 polymer 'IGG2A FAB FRAGMENT CNJ206'
2 polymer 'IGG2A FAB FRAGMENT CNJ206'
3 non-polymer 'ZINC ION'
4 non-polymer 'METHYL-PHOSPHONIC ACID MONO-(4-NITRO-PHENYL) ESTER'
#
loop_
_entity_poly.entity_id
_entity_poly.type
_entity_poly.pdbx_seq_one_letter_code
_entity_poly.pdbx_strand_id
1 'polypeptide(L)'
;QIQMTQSPSSLSASLGERVSLTCRASQEISGYLSWLQQKPDGTIKRLIYAASTLDSGVPKRFSGSRSGSDYSLTISSLES
EDFADYYCLQYASSPYTFGGGTKLEILRADAAPTVSIFPPSSEQLTSGGASVVCFLNNFYPKDINVKWKIDGSERQNGVL
NSWTDQDSKDSTYSMSSTLTLTKDEYERHNSYTCEATHKTSTSPIVKSFNRNEC
;
A,C,E
2 'polypeptide(L)'
;DVKLVESGGGLVQPGGSRKLSCAASGFTFSSFGMHWVRQAPEKGLEWVAYISSGSSTIYYADTVKGRFTISRDNPKNTLF
LQMTSLRSEDTAMYYCARGDYYGSRGAYWGQGTLVTVSAAKTTAPSVYPLAPVCGDTTGSSVTLGCLVKGYFPEPVTLTW
NSGSLSSGVHTFPAVLQSDLYTLSSSVTVTSSTWPSQSITCNVAHPASSTKVDKKIEPRG
;
B,D,F
#
loop_
_chem_comp.id
_chem_comp.type
_chem_comp.name
_chem_comp.formula
PNP non-polymer 'METHYL-PHOSPHONIC ACID MONO-(4-NITRO-PHENYL) ESTER' 'C7 H8 N O5 P'
ZN non-polymer 'ZINC ION' 'Zn 2'
#
# COMPACT_ATOMS: atom_id res chain seq x y z
N GLN A 1 10.05 -38.78 13.75
CA GLN A 1 9.15 -37.63 13.63
C GLN A 1 10.10 -36.55 13.30
N ILE A 2 9.62 -35.55 12.51
CA ILE A 2 10.37 -34.34 12.11
C ILE A 2 9.78 -33.23 12.97
N GLN A 3 10.50 -32.82 14.01
CA GLN A 3 10.02 -31.80 14.92
C GLN A 3 9.94 -30.44 14.29
N MET A 4 8.83 -29.74 14.50
CA MET A 4 8.65 -28.38 13.98
C MET A 4 8.58 -27.47 15.20
N THR A 5 9.71 -26.85 15.54
CA THR A 5 9.78 -25.98 16.69
C THR A 5 9.30 -24.62 16.28
N GLN A 6 8.09 -24.28 16.72
CA GLN A 6 7.44 -23.01 16.41
C GLN A 6 7.51 -22.00 17.54
N SER A 7 7.66 -20.73 17.18
CA SER A 7 7.75 -19.69 18.18
C SER A 7 7.48 -18.30 17.60
N PRO A 8 7.05 -17.35 18.45
CA PRO A 8 6.82 -17.54 19.86
C PRO A 8 5.54 -18.33 20.08
N SER A 9 5.34 -18.73 21.34
CA SER A 9 4.22 -19.55 21.76
C SER A 9 2.95 -18.75 22.03
N SER A 10 3.11 -17.42 22.01
CA SER A 10 2.03 -16.43 22.19
C SER A 10 2.71 -15.07 22.14
N LEU A 11 1.97 -14.05 21.72
CA LEU A 11 2.51 -12.69 21.66
C LEU A 11 1.36 -11.72 21.53
N SER A 12 1.55 -10.51 22.06
CA SER A 12 0.55 -9.45 21.99
C SER A 12 1.21 -8.36 21.15
N ALA A 13 0.43 -7.68 20.32
CA ALA A 13 0.98 -6.63 19.52
C ALA A 13 -0.16 -5.73 19.24
N SER A 14 0.13 -4.45 19.01
CA SER A 14 -0.88 -3.45 18.77
C SER A 14 -1.26 -3.54 17.32
N LEU A 15 -2.43 -3.03 16.94
CA LEU A 15 -2.82 -3.09 15.54
C LEU A 15 -1.79 -2.33 14.71
N GLY A 16 -1.72 -2.66 13.42
CA GLY A 16 -0.78 -2.01 12.52
C GLY A 16 0.68 -2.41 12.68
N GLU A 17 0.97 -3.05 13.80
CA GLU A 17 2.30 -3.49 14.12
C GLU A 17 2.54 -4.75 13.29
N ARG A 18 3.80 -5.02 12.97
CA ARG A 18 4.14 -6.21 12.21
C ARG A 18 4.56 -7.33 13.17
N VAL A 19 4.46 -8.58 12.71
CA VAL A 19 4.81 -9.76 13.52
C VAL A 19 5.46 -10.85 12.64
N SER A 20 6.34 -11.65 13.23
CA SER A 20 7.03 -12.72 12.49
C SER A 20 7.07 -14.04 13.23
N LEU A 21 6.07 -14.89 13.04
CA LEU A 21 6.07 -16.20 13.71
C LEU A 21 7.11 -17.03 12.96
N THR A 22 7.80 -17.93 13.64
CA THR A 22 8.83 -18.74 13.02
C THR A 22 8.77 -20.23 13.30
N CYS A 23 9.03 -21.04 12.28
CA CYS A 23 9.07 -22.47 12.47
C CYS A 23 10.39 -23.02 12.00
N ARG A 24 11.08 -23.76 12.87
CA ARG A 24 12.34 -24.42 12.50
C ARG A 24 12.04 -25.90 12.40
N ALA A 25 12.27 -26.48 11.23
CA ALA A 25 12.06 -27.91 11.04
C ALA A 25 13.39 -28.57 11.34
N SER A 26 13.33 -29.77 11.90
CA SER A 26 14.52 -30.52 12.26
C SER A 26 15.06 -31.41 11.13
N GLN A 27 14.56 -31.24 9.91
CA GLN A 27 14.98 -32.07 8.78
C GLN A 27 14.57 -31.35 7.50
N GLU A 28 15.13 -31.76 6.36
CA GLU A 28 14.77 -31.13 5.11
C GLU A 28 13.33 -31.44 4.77
N ILE A 29 12.59 -30.38 4.47
CA ILE A 29 11.22 -30.53 4.09
C ILE A 29 11.06 -29.90 2.72
N SER A 30 12.17 -29.34 2.24
CA SER A 30 12.23 -28.70 0.93
C SER A 30 11.05 -27.78 0.78
N GLY A 31 10.86 -26.94 1.78
CA GLY A 31 9.78 -25.99 1.72
C GLY A 31 8.37 -26.52 1.63
N TYR A 32 8.09 -27.70 2.14
CA TYR A 32 6.72 -28.19 2.11
C TYR A 32 6.00 -27.69 3.35
N LEU A 33 6.30 -26.45 3.71
CA LEU A 33 5.73 -25.82 4.88
C LEU A 33 4.40 -25.22 4.51
N SER A 34 3.52 -25.15 5.45
CA SER A 34 2.24 -24.60 5.20
C SER A 34 1.91 -23.87 6.49
N TRP A 35 1.11 -22.84 6.42
CA TRP A 35 0.75 -22.17 7.64
C TRP A 35 -0.76 -22.16 7.72
N LEU A 36 -1.29 -22.66 8.84
CA LEU A 36 -2.73 -22.70 9.11
C LEU A 36 -3.10 -21.59 10.11
N GLN A 37 -4.37 -21.24 10.13
CA GLN A 37 -4.82 -20.23 11.06
C GLN A 37 -6.10 -20.68 11.73
N GLN A 38 -6.07 -20.93 13.03
CA GLN A 38 -7.28 -21.35 13.69
C GLN A 38 -7.86 -20.16 14.38
N LYS A 39 -9.12 -19.87 14.02
CA LYS A 39 -9.93 -18.78 14.56
C LYS A 39 -10.53 -19.32 15.85
N PRO A 40 -10.97 -18.42 16.76
CA PRO A 40 -11.57 -18.82 18.03
C PRO A 40 -12.78 -19.69 17.92
N ASP A 41 -13.57 -19.51 16.87
CA ASP A 41 -14.78 -20.35 16.74
C ASP A 41 -14.48 -21.79 16.40
N GLY A 42 -13.18 -22.11 16.34
CA GLY A 42 -12.77 -23.47 16.01
C GLY A 42 -12.20 -23.57 14.61
N THR A 43 -12.89 -22.95 13.65
CA THR A 43 -12.56 -22.88 12.23
C THR A 43 -11.10 -22.81 11.89
N ILE A 44 -10.67 -23.67 10.95
CA ILE A 44 -9.27 -23.69 10.44
C ILE A 44 -9.24 -23.28 8.94
N LYS A 45 -8.25 -22.50 8.57
CA LYS A 45 -8.17 -22.02 7.20
C LYS A 45 -6.70 -21.95 6.85
N ARG A 46 -6.33 -22.38 5.65
CA ARG A 46 -4.93 -22.30 5.30
C ARG A 46 -4.60 -20.95 4.69
N LEU A 47 -3.44 -20.42 5.04
CA LEU A 47 -3.04 -19.11 4.58
C LEU A 47 -1.94 -19.23 3.61
N ILE A 48 -0.87 -19.89 4.02
CA ILE A 48 0.29 -20.06 3.14
C ILE A 48 0.60 -21.55 3.01
N TYR A 49 1.09 -21.95 1.84
CA TYR A 49 1.47 -23.33 1.58
C TYR A 49 2.64 -23.28 0.59
N ALA A 50 3.33 -24.39 0.37
CA ALA A 50 4.45 -24.40 -0.54
C ALA A 50 5.47 -23.42 0.00
N ALA A 51 5.41 -23.22 1.33
CA ALA A 51 6.31 -22.35 2.09
C ALA A 51 6.32 -20.85 1.79
N SER A 52 5.41 -20.37 0.93
CA SER A 52 5.36 -18.95 0.62
C SER A 52 4.24 -18.53 -0.36
N THR A 53 3.49 -19.48 -0.88
CA THR A 53 2.43 -19.15 -1.80
C THR A 53 1.19 -18.85 -0.98
N LEU A 54 0.68 -17.63 -1.11
CA LEU A 54 -0.54 -17.21 -0.40
C LEU A 54 -1.69 -17.88 -1.06
N ASP A 55 -2.67 -18.27 -0.26
CA ASP A 55 -3.84 -18.91 -0.81
C ASP A 55 -4.72 -17.86 -1.42
N SER A 56 -5.71 -18.32 -2.16
CA SER A 56 -6.68 -17.45 -2.78
C SER A 56 -7.51 -16.83 -1.65
N GLY A 57 -7.42 -15.50 -1.49
CA GLY A 57 -8.19 -14.82 -0.46
C GLY A 57 -7.32 -14.23 0.64
N VAL A 58 -6.29 -14.95 0.96
CA VAL A 58 -5.40 -14.47 1.96
C VAL A 58 -4.84 -13.14 1.45
N PRO A 59 -5.01 -12.08 2.24
CA PRO A 59 -4.59 -10.70 2.05
C PRO A 59 -3.12 -10.65 1.76
N LYS A 60 -2.72 -9.82 0.81
CA LYS A 60 -1.32 -9.70 0.44
C LYS A 60 -0.42 -9.17 1.54
N ARG A 61 -0.94 -9.01 2.75
CA ARG A 61 -0.08 -8.51 3.80
C ARG A 61 0.54 -9.64 4.61
N PHE A 62 0.19 -10.88 4.23
CA PHE A 62 0.73 -12.09 4.84
C PHE A 62 1.83 -12.56 3.90
N SER A 63 2.94 -13.09 4.42
CA SER A 63 4.02 -13.54 3.54
C SER A 63 4.96 -14.57 4.16
N GLY A 64 4.96 -15.76 3.57
CA GLY A 64 5.83 -16.82 4.05
C GLY A 64 7.18 -16.65 3.42
N SER A 65 8.22 -17.17 4.05
CA SER A 65 9.57 -17.09 3.52
C SER A 65 10.37 -18.14 4.23
N ARG A 66 11.50 -18.54 3.64
CA ARG A 66 12.34 -19.56 4.24
C ARG A 66 13.82 -19.23 4.10
N SER A 67 14.62 -19.54 5.12
CA SER A 67 16.06 -19.35 5.05
C SER A 67 16.62 -20.45 5.89
N GLY A 68 17.24 -21.41 5.22
CA GLY A 68 17.79 -22.56 5.90
C GLY A 68 16.62 -23.44 6.30
N SER A 69 16.57 -23.83 7.56
CA SER A 69 15.47 -24.65 8.01
C SER A 69 14.62 -23.83 8.93
N ASP A 70 14.64 -22.53 8.69
CA ASP A 70 13.85 -21.57 9.45
C ASP A 70 12.83 -20.97 8.48
N TYR A 71 11.56 -21.27 8.73
CA TYR A 71 10.48 -20.74 7.92
C TYR A 71 9.75 -19.64 8.73
N SER A 72 9.39 -18.54 8.07
CA SER A 72 8.71 -17.46 8.77
C SER A 72 7.50 -16.92 8.04
N LEU A 73 6.49 -16.59 8.83
CA LEU A 73 5.24 -16.00 8.38
C LEU A 73 5.33 -14.60 8.95
N THR A 74 5.22 -13.59 8.11
CA THR A 74 5.29 -12.22 8.59
C THR A 74 3.98 -11.56 8.28
N ILE A 75 3.34 -11.00 9.31
CA ILE A 75 2.10 -10.28 9.09
C ILE A 75 2.57 -8.86 9.28
N SER A 76 2.56 -8.05 8.24
CA SER A 76 2.95 -6.65 8.36
C SER A 76 1.65 -5.89 8.50
N SER A 77 1.59 -4.99 9.46
CA SER A 77 0.35 -4.26 9.69
C SER A 77 -0.77 -5.21 10.10
N LEU A 78 -0.84 -5.52 11.40
CA LEU A 78 -1.87 -6.40 11.95
C LEU A 78 -3.26 -5.78 12.09
N GLU A 79 -4.23 -6.32 11.41
CA GLU A 79 -5.59 -5.81 11.52
C GLU A 79 -6.37 -6.73 12.45
N SER A 80 -7.59 -6.34 12.80
CA SER A 80 -8.41 -7.17 13.69
C SER A 80 -8.59 -8.64 13.34
N GLU A 81 -8.93 -8.92 12.08
CA GLU A 81 -9.17 -10.30 11.72
C GLU A 81 -8.01 -11.20 12.10
N ASP A 82 -6.83 -10.63 12.18
CA ASP A 82 -5.61 -11.39 12.49
C ASP A 82 -5.54 -12.01 13.88
N PHE A 83 -6.43 -11.60 14.77
CA PHE A 83 -6.45 -12.12 16.13
C PHE A 83 -6.86 -13.56 16.01
N ALA A 84 -5.91 -14.47 16.14
CA ALA A 84 -6.20 -15.89 16.05
C ALA A 84 -5.03 -16.70 16.53
N ASP A 85 -5.03 -17.98 16.13
CA ASP A 85 -4.00 -18.94 16.51
C ASP A 85 -3.43 -19.51 15.24
N TYR A 86 -2.12 -19.44 15.08
CA TYR A 86 -1.45 -19.93 13.88
C TYR A 86 -0.67 -21.21 14.12
N TYR A 87 -0.59 -22.06 13.10
CA TYR A 87 0.15 -23.31 13.20
C TYR A 87 0.93 -23.55 11.94
N CYS A 88 2.19 -23.96 12.04
CA CYS A 88 2.93 -24.27 10.83
C CYS A 88 2.74 -25.78 10.62
N LEU A 89 2.61 -26.21 9.36
CA LEU A 89 2.42 -27.62 8.98
C LEU A 89 3.48 -28.02 7.98
N GLN A 90 4.20 -29.12 8.22
CA GLN A 90 5.22 -29.58 7.28
C GLN A 90 4.69 -30.84 6.67
N TYR A 91 4.47 -30.84 5.35
CA TYR A 91 3.95 -32.01 4.65
C TYR A 91 4.93 -32.66 3.65
N ALA A 92 6.21 -32.67 4.04
CA ALA A 92 7.26 -33.27 3.23
C ALA A 92 7.40 -34.75 3.53
N SER A 93 7.40 -35.15 4.80
CA SER A 93 7.55 -36.56 5.19
C SER A 93 6.43 -37.16 6.05
N SER A 94 6.17 -38.44 5.82
CA SER A 94 5.07 -39.16 6.46
C SER A 94 4.48 -38.79 7.77
N PRO A 95 5.16 -39.05 8.91
CA PRO A 95 4.48 -38.65 10.17
C PRO A 95 4.35 -37.11 10.15
N TYR A 96 3.17 -36.63 9.72
CA TYR A 96 2.94 -35.20 9.55
C TYR A 96 2.91 -34.43 10.86
N THR A 97 3.84 -33.51 10.98
CA THR A 97 3.95 -32.77 12.19
C THR A 97 3.57 -31.31 12.03
N PHE A 98 2.86 -30.80 13.05
CA PHE A 98 2.42 -29.40 13.14
C PHE A 98 3.33 -28.64 14.09
N GLY A 99 3.35 -27.33 13.96
CA GLY A 99 4.13 -26.53 14.87
C GLY A 99 3.37 -26.52 16.21
N GLY A 100 3.95 -25.79 17.15
CA GLY A 100 3.35 -25.71 18.48
C GLY A 100 2.15 -24.81 18.65
N GLY A 101 2.27 -23.59 18.16
CA GLY A 101 1.17 -22.67 18.23
C GLY A 101 1.69 -21.29 18.56
N THR A 102 0.88 -20.29 18.25
CA THR A 102 1.19 -18.93 18.57
C THR A 102 -0.20 -18.39 18.86
N LYS A 103 -0.35 -17.81 20.03
CA LYS A 103 -1.61 -17.22 20.40
C LYS A 103 -1.29 -15.76 20.32
N LEU A 104 -1.81 -15.13 19.27
CA LEU A 104 -1.63 -13.69 18.99
C LEU A 104 -2.77 -12.92 19.68
N GLU A 105 -2.49 -12.20 20.77
CA GLU A 105 -3.54 -11.42 21.44
C GLU A 105 -3.32 -9.92 21.24
N ILE A 106 -4.45 -9.19 21.17
CA ILE A 106 -4.51 -7.74 20.94
C ILE A 106 -4.05 -6.89 22.12
N LEU A 107 -3.06 -6.04 21.88
CA LEU A 107 -2.57 -5.17 22.91
C LEU A 107 -3.53 -3.98 23.01
N ARG A 108 -4.36 -4.00 24.05
CA ARG A 108 -5.33 -2.96 24.35
C ARG A 108 -4.79 -2.04 25.44
N ALA A 109 -5.46 -0.92 25.60
CA ALA A 109 -5.09 0.00 26.69
C ALA A 109 -5.77 -0.43 27.99
N ASP A 110 -5.14 -0.40 29.11
CA ASP A 110 -5.55 -0.87 30.44
C ASP A 110 -7.05 -0.66 30.63
N ALA A 111 -7.65 -1.59 31.50
CA ALA A 111 -9.05 -1.50 31.85
C ALA A 111 -9.41 -2.33 33.08
N ALA A 112 -9.69 -1.67 34.22
CA ALA A 112 -10.03 -2.36 35.46
C ALA A 112 -11.35 -3.09 35.36
N PRO A 113 -11.45 -4.21 36.07
CA PRO A 113 -12.65 -5.06 36.09
C PRO A 113 -13.89 -4.46 36.71
N THR A 114 -14.99 -5.16 36.60
CA THR A 114 -16.24 -4.69 37.18
C THR A 114 -16.81 -5.85 37.96
N VAL A 115 -16.33 -5.95 39.20
CA VAL A 115 -16.68 -7.00 40.15
C VAL A 115 -18.14 -6.86 40.60
N SER A 116 -18.84 -7.98 40.65
CA SER A 116 -20.22 -8.04 41.08
C SER A 116 -20.43 -9.39 41.78
N ILE A 117 -20.56 -9.33 43.11
CA ILE A 117 -20.73 -10.50 43.97
C ILE A 117 -22.18 -11.01 44.12
N PHE A 118 -22.35 -12.30 44.02
CA PHE A 118 -23.67 -12.93 44.09
C PHE A 118 -23.73 -14.02 45.15
N PRO A 119 -24.60 -13.84 46.14
CA PRO A 119 -24.75 -14.83 47.20
C PRO A 119 -25.46 -16.04 46.58
N PRO A 120 -25.49 -17.17 47.31
CA PRO A 120 -26.10 -18.44 46.90
C PRO A 120 -27.56 -18.32 46.53
N SER A 121 -27.99 -19.08 45.54
CA SER A 121 -29.38 -19.08 45.09
C SER A 121 -30.15 -19.92 46.07
N SER A 122 -31.41 -19.56 46.28
CA SER A 122 -32.21 -20.29 47.22
C SER A 122 -32.48 -21.71 46.75
N GLU A 123 -32.42 -21.94 45.44
CA GLU A 123 -32.67 -23.28 44.92
C GLU A 123 -31.45 -24.17 45.24
N GLN A 124 -30.26 -23.61 45.08
CA GLN A 124 -29.05 -24.37 45.37
C GLN A 124 -28.98 -24.71 46.87
N LEU A 125 -29.24 -23.70 47.72
CA LEU A 125 -29.21 -23.90 49.15
C LEU A 125 -30.01 -25.14 49.54
N THR A 126 -31.21 -25.29 49.02
CA THR A 126 -31.97 -26.46 49.39
C THR A 126 -31.37 -27.73 48.78
N SER A 127 -30.44 -27.56 47.86
CA SER A 127 -29.79 -28.73 47.26
C SER A 127 -28.75 -29.18 48.27
N GLY A 128 -28.41 -28.28 49.18
CA GLY A 128 -27.41 -28.58 50.17
C GLY A 128 -26.20 -27.71 49.96
N GLY A 129 -25.88 -27.40 48.71
CA GLY A 129 -24.70 -26.60 48.46
C GLY A 129 -24.89 -25.12 48.51
N ALA A 130 -23.78 -24.40 48.45
CA ALA A 130 -23.84 -22.97 48.46
C ALA A 130 -22.65 -22.43 47.68
N SER A 131 -22.92 -21.75 46.57
CA SER A 131 -21.86 -21.17 45.76
C SER A 131 -21.95 -19.64 45.71
N VAL A 132 -20.84 -18.98 45.96
CA VAL A 132 -20.81 -17.53 45.91
C VAL A 132 -20.04 -17.18 44.63
N VAL A 133 -20.77 -17.06 43.52
CA VAL A 133 -20.16 -16.68 42.23
C VAL A 133 -19.75 -15.20 42.27
N CYS A 134 -18.66 -14.85 41.62
CA CYS A 134 -18.23 -13.48 41.64
C CYS A 134 -17.54 -13.14 40.33
N PHE A 135 -18.32 -12.53 39.42
CA PHE A 135 -17.88 -12.13 38.10
C PHE A 135 -17.00 -10.89 38.08
N LEU A 136 -15.92 -10.88 37.30
CA LEU A 136 -15.08 -9.68 37.21
C LEU A 136 -15.02 -9.42 35.72
N ASN A 137 -15.77 -8.41 35.28
CA ASN A 137 -15.88 -8.13 33.85
C ASN A 137 -15.10 -7.03 33.16
N ASN A 138 -14.88 -7.26 31.87
CA ASN A 138 -14.23 -6.35 30.94
C ASN A 138 -12.90 -5.70 31.30
N PHE A 139 -11.94 -6.50 31.78
CA PHE A 139 -10.63 -5.96 32.12
C PHE A 139 -9.49 -6.26 31.10
N TYR A 140 -8.33 -5.67 31.36
CA TYR A 140 -7.17 -5.86 30.51
C TYR A 140 -6.02 -5.19 31.23
N PRO A 141 -4.86 -5.88 31.36
CA PRO A 141 -4.50 -7.23 30.92
C PRO A 141 -5.24 -8.37 31.60
N LYS A 142 -5.01 -9.58 31.13
CA LYS A 142 -5.65 -10.78 31.65
C LYS A 142 -5.23 -11.02 33.11
N ASP A 143 -3.97 -10.70 33.39
CA ASP A 143 -3.43 -10.88 34.71
C ASP A 143 -4.34 -10.25 35.76
N ILE A 144 -5.03 -11.09 36.52
CA ILE A 144 -5.88 -10.59 37.57
C ILE A 144 -5.85 -11.58 38.73
N ASN A 145 -5.64 -11.07 39.94
CA ASN A 145 -5.64 -11.90 41.15
C ASN A 145 -6.97 -11.80 41.95
N VAL A 146 -7.53 -12.93 42.33
CA VAL A 146 -8.76 -12.92 43.10
C VAL A 146 -8.56 -13.67 44.40
N LYS A 147 -8.92 -13.04 45.52
CA LYS A 147 -8.82 -13.66 46.86
C LYS A 147 -10.21 -13.77 47.44
N TRP A 148 -10.54 -14.93 47.99
CA TRP A 148 -11.87 -15.06 48.57
C TRP A 148 -11.72 -14.94 50.08
N LYS A 149 -12.71 -14.36 50.76
CA LYS A 149 -12.56 -14.19 52.18
C LYS A 149 -13.83 -14.39 52.96
N ILE A 150 -14.01 -15.62 53.47
CA ILE A 150 -15.19 -15.93 54.28
C ILE A 150 -14.87 -15.37 55.65
N ASP A 151 -15.69 -14.39 56.07
CA ASP A 151 -15.52 -13.66 57.33
C ASP A 151 -14.11 -13.12 57.32
N GLY A 152 -13.55 -12.83 58.46
CA GLY A 152 -12.22 -12.27 58.43
C GLY A 152 -11.17 -12.97 57.56
N SER A 153 -11.16 -14.29 57.60
CA SER A 153 -10.16 -15.09 56.89
C SER A 153 -10.23 -15.25 55.36
N GLU A 154 -9.04 -15.46 54.77
CA GLU A 154 -8.87 -15.69 53.33
C GLU A 154 -8.99 -17.18 53.19
N ARG A 155 -9.75 -17.65 52.22
CA ARG A 155 -9.90 -19.08 52.03
C ARG A 155 -9.52 -19.49 50.60
N GLN A 156 -9.09 -20.73 50.46
CA GLN A 156 -8.69 -21.26 49.16
C GLN A 156 -9.49 -22.50 48.75
N ASN A 157 -9.46 -23.53 49.57
CA ASN A 157 -10.19 -24.76 49.24
C ASN A 157 -11.65 -24.48 48.86
N GLY A 158 -11.94 -24.51 47.57
CA GLY A 158 -13.31 -24.25 47.11
C GLY A 158 -13.47 -23.32 45.92
N VAL A 159 -12.39 -22.64 45.53
CA VAL A 159 -12.43 -21.71 44.40
C VAL A 159 -12.35 -22.40 43.02
N LEU A 160 -13.24 -22.00 42.11
CA LEU A 160 -13.32 -22.56 40.75
C LEU A 160 -13.28 -21.43 39.68
N ASN A 161 -12.08 -20.98 39.32
CA ASN A 161 -11.88 -19.91 38.32
C ASN A 161 -11.97 -20.32 36.85
N SER A 162 -12.33 -19.37 35.99
CA SER A 162 -12.48 -19.62 34.56
C SER A 162 -12.47 -18.30 33.79
N TRP A 163 -11.35 -18.00 33.13
CA TRP A 163 -11.23 -16.77 32.34
C TRP A 163 -11.86 -16.95 30.96
N THR A 164 -12.06 -15.83 30.29
CA THR A 164 -12.64 -15.77 28.97
C THR A 164 -11.49 -15.46 28.04
N ASP A 165 -11.71 -15.66 26.75
CA ASP A 165 -10.71 -15.36 25.73
C ASP A 165 -10.83 -13.88 25.47
N GLN A 166 -9.84 -13.28 24.84
CA GLN A 166 -9.93 -11.85 24.54
C GLN A 166 -11.20 -11.62 23.74
N ASP A 167 -12.05 -10.73 24.25
CA ASP A 167 -13.32 -10.43 23.59
C ASP A 167 -13.19 -9.86 22.18
N SER A 168 -14.11 -10.27 21.34
CA SER A 168 -14.14 -9.83 19.96
C SER A 168 -14.28 -8.30 19.80
N LYS A 169 -15.17 -7.67 20.56
CA LYS A 169 -15.38 -6.24 20.43
C LYS A 169 -14.43 -5.35 21.20
N ASP A 170 -14.47 -5.44 22.53
CA ASP A 170 -13.66 -4.57 23.39
C ASP A 170 -12.30 -5.07 23.75
N SER A 171 -11.95 -6.25 23.26
CA SER A 171 -10.65 -6.85 23.52
C SER A 171 -10.29 -6.98 25.00
N THR A 172 -11.30 -7.15 25.84
CA THR A 172 -11.07 -7.28 27.28
C THR A 172 -11.43 -8.67 27.77
N TYR A 173 -10.74 -9.11 28.80
CA TYR A 173 -11.00 -10.43 29.36
C TYR A 173 -12.15 -10.31 30.38
N SER A 174 -12.64 -11.45 30.88
CA SER A 174 -13.71 -11.51 31.88
C SER A 174 -13.50 -12.77 32.69
N MET A 175 -13.76 -12.73 34.00
CA MET A 175 -13.55 -13.89 34.86
C MET A 175 -14.74 -14.33 35.72
N SER A 176 -14.63 -15.53 36.30
CA SER A 176 -15.68 -16.06 37.15
C SER A 176 -15.14 -16.90 38.30
N SER A 177 -15.12 -16.30 39.48
CA SER A 177 -14.65 -16.98 40.68
C SER A 177 -15.86 -17.64 41.29
N THR A 178 -15.77 -18.92 41.59
CA THR A 178 -16.91 -19.60 42.20
C THR A 178 -16.50 -20.45 43.39
N LEU A 179 -16.70 -19.90 44.59
CA LEU A 179 -16.40 -20.57 45.84
C LEU A 179 -17.62 -21.40 46.19
N THR A 180 -17.43 -22.68 46.44
CA THR A 180 -18.54 -23.57 46.80
C THR A 180 -18.37 -24.05 48.24
N LEU A 181 -19.48 -24.20 48.96
CA LEU A 181 -19.42 -24.63 50.35
C LEU A 181 -20.69 -25.37 50.57
N THR A 182 -20.70 -26.18 51.63
CA THR A 182 -21.89 -26.92 52.00
C THR A 182 -22.78 -25.82 52.59
N LYS A 183 -24.10 -25.96 52.46
CA LYS A 183 -25.02 -24.98 53.00
C LYS A 183 -24.50 -24.74 54.40
N ASP A 184 -24.37 -25.85 55.13
CA ASP A 184 -23.87 -25.91 56.49
C ASP A 184 -22.83 -24.85 56.84
N GLU A 185 -21.64 -25.03 56.26
CA GLU A 185 -20.52 -24.12 56.50
C GLU A 185 -20.83 -22.73 56.00
N TYR A 186 -21.53 -22.61 54.89
CA TYR A 186 -21.86 -21.30 54.40
C TYR A 186 -22.68 -20.58 55.46
N GLU A 187 -23.76 -21.22 55.94
CA GLU A 187 -24.62 -20.60 56.95
C GLU A 187 -24.03 -20.64 58.37
N ARG A 188 -22.73 -20.84 58.46
CA ARG A 188 -22.05 -20.84 59.75
C ARG A 188 -20.94 -19.78 59.72
N HIS A 189 -21.14 -18.81 58.84
CA HIS A 189 -20.22 -17.68 58.67
C HIS A 189 -21.12 -16.51 58.25
N ASN A 190 -20.59 -15.29 58.26
CA ASN A 190 -21.48 -14.18 57.89
C ASN A 190 -21.15 -13.32 56.68
N SER A 191 -19.90 -12.89 56.62
CA SER A 191 -19.47 -12.08 55.52
C SER A 191 -18.73 -12.93 54.49
N TYR A 192 -18.73 -12.43 53.26
CA TYR A 192 -18.04 -13.08 52.18
C TYR A 192 -17.52 -11.95 51.31
N THR A 193 -16.21 -11.93 51.14
CA THR A 193 -15.55 -10.95 50.30
C THR A 193 -14.88 -11.56 49.05
N CYS A 194 -15.10 -10.94 47.91
CA CYS A 194 -14.49 -11.41 46.70
C CYS A 194 -13.55 -10.25 46.41
N GLU A 195 -12.33 -10.28 46.92
CA GLU A 195 -11.44 -9.17 46.59
C GLU A 195 -10.38 -9.45 45.51
N ALA A 196 -10.45 -8.67 44.43
CA ALA A 196 -9.56 -8.78 43.27
C ALA A 196 -8.49 -7.71 43.17
N THR A 197 -7.31 -8.12 42.80
CA THR A 197 -6.22 -7.18 42.63
C THR A 197 -5.88 -7.13 41.15
N HIS A 198 -5.89 -5.93 40.57
CA HIS A 198 -5.56 -5.79 39.15
C HIS A 198 -4.64 -4.62 38.86
N LYS A 199 -3.72 -4.81 37.92
CA LYS A 199 -2.74 -3.81 37.52
C LYS A 199 -3.29 -2.39 37.28
N THR A 200 -4.59 -2.27 36.99
CA THR A 200 -5.19 -0.96 36.75
C THR A 200 -5.04 -0.05 37.94
N SER A 201 -5.36 -0.54 39.13
CA SER A 201 -5.26 0.24 40.36
C SER A 201 -4.32 -0.43 41.32
N THR A 202 -4.24 0.09 42.54
CA THR A 202 -3.37 -0.48 43.54
C THR A 202 -4.15 -0.98 44.74
N SER A 203 -5.32 -0.41 44.96
CA SER A 203 -6.15 -0.81 46.08
C SER A 203 -7.16 -1.88 45.67
N PRO A 204 -7.12 -3.04 46.33
CA PRO A 204 -7.98 -4.20 46.08
C PRO A 204 -9.42 -3.85 45.86
N ILE A 205 -9.89 -4.03 44.64
CA ILE A 205 -11.28 -3.77 44.27
C ILE A 205 -12.14 -4.80 45.01
N VAL A 206 -12.63 -4.40 46.17
CA VAL A 206 -13.43 -5.28 47.01
C VAL A 206 -14.91 -5.26 46.74
N LYS A 207 -15.53 -6.41 46.88
CA LYS A 207 -16.98 -6.52 46.71
C LYS A 207 -17.35 -7.59 47.73
N SER A 208 -18.23 -7.25 48.66
CA SER A 208 -18.60 -8.25 49.66
C SER A 208 -20.02 -8.09 50.14
N PHE A 209 -20.78 -9.17 50.11
CA PHE A 209 -22.12 -9.07 50.62
C PHE A 209 -21.97 -9.59 52.02
N ASN A 210 -23.07 -10.05 52.58
CA ASN A 210 -23.08 -10.56 53.93
C ASN A 210 -24.47 -11.14 54.09
N ARG A 211 -24.62 -12.21 54.87
CA ARG A 211 -25.95 -12.77 55.01
C ARG A 211 -26.77 -12.03 56.08
N ASN A 212 -27.48 -12.77 56.92
CA ASN A 212 -28.33 -12.16 57.96
C ASN A 212 -29.68 -11.70 57.40
N GLU A 213 -30.60 -11.38 58.32
CA GLU A 213 -31.98 -10.93 58.00
C GLU A 213 -32.11 -10.25 56.64
N CYS A 214 -32.71 -10.98 55.69
CA CYS A 214 -32.93 -10.54 54.31
C CYS A 214 -31.68 -10.75 53.45
N ASP B 1 -19.82 -24.66 -2.92
CA ASP B 1 -18.42 -24.58 -2.43
C ASP B 1 -18.18 -25.79 -1.57
N VAL B 2 -16.93 -26.25 -1.58
CA VAL B 2 -16.44 -27.40 -0.81
C VAL B 2 -16.98 -27.32 0.65
N LYS B 3 -17.25 -28.48 1.24
CA LYS B 3 -17.76 -28.53 2.59
C LYS B 3 -17.72 -29.95 3.15
N LEU B 4 -16.90 -30.13 4.18
CA LEU B 4 -16.74 -31.40 4.89
C LEU B 4 -17.56 -31.28 6.18
N VAL B 5 -18.19 -32.36 6.63
CA VAL B 5 -19.01 -32.30 7.83
C VAL B 5 -18.82 -33.51 8.72
N GLU B 6 -17.95 -33.39 9.70
CA GLU B 6 -17.66 -34.51 10.61
C GLU B 6 -18.87 -34.84 11.45
N SER B 7 -18.94 -36.05 11.99
CA SER B 7 -20.09 -36.43 12.76
C SER B 7 -20.08 -37.84 13.29
N GLY B 8 -19.79 -37.98 14.57
CA GLY B 8 -19.80 -39.30 15.17
C GLY B 8 -19.31 -39.15 16.58
N GLY B 9 -19.19 -37.89 17.01
CA GLY B 9 -18.73 -37.62 18.35
C GLY B 9 -19.69 -38.09 19.42
N GLY B 10 -19.14 -38.30 20.60
CA GLY B 10 -19.91 -38.76 21.73
C GLY B 10 -19.04 -39.09 22.92
N LEU B 11 -19.71 -39.51 23.97
CA LEU B 11 -19.04 -39.89 25.20
C LEU B 11 -18.77 -41.36 24.99
N VAL B 12 -17.53 -41.77 25.21
CA VAL B 12 -17.20 -43.16 25.05
C VAL B 12 -16.33 -43.63 26.21
N GLN B 13 -16.77 -44.72 26.83
CA GLN B 13 -16.08 -45.30 27.97
C GLN B 13 -14.76 -45.81 27.48
N PRO B 14 -13.70 -45.65 28.28
CA PRO B 14 -12.39 -46.13 27.84
C PRO B 14 -12.52 -47.56 27.38
N GLY B 15 -11.64 -48.00 26.50
CA GLY B 15 -11.74 -49.35 26.00
C GLY B 15 -12.80 -49.46 24.92
N GLY B 16 -13.84 -48.62 24.95
CA GLY B 16 -14.89 -48.69 23.95
C GLY B 16 -14.42 -48.23 22.57
N SER B 17 -15.37 -48.24 21.63
CA SER B 17 -15.09 -47.83 20.26
C SER B 17 -16.16 -46.93 19.63
N ARG B 18 -15.75 -46.03 18.74
CA ARG B 18 -16.65 -45.09 18.07
C ARG B 18 -16.20 -44.98 16.62
N LYS B 19 -17.15 -44.78 15.71
CA LYS B 19 -16.87 -44.67 14.28
C LYS B 19 -17.41 -43.38 13.68
N LEU B 20 -16.51 -42.42 13.46
CA LEU B 20 -16.90 -41.14 12.92
C LEU B 20 -17.08 -41.13 11.39
N SER B 21 -17.87 -40.16 10.92
CA SER B 21 -18.14 -39.96 9.51
C SER B 21 -17.72 -38.55 9.15
N CYS B 22 -17.30 -38.35 7.92
CA CYS B 22 -16.92 -37.02 7.47
C CYS B 22 -17.45 -36.95 6.05
N ALA B 23 -18.58 -36.27 5.91
CA ALA B 23 -19.21 -36.11 4.62
C ALA B 23 -18.62 -34.93 3.89
N ALA B 24 -18.39 -35.12 2.59
CA ALA B 24 -17.77 -34.11 1.77
C ALA B 24 -18.63 -33.70 0.60
N SER B 25 -18.56 -32.43 0.23
CA SER B 25 -19.31 -31.96 -0.92
C SER B 25 -18.64 -30.76 -1.58
N GLY B 26 -18.83 -30.62 -2.88
CA GLY B 26 -18.25 -29.51 -3.61
C GLY B 26 -16.91 -29.81 -4.22
N PHE B 27 -16.56 -31.10 -4.32
CA PHE B 27 -15.29 -31.49 -4.92
C PHE B 27 -15.30 -32.94 -5.26
N THR B 28 -14.47 -33.34 -6.23
CA THR B 28 -14.42 -34.73 -6.66
C THR B 28 -13.69 -35.46 -5.57
N PHE B 29 -14.44 -35.93 -4.58
CA PHE B 29 -13.91 -36.66 -3.44
C PHE B 29 -12.86 -37.68 -3.93
N SER B 30 -13.32 -38.49 -4.87
CA SER B 30 -12.56 -39.55 -5.48
C SER B 30 -11.19 -39.16 -6.04
N SER B 31 -10.80 -37.89 -5.94
CA SER B 31 -9.51 -37.47 -6.46
C SER B 31 -8.52 -37.11 -5.41
N PHE B 32 -9.01 -36.83 -4.20
CA PHE B 32 -8.05 -36.46 -3.14
C PHE B 32 -7.92 -37.43 -2.00
N GLY B 33 -6.75 -37.36 -1.38
CA GLY B 33 -6.47 -38.17 -0.22
C GLY B 33 -6.89 -37.37 1.01
N MET B 34 -7.66 -38.01 1.89
CA MET B 34 -8.13 -37.34 3.08
C MET B 34 -7.21 -37.44 4.30
N HIS B 35 -7.56 -36.76 5.38
CA HIS B 35 -6.78 -36.81 6.59
C HIS B 35 -7.74 -36.63 7.71
N TRP B 36 -7.25 -36.95 8.89
CA TRP B 36 -7.99 -36.83 10.13
C TRP B 36 -6.98 -36.13 11.03
N VAL B 37 -7.41 -35.04 11.67
CA VAL B 37 -6.53 -34.30 12.53
C VAL B 37 -7.34 -34.11 13.80
N ARG B 38 -6.70 -34.29 14.95
CA ARG B 38 -7.41 -34.15 16.24
C ARG B 38 -6.73 -33.06 16.99
N GLN B 39 -7.46 -32.51 17.96
CA GLN B 39 -6.97 -31.42 18.81
C GLN B 39 -7.58 -31.60 20.19
N ALA B 40 -6.70 -31.85 21.15
CA ALA B 40 -7.07 -32.06 22.54
C ALA B 40 -7.50 -30.78 23.24
N PRO B 41 -8.64 -30.81 23.98
CA PRO B 41 -9.26 -29.74 24.73
C PRO B 41 -8.58 -28.39 24.68
N GLU B 42 -7.31 -28.32 25.09
CA GLU B 42 -6.66 -27.04 25.02
C GLU B 42 -5.24 -27.20 24.61
N LYS B 43 -5.06 -27.91 23.51
CA LYS B 43 -3.75 -28.17 22.96
C LYS B 43 -3.79 -27.95 21.46
N GLY B 44 -2.72 -28.35 20.79
CA GLY B 44 -2.60 -28.16 19.37
C GLY B 44 -3.29 -29.19 18.50
N LEU B 45 -3.04 -29.07 17.19
CA LEU B 45 -3.63 -29.96 16.20
C LEU B 45 -2.63 -31.09 16.17
N GLU B 46 -3.09 -32.26 15.77
CA GLU B 46 -2.25 -33.45 15.74
C GLU B 46 -2.71 -34.34 14.59
N TRP B 47 -1.83 -34.67 13.66
CA TRP B 47 -2.21 -35.51 12.52
C TRP B 47 -2.46 -36.92 13.08
N VAL B 48 -3.42 -37.64 12.48
CA VAL B 48 -3.85 -38.98 12.93
C VAL B 48 -3.83 -40.09 11.88
N ALA B 49 -4.32 -39.81 10.68
CA ALA B 49 -4.34 -40.80 9.61
C ALA B 49 -4.43 -40.08 8.26
N TYR B 50 -4.16 -40.83 7.20
CA TYR B 50 -4.20 -40.30 5.85
C TYR B 50 -4.46 -41.45 4.90
N ILE B 51 -5.49 -41.35 4.07
CA ILE B 51 -5.80 -42.39 3.12
C ILE B 51 -5.77 -41.77 1.72
N SER B 52 -4.92 -42.32 0.85
CA SER B 52 -4.78 -41.90 -0.53
C SER B 52 -6.11 -42.08 -1.25
N SER B 53 -6.32 -41.35 -2.34
CA SER B 53 -7.60 -41.38 -3.09
C SER B 53 -8.13 -42.72 -3.44
N GLY B 54 -7.19 -43.60 -3.75
CA GLY B 54 -7.60 -44.95 -4.12
C GLY B 54 -7.81 -45.90 -2.98
N SER B 55 -7.33 -45.54 -1.80
CA SER B 55 -7.43 -46.39 -0.62
C SER B 55 -6.36 -47.43 -0.80
N SER B 56 -5.23 -46.98 -1.27
CA SER B 56 -4.14 -47.85 -1.55
C SER B 56 -2.87 -47.16 -1.15
N THR B 57 -2.84 -46.76 0.11
CA THR B 57 -1.72 -46.12 0.79
C THR B 57 -2.39 -45.48 1.95
N ILE B 58 -2.17 -46.03 3.13
CA ILE B 58 -2.74 -45.47 4.30
C ILE B 58 -1.58 -45.16 5.23
N TYR B 59 -1.67 -44.12 6.03
CA TYR B 59 -0.60 -43.76 6.97
C TYR B 59 -1.24 -43.57 8.32
N TYR B 60 -0.45 -43.65 9.39
CA TYR B 60 -1.02 -43.51 10.71
C TYR B 60 -0.11 -42.85 11.70
N ALA B 61 -0.69 -42.07 12.60
CA ALA B 61 0.04 -41.41 13.65
C ALA B 61 0.52 -42.49 14.64
N ASP B 62 1.74 -42.36 15.16
CA ASP B 62 2.27 -43.34 16.12
C ASP B 62 1.31 -43.54 17.26
N THR B 63 0.62 -42.48 17.63
CA THR B 63 -0.32 -42.51 18.72
C THR B 63 -1.52 -43.32 18.41
N VAL B 64 -1.83 -43.55 17.15
CA VAL B 64 -3.03 -44.33 16.85
C VAL B 64 -2.83 -45.61 16.11
N LYS B 65 -1.60 -45.88 15.69
CA LYS B 65 -1.26 -47.13 14.99
C LYS B 65 -1.97 -48.32 15.60
N GLY B 66 -2.66 -49.08 14.76
CA GLY B 66 -3.29 -50.27 15.28
C GLY B 66 -4.64 -50.18 15.88
N ARG B 67 -4.89 -49.16 16.68
CA ARG B 67 -6.20 -49.04 17.31
C ARG B 67 -7.23 -48.46 16.35
N PHE B 68 -6.81 -47.48 15.56
CA PHE B 68 -7.68 -46.83 14.56
C PHE B 68 -7.65 -47.43 13.13
N THR B 69 -8.74 -47.31 12.41
CA THR B 69 -8.84 -47.77 11.02
C THR B 69 -9.44 -46.64 10.18
N ILE B 70 -8.74 -46.18 9.15
CA ILE B 70 -9.26 -45.11 8.29
C ILE B 70 -9.86 -45.72 7.05
N SER B 71 -10.84 -45.07 6.45
CA SER B 71 -11.46 -45.66 5.26
C SER B 71 -12.41 -44.67 4.60
N ARG B 72 -12.80 -44.94 3.36
CA ARG B 72 -13.70 -44.07 2.62
C ARG B 72 -14.54 -44.89 1.71
N ASP B 73 -15.70 -44.37 1.37
CA ASP B 73 -16.62 -45.00 0.44
C ASP B 73 -16.82 -43.96 -0.66
N ASN B 74 -15.85 -43.87 -1.58
CA ASN B 74 -15.87 -42.90 -2.68
C ASN B 74 -17.20 -42.55 -3.34
N PRO B 75 -18.06 -43.55 -3.64
CA PRO B 75 -19.33 -43.23 -4.27
C PRO B 75 -20.28 -42.51 -3.31
N LYS B 76 -20.14 -42.70 -2.01
CA LYS B 76 -21.01 -41.97 -1.08
C LYS B 76 -20.34 -40.71 -0.50
N ASN B 77 -19.23 -40.28 -1.08
CA ASN B 77 -18.49 -39.11 -0.61
C ASN B 77 -18.29 -39.00 0.92
N THR B 78 -17.82 -40.08 1.51
CA THR B 78 -17.62 -40.15 2.95
C THR B 78 -16.31 -40.82 3.40
N LEU B 79 -15.64 -40.17 4.33
CA LEU B 79 -14.41 -40.67 4.91
C LEU B 79 -14.87 -41.19 6.24
N PHE B 80 -14.09 -42.07 6.85
CA PHE B 80 -14.44 -42.68 8.14
C PHE B 80 -13.19 -42.85 8.97
N LEU B 81 -13.37 -43.00 10.27
CA LEU B 81 -12.26 -43.29 11.19
C LEU B 81 -12.93 -44.18 12.19
N GLN B 82 -12.54 -45.45 12.23
CA GLN B 82 -13.13 -46.37 13.19
C GLN B 82 -12.09 -46.44 14.30
N MET B 83 -12.56 -46.20 15.52
CA MET B 83 -11.67 -46.17 16.64
C MET B 83 -11.88 -47.37 17.53
N THR B 84 -10.79 -47.81 18.13
CA THR B 84 -10.76 -48.96 19.00
C THR B 84 -9.74 -48.76 20.13
N SER B 85 -10.15 -49.14 21.34
CA SER B 85 -9.30 -49.00 22.54
C SER B 85 -9.20 -47.50 22.90
N LEU B 86 -10.34 -46.83 22.82
CA LEU B 86 -10.38 -45.42 23.12
C LEU B 86 -9.86 -45.12 24.52
N ARG B 87 -8.65 -44.58 24.65
CA ARG B 87 -8.13 -44.20 25.96
C ARG B 87 -8.70 -42.82 26.37
N SER B 88 -8.16 -42.24 27.44
CA SER B 88 -8.61 -40.93 27.92
C SER B 88 -7.99 -39.89 26.99
N GLU B 89 -6.72 -40.13 26.65
CA GLU B 89 -5.97 -39.25 25.77
C GLU B 89 -6.68 -39.09 24.43
N ASP B 90 -7.45 -40.09 24.04
CA ASP B 90 -8.14 -40.02 22.77
C ASP B 90 -9.19 -38.94 22.73
N THR B 91 -9.45 -38.35 23.88
CA THR B 91 -10.43 -37.27 23.97
C THR B 91 -9.95 -36.03 23.21
N ALA B 92 -10.74 -35.61 22.23
CA ALA B 92 -10.40 -34.42 21.49
C ALA B 92 -11.43 -34.10 20.46
N MET B 93 -11.17 -33.04 19.70
CA MET B 93 -12.06 -32.64 18.62
C MET B 93 -11.48 -33.31 17.35
N TYR B 94 -12.28 -34.13 16.68
CA TYR B 94 -11.83 -34.83 15.48
C TYR B 94 -12.27 -34.17 14.17
N TYR B 95 -11.38 -33.40 13.56
CA TYR B 95 -11.67 -32.75 12.29
C TYR B 95 -11.18 -33.67 11.16
N CYS B 96 -11.78 -33.53 9.97
CA CYS B 96 -11.36 -34.28 8.77
C CYS B 96 -10.90 -33.18 7.82
N ALA B 97 -9.87 -33.44 7.03
CA ALA B 97 -9.34 -32.43 6.16
C ALA B 97 -8.89 -33.01 4.82
N ARG B 98 -9.23 -32.34 3.71
CA ARG B 98 -8.84 -32.80 2.38
C ARG B 98 -7.35 -32.52 2.24
N GLY B 99 -6.65 -33.43 1.56
CA GLY B 99 -5.22 -33.29 1.44
C GLY B 99 -4.72 -33.07 0.06
N ASP B 100 -3.55 -33.66 -0.21
CA ASP B 100 -2.81 -33.61 -1.47
C ASP B 100 -2.47 -32.20 -1.84
N TYR B 101 -1.79 -31.53 -0.93
CA TYR B 101 -1.42 -30.15 -1.10
C TYR B 101 -0.55 -30.04 -2.32
N TYR B 102 0.08 -31.15 -2.72
CA TYR B 102 0.97 -31.19 -3.89
C TYR B 102 0.19 -30.87 -5.18
N GLY B 103 0.09 -29.60 -5.53
CA GLY B 103 -0.65 -29.24 -6.73
C GLY B 103 -2.12 -28.91 -6.50
N SER B 104 -2.84 -29.74 -5.73
CA SER B 104 -4.29 -29.57 -5.47
C SER B 104 -4.91 -28.18 -5.57
N ARG B 105 -4.17 -27.14 -5.19
CA ARG B 105 -4.67 -25.76 -5.22
C ARG B 105 -5.47 -25.40 -3.96
N GLY B 106 -6.74 -25.82 -3.91
CA GLY B 106 -7.52 -25.52 -2.71
C GLY B 106 -7.08 -26.35 -1.49
N ALA B 107 -7.55 -25.96 -0.30
CA ALA B 107 -7.27 -26.66 0.98
C ALA B 107 -8.53 -26.50 1.84
N TYR B 108 -9.10 -27.58 2.34
CA TYR B 108 -10.33 -27.47 3.10
C TYR B 108 -10.42 -28.34 4.36
N TRP B 109 -10.65 -27.70 5.51
CA TRP B 109 -10.77 -28.40 6.79
C TRP B 109 -12.22 -28.51 7.18
N GLY B 110 -12.51 -29.36 8.15
CA GLY B 110 -13.90 -29.51 8.53
C GLY B 110 -14.14 -28.67 9.75
N GLN B 111 -15.28 -28.93 10.41
CA GLN B 111 -15.69 -28.23 11.63
C GLN B 111 -15.20 -28.92 12.89
N GLY B 112 -15.01 -30.22 12.79
CA GLY B 112 -14.55 -31.00 13.91
C GLY B 112 -15.76 -31.54 14.62
N THR B 113 -15.62 -32.71 15.22
CA THR B 113 -16.68 -33.33 15.98
C THR B 113 -15.98 -33.63 17.28
N LEU B 114 -16.77 -33.75 18.35
CA LEU B 114 -16.16 -33.99 19.64
C LEU B 114 -16.45 -35.37 20.18
N VAL B 115 -15.40 -36.03 20.65
CA VAL B 115 -15.49 -37.35 21.27
C VAL B 115 -14.72 -37.33 22.59
N THR B 116 -15.49 -37.52 23.65
CA THR B 116 -14.97 -37.52 25.01
C THR B 116 -14.96 -38.94 25.52
N VAL B 117 -13.77 -39.41 25.85
CA VAL B 117 -13.56 -40.75 26.37
C VAL B 117 -13.31 -40.71 27.86
N SER B 118 -14.40 -40.91 28.62
CA SER B 118 -14.33 -40.93 30.06
C SER B 118 -15.06 -42.13 30.56
N ALA B 119 -14.85 -42.40 31.83
CA ALA B 119 -15.50 -43.52 32.49
C ALA B 119 -16.74 -42.98 33.16
N ALA B 120 -16.68 -41.69 33.45
CA ALA B 120 -17.73 -40.96 34.13
C ALA B 120 -19.14 -41.49 34.02
N LYS B 121 -19.97 -40.90 33.15
CA LYS B 121 -21.39 -41.28 33.00
C LYS B 121 -21.99 -39.95 32.51
N THR B 122 -23.27 -39.93 32.18
CA THR B 122 -23.93 -38.70 31.83
C THR B 122 -24.43 -38.11 33.18
N THR B 123 -24.68 -36.80 33.20
CA THR B 123 -25.14 -36.14 34.42
C THR B 123 -25.80 -34.81 34.10
N ALA B 124 -27.13 -34.74 34.17
CA ALA B 124 -27.87 -33.48 33.85
C ALA B 124 -27.47 -32.36 34.84
N PRO B 125 -27.35 -31.10 34.36
CA PRO B 125 -26.97 -29.98 35.24
C PRO B 125 -28.09 -29.29 36.00
N SER B 126 -27.69 -28.56 37.03
CA SER B 126 -28.60 -27.76 37.84
C SER B 126 -28.37 -26.32 37.40
N VAL B 127 -29.46 -25.56 37.22
CA VAL B 127 -29.33 -24.18 36.77
C VAL B 127 -29.81 -23.19 37.82
N TYR B 128 -28.88 -22.49 38.43
CA TYR B 128 -29.20 -21.57 39.49
C TYR B 128 -29.10 -20.14 39.01
N PRO B 129 -30.21 -19.40 39.09
CA PRO B 129 -30.27 -17.99 38.67
C PRO B 129 -29.46 -17.12 39.58
N LEU B 130 -28.59 -16.30 39.03
CA LEU B 130 -27.81 -15.42 39.88
C LEU B 130 -28.41 -14.03 39.99
N ALA B 131 -29.49 -13.91 40.76
CA ALA B 131 -30.17 -12.63 41.00
C ALA B 131 -29.24 -11.66 41.74
N PRO B 132 -29.00 -10.48 41.18
CA PRO B 132 -28.13 -9.45 41.73
C PRO B 132 -27.97 -9.36 43.24
N VAL B 133 -28.90 -8.68 43.91
CA VAL B 133 -28.88 -8.44 45.35
C VAL B 133 -27.55 -7.86 45.84
N CYS B 134 -26.59 -7.74 44.93
CA CYS B 134 -25.27 -7.21 45.20
C CYS B 134 -24.47 -7.25 43.88
N GLY B 135 -25.18 -7.39 42.75
CA GLY B 135 -24.55 -7.40 41.44
C GLY B 135 -24.20 -6.01 40.92
N ASP B 136 -23.73 -5.15 41.85
CA ASP B 136 -23.33 -3.74 41.65
C ASP B 136 -23.03 -3.22 40.23
N THR B 137 -21.82 -3.51 39.75
CA THR B 137 -21.36 -3.13 38.42
C THR B 137 -21.36 -1.70 37.89
N THR B 138 -21.87 -0.74 38.67
CA THR B 138 -21.91 0.71 38.33
C THR B 138 -23.15 1.42 38.90
N GLY B 139 -24.22 0.66 39.13
CA GLY B 139 -25.43 1.27 39.67
C GLY B 139 -26.40 1.66 38.57
N SER B 140 -25.87 2.19 37.47
CA SER B 140 -26.66 2.58 36.30
C SER B 140 -26.78 1.34 35.40
N SER B 141 -26.03 0.32 35.80
CA SER B 141 -25.97 -0.96 35.13
C SER B 141 -26.31 -2.03 36.17
N VAL B 142 -27.04 -3.05 35.75
CA VAL B 142 -27.39 -4.14 36.65
C VAL B 142 -27.02 -5.48 36.03
N THR B 143 -26.02 -6.16 36.58
CA THR B 143 -25.63 -7.47 36.03
C THR B 143 -26.31 -8.67 36.66
N LEU B 144 -26.64 -9.63 35.84
CA LEU B 144 -27.25 -10.83 36.35
C LEU B 144 -26.38 -11.96 35.88
N GLY B 145 -26.57 -13.16 36.42
CA GLY B 145 -25.74 -14.27 35.99
C GLY B 145 -26.53 -15.54 36.06
N CYS B 146 -25.91 -16.65 35.66
CA CYS B 146 -26.60 -17.92 35.73
C CYS B 146 -25.56 -18.98 36.00
N LEU B 147 -25.90 -19.92 36.89
CA LEU B 147 -25.01 -21.02 37.26
C LEU B 147 -25.50 -22.37 36.74
N VAL B 148 -24.64 -23.05 35.98
CA VAL B 148 -24.96 -24.35 35.43
C VAL B 148 -23.86 -25.21 36.04
N LYS B 149 -24.17 -25.95 37.09
CA LYS B 149 -23.14 -26.80 37.69
C LYS B 149 -23.54 -28.24 37.81
N GLY B 150 -22.55 -29.11 37.74
CA GLY B 150 -22.78 -30.54 37.89
C GLY B 150 -23.27 -31.33 36.70
N TYR B 151 -22.81 -30.97 35.49
CA TYR B 151 -23.23 -31.70 34.29
C TYR B 151 -22.01 -32.38 33.74
N PHE B 152 -22.27 -33.29 32.79
CA PHE B 152 -21.26 -34.08 32.06
C PHE B 152 -21.95 -35.00 31.10
N PRO B 153 -21.43 -35.10 29.87
CA PRO B 153 -20.25 -34.35 29.42
C PRO B 153 -20.56 -33.02 28.72
N GLU B 154 -19.58 -32.49 28.00
CA GLU B 154 -19.76 -31.24 27.24
C GLU B 154 -20.46 -31.58 25.92
N PRO B 155 -21.09 -30.60 25.26
CA PRO B 155 -21.21 -29.19 25.63
C PRO B 155 -22.65 -28.98 26.08
N VAL B 156 -22.94 -27.75 26.46
CA VAL B 156 -24.26 -27.36 26.92
C VAL B 156 -24.53 -26.07 26.20
N THR B 157 -25.78 -25.72 26.01
CA THR B 157 -26.09 -24.47 25.35
C THR B 157 -26.81 -23.53 26.30
N LEU B 158 -26.17 -22.40 26.60
CA LEU B 158 -26.75 -21.40 27.50
C LEU B 158 -27.15 -20.24 26.60
N THR B 159 -28.27 -19.60 26.93
CA THR B 159 -28.79 -18.45 26.15
C THR B 159 -29.58 -17.48 27.00
N TRP B 160 -29.48 -16.20 26.69
CA TRP B 160 -30.20 -15.18 27.43
C TRP B 160 -31.44 -14.77 26.64
N ASN B 161 -32.59 -15.18 27.13
CA ASN B 161 -33.88 -14.91 26.49
C ASN B 161 -33.98 -15.63 25.16
N SER B 162 -33.96 -16.96 25.22
CA SER B 162 -34.07 -17.84 24.04
C SER B 162 -33.29 -17.35 22.83
N GLY B 163 -32.29 -16.52 23.07
CA GLY B 163 -31.50 -15.97 21.99
C GLY B 163 -31.60 -14.45 22.03
N SER B 164 -32.85 -13.97 22.00
CA SER B 164 -33.16 -12.53 22.02
C SER B 164 -32.07 -11.65 22.62
N LEU B 165 -31.85 -11.79 23.92
CA LEU B 165 -30.82 -11.00 24.58
C LEU B 165 -29.51 -11.68 24.21
N SER B 166 -28.69 -10.98 23.45
CA SER B 166 -27.44 -11.55 23.03
C SER B 166 -26.35 -10.51 23.06
N SER B 167 -26.58 -9.45 23.82
CA SER B 167 -25.59 -8.41 23.91
C SER B 167 -25.37 -8.01 25.36
N GLY B 168 -24.10 -8.05 25.77
CA GLY B 168 -23.73 -7.73 27.13
C GLY B 168 -23.55 -9.02 27.92
N VAL B 169 -23.68 -10.15 27.25
CA VAL B 169 -23.53 -11.44 27.92
C VAL B 169 -22.08 -11.94 27.82
N HIS B 170 -21.59 -12.55 28.90
CA HIS B 170 -20.25 -13.10 28.95
C HIS B 170 -20.39 -14.51 29.47
N THR B 171 -20.36 -15.49 28.58
CA THR B 171 -20.46 -16.86 29.07
C THR B 171 -19.04 -17.35 29.26
N PHE B 172 -18.71 -17.79 30.47
CA PHE B 172 -17.39 -18.28 30.80
C PHE B 172 -17.26 -19.74 30.44
N PRO B 173 -16.05 -20.17 30.09
CA PRO B 173 -15.80 -21.54 29.71
C PRO B 173 -16.04 -22.51 30.86
N ALA B 174 -16.35 -23.76 30.51
CA ALA B 174 -16.63 -24.81 31.51
C ALA B 174 -15.39 -25.30 32.20
N VAL B 175 -15.57 -25.79 33.42
CA VAL B 175 -14.44 -26.30 34.15
C VAL B 175 -14.84 -27.64 34.74
N LEU B 176 -13.88 -28.56 34.69
CA LEU B 176 -14.04 -29.91 35.20
C LEU B 176 -13.45 -29.91 36.59
N GLN B 177 -14.29 -30.28 37.53
CA GLN B 177 -13.95 -30.35 38.95
C GLN B 177 -14.39 -31.78 39.29
N SER B 178 -13.49 -32.58 39.85
CA SER B 178 -13.81 -33.98 40.16
C SER B 178 -14.19 -34.58 38.82
N ASP B 179 -15.43 -35.04 38.66
CA ASP B 179 -15.81 -35.60 37.38
C ASP B 179 -17.10 -34.96 36.87
N LEU B 180 -17.16 -33.63 37.03
CA LEU B 180 -18.30 -32.83 36.60
C LEU B 180 -17.87 -31.47 36.07
N TYR B 181 -18.78 -30.83 35.37
CA TYR B 181 -18.51 -29.52 34.81
C TYR B 181 -19.40 -28.41 35.43
N THR B 182 -18.87 -27.20 35.42
CA THR B 182 -19.65 -26.09 35.92
C THR B 182 -19.32 -24.96 34.98
N LEU B 183 -20.35 -24.19 34.63
CA LEU B 183 -20.21 -23.04 33.74
C LEU B 183 -21.20 -21.96 34.13
N SER B 184 -20.82 -20.74 33.93
CA SER B 184 -21.70 -19.69 34.27
C SER B 184 -21.62 -18.62 33.20
N SER B 185 -22.69 -17.83 33.08
CA SER B 185 -22.73 -16.74 32.13
C SER B 185 -23.24 -15.47 32.81
N SER B 186 -22.51 -14.37 32.68
CA SER B 186 -22.99 -13.12 33.23
C SER B 186 -23.67 -12.45 32.02
N VAL B 187 -24.33 -11.30 32.26
CA VAL B 187 -25.03 -10.54 31.23
C VAL B 187 -25.38 -9.24 31.85
N THR B 188 -25.27 -8.17 31.10
CA THR B 188 -25.57 -6.88 31.69
C THR B 188 -26.67 -6.20 30.93
N VAL B 189 -27.52 -5.48 31.65
CA VAL B 189 -28.61 -4.73 31.04
C VAL B 189 -28.65 -3.41 31.82
N THR B 190 -29.36 -2.43 31.30
CA THR B 190 -29.46 -1.16 32.01
C THR B 190 -30.43 -1.34 33.18
N SER B 191 -30.15 -0.62 34.27
CA SER B 191 -30.98 -0.64 35.48
C SER B 191 -32.44 -0.91 35.10
N SER B 192 -33.03 0.08 34.44
CA SER B 192 -34.42 0.05 33.97
C SER B 192 -34.93 -1.28 33.43
N THR B 193 -34.15 -1.90 32.55
CA THR B 193 -34.51 -3.17 31.94
C THR B 193 -34.96 -4.23 32.94
N TRP B 194 -34.19 -4.35 34.02
CA TRP B 194 -34.48 -5.34 35.04
C TRP B 194 -34.79 -4.62 36.35
N PRO B 195 -35.85 -5.05 37.05
CA PRO B 195 -36.72 -6.15 36.64
C PRO B 195 -38.00 -5.75 35.90
N SER B 196 -37.93 -4.68 35.11
CA SER B 196 -39.11 -4.23 34.35
C SER B 196 -39.42 -5.25 33.24
N GLN B 197 -38.34 -5.86 32.77
CA GLN B 197 -38.39 -6.86 31.71
C GLN B 197 -37.99 -8.19 32.36
N SER B 198 -38.11 -9.29 31.61
CA SER B 198 -37.73 -10.58 32.15
C SER B 198 -36.63 -11.24 31.34
N ILE B 199 -35.46 -11.35 31.99
CA ILE B 199 -34.28 -11.97 31.41
C ILE B 199 -34.31 -13.41 31.91
N THR B 200 -34.01 -14.36 31.04
CA THR B 200 -34.08 -15.76 31.42
C THR B 200 -32.93 -16.57 30.87
N CYS B 201 -32.45 -17.47 31.70
CA CYS B 201 -31.35 -18.36 31.38
C CYS B 201 -31.93 -19.66 30.82
N ASN B 202 -31.59 -19.96 29.59
CA ASN B 202 -32.12 -21.17 29.00
C ASN B 202 -30.93 -22.08 28.77
N VAL B 203 -30.85 -23.15 29.56
CA VAL B 203 -29.74 -24.08 29.41
C VAL B 203 -30.24 -25.40 28.88
N ALA B 204 -29.44 -26.02 28.02
CA ALA B 204 -29.80 -27.32 27.45
C ALA B 204 -28.58 -28.24 27.33
N HIS B 205 -28.54 -29.30 28.14
CA HIS B 205 -27.45 -30.25 28.09
C HIS B 205 -27.95 -31.26 27.09
N PRO B 206 -27.43 -31.19 25.87
CA PRO B 206 -27.79 -32.08 24.78
C PRO B 206 -27.66 -33.55 25.15
N ALA B 207 -26.42 -33.96 25.41
CA ALA B 207 -26.07 -35.33 25.75
C ALA B 207 -26.89 -36.03 26.85
N SER B 208 -27.80 -35.30 27.49
CA SER B 208 -28.60 -35.89 28.54
C SER B 208 -30.06 -35.54 28.42
N SER B 209 -30.43 -34.91 27.32
CA SER B 209 -31.82 -34.54 27.06
C SER B 209 -32.32 -33.62 28.16
N THR B 210 -31.54 -32.60 28.47
CA THR B 210 -31.91 -31.66 29.51
C THR B 210 -32.08 -30.26 28.93
N LYS B 211 -33.25 -29.67 29.12
CA LYS B 211 -33.47 -28.31 28.66
C LYS B 211 -34.19 -27.63 29.81
N VAL B 212 -33.71 -26.47 30.21
CA VAL B 212 -34.27 -25.72 31.34
C VAL B 212 -34.18 -24.24 31.10
N ASP B 213 -34.94 -23.51 31.92
CA ASP B 213 -34.95 -22.06 31.83
C ASP B 213 -35.07 -21.53 33.25
N LYS B 214 -34.43 -20.40 33.52
CA LYS B 214 -34.44 -19.81 34.85
C LYS B 214 -34.80 -18.32 34.84
N LYS B 215 -35.97 -17.99 35.37
CA LYS B 215 -36.43 -16.60 35.44
C LYS B 215 -35.58 -15.91 36.48
N ILE B 216 -34.63 -15.08 36.04
CA ILE B 216 -33.77 -14.41 37.00
C ILE B 216 -34.56 -13.35 37.78
N GLU B 217 -35.28 -13.81 38.81
CA GLU B 217 -36.10 -12.98 39.69
C GLU B 217 -35.31 -12.41 40.85
N PRO B 218 -35.55 -11.13 41.20
CA PRO B 218 -34.86 -10.44 42.30
C PRO B 218 -35.32 -10.99 43.67
N ARG B 219 -34.48 -10.78 44.68
CA ARG B 219 -34.70 -11.21 46.08
C ARG B 219 -33.32 -11.36 46.69
N GLY B 220 -32.61 -12.41 46.26
CA GLY B 220 -31.26 -12.68 46.75
C GLY B 220 -30.32 -12.72 45.57
N GLN C 1 22.79 45.64 -21.01
CA GLN C 1 24.12 45.04 -20.85
C GLN C 1 24.98 46.11 -20.22
N ILE C 2 25.95 45.66 -19.37
CA ILE C 2 26.96 46.51 -18.69
C ILE C 2 28.32 46.30 -19.42
N GLN C 3 28.63 47.17 -20.37
CA GLN C 3 29.87 47.03 -21.12
C GLN C 3 31.13 47.08 -20.27
N MET C 4 32.05 46.16 -20.55
CA MET C 4 33.33 46.11 -19.85
C MET C 4 34.40 46.42 -20.90
N THR C 5 34.84 47.66 -20.95
CA THR C 5 35.82 48.06 -21.94
C THR C 5 37.21 47.77 -21.43
N GLN C 6 37.78 46.67 -21.91
CA GLN C 6 39.13 46.23 -21.49
C GLN C 6 40.27 46.65 -22.40
N SER C 7 41.39 47.03 -21.81
CA SER C 7 42.53 47.45 -22.62
C SER C 7 43.87 47.46 -21.89
N PRO C 8 44.98 47.32 -22.65
CA PRO C 8 44.99 47.17 -24.09
C PRO C 8 44.44 45.85 -24.53
N SER C 9 44.38 45.69 -25.85
CA SER C 9 43.84 44.51 -26.50
C SER C 9 44.91 43.45 -26.76
N SER C 10 46.15 43.86 -26.52
CA SER C 10 47.34 43.04 -26.67
C SER C 10 48.52 43.93 -26.27
N LEU C 11 49.65 43.32 -25.93
CA LEU C 11 50.83 44.06 -25.57
C LEU C 11 51.96 43.09 -25.39
N SER C 12 53.18 43.53 -25.70
CA SER C 12 54.37 42.72 -25.54
C SER C 12 55.20 43.44 -24.50
N ALA C 13 55.95 42.68 -23.71
CA ALA C 13 56.80 43.28 -22.68
C ALA C 13 57.90 42.29 -22.35
N SER C 14 59.03 42.80 -21.90
CA SER C 14 60.16 41.96 -21.59
C SER C 14 59.91 41.39 -20.23
N LEU C 15 60.54 40.25 -19.94
CA LEU C 15 60.37 39.64 -18.63
C LEU C 15 60.81 40.64 -17.57
N GLY C 16 60.22 40.49 -16.38
CA GLY C 16 60.54 41.36 -15.26
C GLY C 16 59.90 42.73 -15.32
N GLU C 17 59.41 43.07 -16.51
CA GLU C 17 58.78 44.35 -16.74
C GLU C 17 57.41 44.26 -16.12
N ARG C 18 56.89 45.39 -15.69
CA ARG C 18 55.57 45.41 -15.10
C ARG C 18 54.52 45.71 -16.19
N VAL C 19 53.26 45.42 -15.87
CA VAL C 19 52.18 45.63 -16.82
C VAL C 19 50.91 45.94 -16.03
N SER C 20 49.99 46.70 -16.64
CA SER C 20 48.71 47.06 -16.02
C SER C 20 47.56 46.95 -17.04
N LEU C 21 46.86 45.81 -17.08
CA LEU C 21 45.73 45.73 -17.97
C LEU C 21 44.60 46.49 -17.26
N THR C 22 43.70 47.11 -18.02
CA THR C 22 42.58 47.84 -17.41
C THR C 22 41.16 47.51 -17.90
N CYS C 23 40.20 47.65 -17.02
CA CYS C 23 38.82 47.39 -17.39
C CYS C 23 37.91 48.43 -16.80
N ARG C 24 37.23 49.19 -17.67
CA ARG C 24 36.32 50.22 -17.23
C ARG C 24 34.90 49.70 -17.38
N ALA C 25 34.18 49.62 -16.28
CA ALA C 25 32.81 49.15 -16.36
C ALA C 25 31.92 50.35 -16.69
N SER C 26 30.80 50.11 -17.37
CA SER C 26 29.89 51.17 -17.77
C SER C 26 28.72 51.35 -16.81
N GLN C 27 28.84 50.82 -15.60
CA GLN C 27 27.80 50.94 -14.58
C GLN C 27 28.41 50.55 -13.25
N GLU C 28 27.72 50.79 -12.15
CA GLU C 28 28.28 50.38 -10.87
C GLU C 28 28.24 48.87 -10.76
N ILE C 29 29.38 48.31 -10.38
CA ILE C 29 29.48 46.89 -10.17
C ILE C 29 29.94 46.69 -8.70
N SER C 30 30.25 47.80 -8.05
CA SER C 30 30.64 47.79 -6.66
C SER C 30 31.71 46.77 -6.46
N GLY C 31 32.73 46.86 -7.29
CA GLY C 31 33.87 45.95 -7.20
C GLY C 31 33.70 44.45 -7.39
N TYR C 32 32.62 44.05 -8.06
CA TYR C 32 32.38 42.66 -8.33
C TYR C 32 33.18 42.28 -9.58
N LEU C 33 34.38 42.79 -9.64
CA LEU C 33 35.21 42.50 -10.77
C LEU C 33 35.96 41.23 -10.50
N SER C 34 36.28 40.54 -11.55
CA SER C 34 37.01 39.32 -11.42
C SER C 34 38.01 39.34 -12.59
N TRP C 35 39.16 38.71 -12.43
CA TRP C 35 40.13 38.63 -13.50
C TRP C 35 40.46 37.15 -13.75
N LEU C 36 40.15 36.70 -14.97
CA LEU C 36 40.43 35.34 -15.38
C LEU C 36 41.70 35.37 -16.23
N GLN C 37 42.33 34.21 -16.38
CA GLN C 37 43.57 34.10 -17.16
C GLN C 37 43.48 32.85 -17.99
N GLN C 38 43.34 33.02 -19.30
CA GLN C 38 43.26 31.86 -20.19
C GLN C 38 44.62 31.58 -20.78
N LYS C 39 45.14 30.41 -20.42
CA LYS C 39 46.42 29.87 -20.89
C LYS C 39 46.20 29.35 -22.34
N PRO C 40 47.29 29.18 -23.12
CA PRO C 40 47.18 28.69 -24.49
C PRO C 40 46.55 27.30 -24.62
N ASP C 41 46.76 26.42 -23.65
CA ASP C 41 46.17 25.09 -23.76
C ASP C 41 44.65 25.10 -23.59
N GLY C 42 44.06 26.29 -23.53
CA GLY C 42 42.62 26.38 -23.37
C GLY C 42 42.22 26.74 -21.96
N THR C 43 42.87 26.08 -20.99
CA THR C 43 42.71 26.25 -19.53
C THR C 43 42.40 27.65 -19.00
N ILE C 44 41.36 27.74 -18.18
CA ILE C 44 40.98 29.01 -17.58
C ILE C 44 41.14 28.94 -16.05
N LYS C 45 41.83 29.92 -15.46
CA LYS C 45 42.03 29.92 -14.03
C LYS C 45 41.75 31.32 -13.52
N ARG C 46 41.03 31.45 -12.41
CA ARG C 46 40.75 32.79 -11.88
C ARG C 46 41.93 33.20 -11.04
N LEU C 47 42.28 34.47 -11.15
CA LEU C 47 43.41 35.02 -10.42
C LEU C 47 42.95 35.92 -9.28
N ILE C 48 42.13 36.89 -9.63
CA ILE C 48 41.60 37.85 -8.68
C ILE C 48 40.07 37.85 -8.74
N TYR C 49 39.46 38.32 -7.66
CA TYR C 49 38.01 38.43 -7.59
C TYR C 49 37.72 39.39 -6.47
N ALA C 50 36.46 39.81 -6.37
CA ALA C 50 36.09 40.78 -5.36
C ALA C 50 36.94 42.05 -5.62
N ALA C 51 37.18 42.30 -6.91
CA ALA C 51 37.98 43.41 -7.41
C ALA C 51 39.44 43.54 -6.96
N SER C 52 39.89 42.73 -5.98
CA SER C 52 41.31 42.79 -5.56
C SER C 52 41.80 41.62 -4.69
N THR C 53 40.95 40.66 -4.41
CA THR C 53 41.38 39.55 -3.59
C THR C 53 42.09 38.45 -4.42
N LEU C 54 43.39 38.22 -4.17
CA LEU C 54 44.09 37.15 -4.89
C LEU C 54 43.48 35.86 -4.46
N ASP C 55 43.47 34.90 -5.37
CA ASP C 55 42.96 33.60 -5.06
C ASP C 55 44.14 32.78 -4.47
N SER C 56 43.76 31.67 -3.88
CA SER C 56 44.71 30.77 -3.28
C SER C 56 45.62 30.22 -4.40
N GLY C 57 46.92 30.52 -4.37
CA GLY C 57 47.81 30.00 -5.42
C GLY C 57 48.42 31.09 -6.27
N VAL C 58 47.58 32.05 -6.59
CA VAL C 58 48.03 33.16 -7.38
C VAL C 58 49.15 33.92 -6.65
N PRO C 59 50.32 34.02 -7.28
CA PRO C 59 51.54 34.69 -6.83
C PRO C 59 51.28 36.10 -6.35
N LYS C 60 51.91 36.49 -5.25
CA LYS C 60 51.72 37.84 -4.72
C LYS C 60 52.28 38.94 -5.62
N ARG C 61 52.58 38.63 -6.87
CA ARG C 61 53.04 39.70 -7.73
C ARG C 61 51.92 40.17 -8.68
N PHE C 62 50.73 39.63 -8.44
CA PHE C 62 49.52 40.02 -9.16
C PHE C 62 48.73 40.90 -8.17
N SER C 63 48.06 41.97 -8.61
CA SER C 63 47.28 42.82 -7.70
C SER C 63 46.13 43.61 -8.34
N GLY C 64 44.91 43.28 -7.98
CA GLY C 64 43.77 44.01 -8.52
C GLY C 64 43.59 45.30 -7.72
N SER C 65 43.03 46.34 -8.34
CA SER C 65 42.80 47.63 -7.68
C SER C 65 41.74 48.40 -8.46
N ARG C 66 40.99 49.28 -7.80
CA ARG C 66 39.95 50.02 -8.49
C ARG C 66 39.99 51.49 -8.11
N SER C 67 39.64 52.33 -9.06
CA SER C 67 39.56 53.75 -8.82
C SER C 67 38.47 54.24 -9.76
N GLY C 68 37.33 54.54 -9.16
CA GLY C 68 36.21 54.98 -9.96
C GLY C 68 35.65 53.73 -10.61
N SER C 69 35.40 53.82 -11.91
CA SER C 69 34.88 52.67 -12.65
C SER C 69 35.99 52.11 -13.53
N ASP C 70 37.21 52.28 -13.04
CA ASP C 70 38.38 51.78 -13.71
C ASP C 70 39.02 50.76 -12.78
N TYR C 71 39.04 49.50 -13.20
CA TYR C 71 39.67 48.47 -12.42
C TYR C 71 40.93 48.06 -13.14
N SER C 72 41.98 47.81 -12.38
CA SER C 72 43.27 47.42 -12.95
C SER C 72 43.98 46.23 -12.26
N LEU C 73 44.58 45.40 -13.10
CA LEU C 73 45.35 44.21 -12.70
C LEU C 73 46.79 44.57 -13.07
N THR C 74 47.67 44.57 -12.08
CA THR C 74 49.05 44.95 -12.33
C THR C 74 49.90 43.75 -12.12
N ILE C 75 50.66 43.35 -13.11
CA ILE C 75 51.53 42.26 -12.87
C ILE C 75 52.88 42.92 -12.80
N SER C 76 53.47 43.02 -11.61
CA SER C 76 54.80 43.62 -11.51
C SER C 76 55.81 42.48 -11.68
N SER C 77 56.89 42.76 -12.42
CA SER C 77 57.90 41.74 -12.70
C SER C 77 57.29 40.49 -13.35
N LEU C 78 57.24 40.53 -14.68
CA LEU C 78 56.71 39.48 -15.52
C LEU C 78 57.64 38.24 -15.56
N GLU C 79 57.04 37.09 -15.85
CA GLU C 79 57.72 35.78 -15.92
C GLU C 79 56.99 34.95 -16.98
N SER C 80 57.71 34.02 -17.58
CA SER C 80 57.20 33.12 -18.63
C SER C 80 55.75 32.62 -18.62
N GLU C 81 55.27 32.08 -17.51
CA GLU C 81 53.88 31.59 -17.45
C GLU C 81 52.90 32.65 -17.87
N ASP C 82 53.04 33.82 -17.24
CA ASP C 82 52.17 34.98 -17.44
C ASP C 82 51.72 35.13 -18.89
N PHE C 83 52.60 34.76 -19.81
CA PHE C 83 52.27 34.81 -21.21
C PHE C 83 50.96 34.04 -21.36
N ALA C 84 49.91 34.80 -21.60
CA ALA C 84 48.60 34.22 -21.80
C ALA C 84 47.63 35.32 -22.31
N ASP C 85 46.38 35.16 -21.94
CA ASP C 85 45.35 36.10 -22.34
C ASP C 85 44.58 36.39 -21.08
N TYR C 86 44.24 37.63 -20.83
CA TYR C 86 43.50 37.95 -19.64
C TYR C 86 42.12 38.51 -19.93
N TYR C 87 41.18 38.23 -19.06
CA TYR C 87 39.84 38.79 -19.24
C TYR C 87 39.29 39.31 -17.90
N CYS C 88 38.57 40.42 -17.93
CA CYS C 88 37.98 40.91 -16.70
C CYS C 88 36.54 40.45 -16.78
N LEU C 89 35.96 40.14 -15.63
CA LEU C 89 34.58 39.66 -15.56
C LEU C 89 33.87 40.49 -14.52
N GLN C 90 32.65 40.91 -14.81
CA GLN C 90 31.90 41.68 -13.85
C GLN C 90 30.71 40.77 -13.52
N TYR C 91 30.53 40.45 -12.24
CA TYR C 91 29.43 39.55 -11.84
C TYR C 91 28.46 40.22 -10.91
N ALA C 92 28.36 41.54 -11.02
CA ALA C 92 27.41 42.35 -10.24
C ALA C 92 25.95 42.24 -10.80
N SER C 93 25.75 42.49 -12.10
CA SER C 93 24.42 42.44 -12.71
C SER C 93 24.16 41.42 -13.87
N SER C 94 23.03 40.71 -13.73
CA SER C 94 22.54 39.64 -14.61
C SER C 94 23.20 39.28 -15.93
N PRO C 95 22.95 40.05 -17.01
CA PRO C 95 23.64 39.64 -18.24
C PRO C 95 25.15 39.82 -17.97
N TYR C 96 25.80 38.72 -17.59
CA TYR C 96 27.23 38.77 -17.22
C TYR C 96 28.13 39.12 -18.39
N THR C 97 28.85 40.23 -18.25
CA THR C 97 29.69 40.64 -19.34
C THR C 97 31.19 40.46 -19.05
N PHE C 98 31.96 40.06 -20.06
CA PHE C 98 33.39 39.86 -19.91
C PHE C 98 34.06 41.00 -20.56
N GLY C 99 35.35 41.18 -20.28
CA GLY C 99 36.13 42.23 -20.91
C GLY C 99 36.47 41.81 -22.32
N GLY C 100 37.28 42.62 -22.99
CA GLY C 100 37.61 42.30 -24.38
C GLY C 100 38.65 41.24 -24.50
N GLY C 101 39.81 41.53 -23.93
CA GLY C 101 40.90 40.59 -23.97
C GLY C 101 42.19 41.37 -24.10
N THR C 102 43.28 40.76 -23.64
CA THR C 102 44.58 41.37 -23.72
C THR C 102 45.43 40.18 -24.06
N LYS C 103 46.12 40.22 -25.21
CA LYS C 103 47.00 39.14 -25.61
C LYS C 103 48.35 39.69 -25.20
N LEU C 104 48.92 39.11 -24.15
CA LEU C 104 50.23 39.53 -23.62
C LEU C 104 51.32 38.69 -24.28
N GLU C 105 52.27 39.30 -25.00
CA GLU C 105 53.31 38.52 -25.66
C GLU C 105 54.73 38.87 -25.31
N ILE C 106 55.53 37.82 -25.22
CA ILE C 106 56.96 37.85 -24.87
C ILE C 106 57.90 38.75 -25.70
N LEU C 107 57.74 40.08 -25.66
CA LEU C 107 58.59 41.02 -26.42
C LEU C 107 60.06 40.60 -26.43
N ARG C 108 60.44 39.86 -27.48
CA ARG C 108 61.77 39.26 -27.69
C ARG C 108 62.76 39.92 -28.66
N ALA C 109 63.94 39.32 -28.79
CA ALA C 109 64.98 39.84 -29.68
C ALA C 109 64.68 39.47 -31.13
N ASP C 110 65.16 40.34 -32.06
CA ASP C 110 64.96 40.16 -33.51
C ASP C 110 65.53 38.81 -33.94
N ALA C 111 64.87 38.23 -34.96
CA ALA C 111 65.29 36.93 -35.51
C ALA C 111 64.71 36.61 -36.88
N ALA C 112 65.57 36.66 -37.90
CA ALA C 112 65.19 36.38 -39.29
C ALA C 112 64.74 34.93 -39.46
N PRO C 113 63.73 34.70 -40.30
CA PRO C 113 63.14 33.39 -40.58
C PRO C 113 64.07 32.47 -41.33
N THR C 114 63.65 31.21 -41.43
CA THR C 114 64.42 30.22 -42.16
C THR C 114 63.48 29.58 -43.20
N VAL C 115 63.47 30.21 -44.36
CA VAL C 115 62.64 29.83 -45.49
C VAL C 115 63.20 28.60 -46.19
N SER C 116 62.31 27.63 -46.42
CA SER C 116 62.61 26.37 -47.10
C SER C 116 61.44 26.05 -48.02
N ILE C 117 61.71 26.08 -49.31
CA ILE C 117 60.69 25.84 -50.33
C ILE C 117 60.52 24.36 -50.74
N PHE C 118 59.27 23.91 -50.80
CA PHE C 118 58.96 22.55 -51.18
C PHE C 118 58.06 22.47 -52.42
N PRO C 119 58.53 21.77 -53.48
CA PRO C 119 57.74 21.62 -54.70
C PRO C 119 56.63 20.61 -54.42
N PRO C 120 55.62 20.54 -55.29
CA PRO C 120 54.48 19.63 -55.13
C PRO C 120 54.86 18.17 -54.92
N SER C 121 54.04 17.45 -54.17
CA SER C 121 54.30 16.04 -53.92
C SER C 121 53.80 15.32 -55.17
N SER C 122 54.46 14.23 -55.54
CA SER C 122 54.06 13.44 -56.70
C SER C 122 52.70 12.78 -56.47
N GLU C 123 52.35 12.55 -55.21
CA GLU C 123 51.06 11.95 -54.88
C GLU C 123 49.96 12.95 -55.16
N GLN C 124 50.19 14.21 -54.77
CA GLN C 124 49.21 15.28 -54.99
C GLN C 124 49.06 15.56 -56.49
N LEU C 125 50.19 15.61 -57.21
CA LEU C 125 50.16 15.87 -58.65
C LEU C 125 49.17 14.99 -59.34
N THR C 126 49.25 13.69 -59.08
CA THR C 126 48.33 12.76 -59.71
C THR C 126 46.90 12.99 -59.25
N SER C 127 46.73 13.69 -58.13
CA SER C 127 45.40 13.99 -57.61
C SER C 127 44.81 15.12 -58.43
N GLY C 128 45.67 15.80 -59.17
CA GLY C 128 45.24 16.90 -59.98
C GLY C 128 45.81 18.19 -59.42
N GLY C 129 45.88 18.31 -58.09
CA GLY C 129 46.41 19.51 -57.48
C GLY C 129 47.92 19.63 -57.51
N ALA C 130 48.44 20.78 -57.08
CA ALA C 130 49.87 21.05 -57.02
C ALA C 130 50.03 22.22 -56.06
N SER C 131 50.61 21.95 -54.90
CA SER C 131 50.78 22.98 -53.90
C SER C 131 52.27 23.14 -53.63
N VAL C 132 52.75 24.36 -53.66
CA VAL C 132 54.15 24.64 -53.37
C VAL C 132 54.20 25.23 -51.94
N VAL C 133 54.30 24.38 -50.91
CA VAL C 133 54.35 24.84 -49.51
C VAL C 133 55.66 25.56 -49.28
N CYS C 134 55.64 26.57 -48.43
CA CYS C 134 56.84 27.33 -48.19
C CYS C 134 56.89 27.76 -46.74
N PHE C 135 57.61 27.00 -45.90
CA PHE C 135 57.74 27.32 -44.47
C PHE C 135 58.73 28.44 -44.16
N LEU C 136 58.41 29.26 -43.17
CA LEU C 136 59.29 30.36 -42.74
C LEU C 136 59.38 30.20 -41.24
N ASN C 137 60.48 29.62 -40.76
CA ASN C 137 60.63 29.31 -39.33
C ASN C 137 61.43 30.17 -38.38
N ASN C 138 61.00 30.11 -37.12
CA ASN C 138 61.59 30.77 -35.95
C ASN C 138 61.97 32.25 -35.99
N PHE C 139 61.09 33.09 -36.52
CA PHE C 139 61.39 34.53 -36.61
C PHE C 139 60.76 35.35 -35.49
N TYR C 140 61.11 36.63 -35.45
CA TYR C 140 60.57 37.56 -34.46
C TYR C 140 60.98 38.96 -34.92
N PRO C 141 60.04 39.92 -34.97
CA PRO C 141 58.62 39.90 -34.65
C PRO C 141 57.75 39.09 -35.63
N LYS C 142 56.45 39.03 -35.34
CA LYS C 142 55.54 38.27 -36.16
C LYS C 142 55.39 38.88 -37.54
N ASP C 143 55.43 40.21 -37.60
CA ASP C 143 55.29 40.90 -38.88
C ASP C 143 56.24 40.30 -39.90
N ILE C 144 55.66 39.67 -40.91
CA ILE C 144 56.47 39.10 -41.96
C ILE C 144 55.65 39.16 -43.23
N ASN C 145 56.26 39.59 -44.31
CA ASN C 145 55.56 39.65 -45.58
C ASN C 145 56.03 38.53 -46.48
N VAL C 146 55.09 37.90 -47.17
CA VAL C 146 55.46 36.82 -48.07
C VAL C 146 54.86 37.08 -49.41
N LYS C 147 55.69 36.99 -50.47
CA LYS C 147 55.26 37.18 -51.86
C LYS C 147 55.56 35.91 -52.63
N TRP C 148 54.62 35.46 -53.43
CA TRP C 148 54.80 34.27 -54.26
C TRP C 148 55.04 34.72 -55.72
N LYS C 149 55.91 34.03 -56.42
CA LYS C 149 56.20 34.44 -57.78
C LYS C 149 56.38 33.30 -58.76
N ILE C 150 55.29 32.92 -59.43
CA ILE C 150 55.34 31.86 -60.45
C ILE C 150 55.98 32.51 -61.66
N ASP C 151 57.16 32.00 -62.02
CA ASP C 151 57.96 32.53 -63.11
C ASP C 151 58.14 33.99 -62.75
N GLY C 152 58.45 34.82 -63.73
CA GLY C 152 58.68 36.23 -63.43
C GLY C 152 57.68 37.00 -62.59
N SER C 153 56.39 36.80 -62.86
CA SER C 153 55.32 37.51 -62.16
C SER C 153 54.96 37.14 -60.72
N GLU C 154 54.45 38.12 -59.98
CA GLU C 154 54.02 37.93 -58.61
C GLU C 154 52.57 37.47 -58.69
N ARG C 155 52.20 36.47 -57.88
CA ARG C 155 50.84 35.98 -57.92
C ARG C 155 50.23 36.03 -56.56
N GLN C 156 48.90 36.11 -56.53
CA GLN C 156 48.12 36.18 -55.28
C GLN C 156 47.05 35.12 -55.21
N ASN C 157 46.15 35.09 -56.18
CA ASN C 157 45.09 34.09 -56.12
C ASN C 157 45.68 32.69 -55.92
N GLY C 158 45.49 32.16 -54.70
CA GLY C 158 45.98 30.83 -54.40
C GLY C 158 46.76 30.66 -53.10
N VAL C 159 47.23 31.76 -52.51
CA VAL C 159 47.99 31.69 -51.27
C VAL C 159 47.14 31.38 -50.04
N LEU C 160 47.62 30.46 -49.21
CA LEU C 160 46.92 30.06 -47.98
C LEU C 160 47.90 30.15 -46.76
N ASN C 161 47.89 31.32 -46.10
CA ASN C 161 48.77 31.60 -44.95
C ASN C 161 48.24 31.25 -43.56
N SER C 162 49.15 30.75 -42.72
CA SER C 162 48.84 30.31 -41.36
C SER C 162 50.06 30.51 -40.44
N TRP C 163 50.03 31.53 -39.60
CA TRP C 163 51.12 31.80 -38.65
C TRP C 163 50.95 30.86 -37.46
N THR C 164 51.93 30.87 -36.56
CA THR C 164 51.88 30.06 -35.34
C THR C 164 51.77 31.03 -34.17
N ASP C 165 51.51 30.51 -32.97
CA ASP C 165 51.47 31.37 -31.79
C ASP C 165 52.93 31.53 -31.35
N GLN C 166 53.23 32.53 -30.51
CA GLN C 166 54.61 32.70 -30.05
C GLN C 166 55.08 31.37 -29.39
N ASP C 167 56.21 30.86 -29.87
CA ASP C 167 56.73 29.59 -29.37
C ASP C 167 57.13 29.55 -27.89
N SER C 168 56.75 28.45 -27.25
CA SER C 168 57.04 28.27 -25.84
C SER C 168 58.51 28.43 -25.47
N LYS C 169 59.40 27.81 -26.23
CA LYS C 169 60.81 27.89 -25.90
C LYS C 169 61.59 29.10 -26.40
N ASP C 170 61.67 29.28 -27.71
CA ASP C 170 62.44 30.39 -28.28
C ASP C 170 61.67 31.69 -28.49
N SER C 171 60.38 31.69 -28.13
CA SER C 171 59.54 32.86 -28.30
C SER C 171 59.53 33.41 -29.73
N THR C 172 59.64 32.53 -30.73
CA THR C 172 59.63 32.96 -32.12
C THR C 172 58.44 32.40 -32.86
N TYR C 173 57.95 33.17 -33.82
CA TYR C 173 56.80 32.75 -34.61
C TYR C 173 57.28 31.87 -35.76
N SER C 174 56.33 31.26 -36.47
CA SER C 174 56.60 30.41 -37.65
C SER C 174 55.39 30.48 -38.59
N MET C 175 55.64 30.37 -39.89
CA MET C 175 54.57 30.49 -40.86
C MET C 175 54.60 29.45 -41.97
N SER C 176 53.48 29.37 -42.70
CA SER C 176 53.33 28.42 -43.81
C SER C 176 52.53 29.00 -44.96
N SER C 177 53.24 29.33 -46.03
CA SER C 177 52.63 29.86 -47.23
C SER C 177 52.34 28.62 -48.10
N THR C 178 51.12 28.48 -48.58
CA THR C 178 50.80 27.33 -49.41
C THR C 178 50.07 27.79 -50.65
N LEU C 179 50.80 27.89 -51.76
CA LEU C 179 50.21 28.27 -53.04
C LEU C 179 49.67 27.00 -53.64
N THR C 180 48.45 27.04 -54.15
CA THR C 180 47.86 25.85 -54.74
C THR C 180 47.55 26.12 -56.20
N LEU C 181 47.77 25.13 -57.05
CA LEU C 181 47.50 25.30 -58.46
C LEU C 181 47.00 24.00 -59.02
N THR C 182 46.34 24.06 -60.17
CA THR C 182 45.89 22.84 -60.84
C THR C 182 47.22 22.33 -61.38
N LYS C 183 47.39 21.01 -61.44
CA LYS C 183 48.63 20.42 -61.96
C LYS C 183 48.91 21.15 -63.25
N ASP C 184 47.87 21.23 -64.09
CA ASP C 184 47.89 21.89 -65.39
C ASP C 184 48.71 23.16 -65.40
N GLU C 185 48.23 24.16 -64.67
CA GLU C 185 48.88 25.46 -64.61
C GLU C 185 50.26 25.35 -63.97
N TYR C 186 50.38 24.51 -62.95
CA TYR C 186 51.67 24.34 -62.32
C TYR C 186 52.66 23.91 -63.38
N GLU C 187 52.32 22.83 -64.08
CA GLU C 187 53.22 22.33 -65.12
C GLU C 187 53.22 23.14 -66.39
N ARG C 188 52.74 24.39 -66.32
CA ARG C 188 52.77 25.25 -67.49
C ARG C 188 53.53 26.52 -67.17
N HIS C 189 54.39 26.42 -66.18
CA HIS C 189 55.27 27.48 -65.70
C HIS C 189 56.53 26.72 -65.19
N ASN C 190 57.63 27.43 -64.97
CA ASN C 190 58.86 26.74 -64.56
C ASN C 190 59.47 27.08 -63.22
N SER C 191 59.66 28.35 -62.92
CA SER C 191 60.25 28.73 -61.65
C SER C 191 59.16 29.06 -60.67
N TYR C 192 59.47 28.95 -59.38
CA TYR C 192 58.52 29.26 -58.32
C TYR C 192 59.31 29.87 -57.18
N THR C 193 59.10 31.15 -56.93
CA THR C 193 59.78 31.82 -55.85
C THR C 193 58.88 32.11 -54.64
N CYS C 194 59.44 31.89 -53.46
CA CYS C 194 58.76 32.14 -52.23
C CYS C 194 59.66 33.21 -51.64
N GLU C 195 59.37 34.49 -51.91
CA GLU C 195 60.19 35.57 -51.34
C GLU C 195 59.55 36.38 -50.19
N ALA C 196 60.16 36.23 -49.00
CA ALA C 196 59.70 36.88 -47.75
C ALA C 196 60.51 38.09 -47.36
N THR C 197 59.81 39.13 -46.91
CA THR C 197 60.45 40.37 -46.48
C THR C 197 60.20 40.51 -44.99
N HIS C 198 61.28 40.61 -44.21
CA HIS C 198 61.16 40.70 -42.76
C HIS C 198 62.06 41.74 -42.16
N LYS C 199 61.56 42.42 -41.12
CA LYS C 199 62.27 43.48 -40.41
C LYS C 199 63.76 43.20 -40.07
N THR C 200 64.11 41.93 -39.87
CA THR C 200 65.48 41.56 -39.55
C THR C 200 66.46 42.13 -40.58
N SER C 201 66.22 41.85 -41.86
CA SER C 201 67.09 42.36 -42.92
C SER C 201 66.32 43.31 -43.85
N THR C 202 66.96 43.70 -44.94
CA THR C 202 66.33 44.59 -45.88
C THR C 202 66.12 43.91 -47.24
N SER C 203 67.02 42.99 -47.57
CA SER C 203 66.96 42.26 -48.84
C SER C 203 66.07 41.02 -48.73
N PRO C 204 65.03 40.94 -49.56
CA PRO C 204 64.09 39.85 -49.59
C PRO C 204 64.73 38.48 -49.50
N ILE C 205 64.48 37.78 -48.39
CA ILE C 205 65.00 36.45 -48.19
C ILE C 205 64.30 35.53 -49.21
N VAL C 206 64.95 35.32 -50.35
CA VAL C 206 64.38 34.53 -51.44
C VAL C 206 64.70 33.05 -51.40
N LYS C 207 63.72 32.23 -51.77
CA LYS C 207 63.91 30.79 -51.84
C LYS C 207 63.10 30.45 -53.05
N SER C 208 63.69 29.71 -53.99
CA SER C 208 62.96 29.33 -55.20
C SER C 208 63.52 28.10 -55.88
N PHE C 209 62.68 27.10 -56.06
CA PHE C 209 63.13 25.93 -56.77
C PHE C 209 62.81 26.20 -58.20
N ASN C 210 62.70 25.15 -58.98
CA ASN C 210 62.39 25.25 -60.40
C ASN C 210 62.11 23.82 -60.84
N ARG C 211 61.18 23.60 -61.75
CA ARG C 211 60.92 22.24 -62.18
C ARG C 211 61.93 21.79 -63.24
N ASN C 212 61.47 21.17 -64.32
CA ASN C 212 62.34 20.66 -65.39
C ASN C 212 62.93 19.30 -65.00
N GLU C 213 63.68 18.69 -65.92
CA GLU C 213 64.32 17.36 -65.76
C GLU C 213 64.85 17.12 -64.35
N CYS C 214 64.17 16.24 -63.61
CA CYS C 214 64.50 15.89 -62.23
C CYS C 214 63.95 16.92 -61.23
N ASP D 1 40.27 16.79 -5.62
CA ASP D 1 40.16 18.21 -6.08
C ASP D 1 39.10 18.37 -7.16
N VAL D 2 38.33 19.43 -6.99
CA VAL D 2 37.26 19.81 -7.88
C VAL D 2 37.63 19.48 -9.34
N LYS D 3 36.63 19.12 -10.12
CA LYS D 3 36.87 18.79 -11.52
C LYS D 3 35.54 18.64 -12.29
N LEU D 4 35.36 19.55 -13.26
CA LEU D 4 34.19 19.63 -14.16
C LEU D 4 34.61 19.06 -15.50
N VAL D 5 33.74 18.27 -16.10
CA VAL D 5 34.08 17.63 -17.36
C VAL D 5 32.92 17.70 -18.36
N GLU D 6 32.98 18.70 -19.24
CA GLU D 6 32.00 18.94 -20.29
C GLU D 6 32.12 17.81 -21.33
N SER D 7 31.03 17.56 -22.05
CA SER D 7 31.03 16.47 -22.99
C SER D 7 29.72 16.29 -23.74
N GLY D 8 29.70 16.73 -24.99
CA GLY D 8 28.50 16.60 -25.81
C GLY D 8 28.69 17.32 -27.13
N GLY D 9 29.94 17.75 -27.34
CA GLY D 9 30.31 18.45 -28.54
C GLY D 9 30.19 17.55 -29.74
N GLY D 10 30.20 18.18 -30.91
CA GLY D 10 30.06 17.43 -32.13
C GLY D 10 29.65 18.36 -33.22
N LEU D 11 29.51 17.81 -34.41
CA LEU D 11 29.12 18.60 -35.57
C LEU D 11 27.62 18.62 -35.58
N VAL D 12 27.04 19.79 -35.74
CA VAL D 12 25.59 19.83 -35.78
C VAL D 12 25.08 20.72 -36.90
N GLN D 13 24.19 20.16 -37.72
CA GLN D 13 23.62 20.89 -38.84
C GLN D 13 22.80 22.02 -38.29
N PRO D 14 22.89 23.21 -38.90
CA PRO D 14 22.10 24.33 -38.38
C PRO D 14 20.67 23.88 -38.19
N GLY D 15 19.97 24.54 -37.27
CA GLY D 15 18.60 24.18 -37.00
C GLY D 15 18.56 22.98 -36.07
N GLY D 16 19.60 22.15 -36.14
CA GLY D 16 19.64 20.98 -35.28
C GLY D 16 19.76 21.34 -33.80
N SER D 17 19.87 20.30 -32.98
CA SER D 17 19.98 20.48 -31.54
C SER D 17 20.96 19.50 -30.92
N ARG D 18 21.66 19.98 -29.89
CA ARG D 18 22.61 19.16 -29.18
C ARG D 18 22.36 19.39 -27.67
N LYS D 19 22.67 18.38 -26.84
CA LYS D 19 22.53 18.45 -25.40
C LYS D 19 23.85 18.06 -24.74
N LEU D 20 24.59 19.05 -24.25
CA LEU D 20 25.88 18.79 -23.58
C LEU D 20 25.70 18.44 -22.10
N SER D 21 26.73 17.84 -21.53
CA SER D 21 26.73 17.45 -20.13
C SER D 21 28.01 17.96 -19.50
N CYS D 22 27.89 18.40 -18.25
CA CYS D 22 29.04 18.89 -17.51
C CYS D 22 28.98 18.16 -16.19
N ALA D 23 29.87 17.17 -16.03
CA ALA D 23 29.98 16.33 -14.83
C ALA D 23 30.93 17.01 -13.86
N ALA D 24 30.52 17.02 -12.59
CA ALA D 24 31.28 17.68 -11.54
C ALA D 24 31.72 16.77 -10.40
N SER D 25 32.91 17.04 -9.86
CA SER D 25 33.41 16.25 -8.74
C SER D 25 34.37 17.02 -7.82
N GLY D 26 34.30 16.72 -6.53
CA GLY D 26 35.18 17.38 -5.61
C GLY D 26 34.54 18.55 -4.90
N PHE D 27 33.21 18.62 -4.94
CA PHE D 27 32.50 19.70 -4.25
C PHE D 27 31.04 19.36 -4.18
N THR D 28 30.37 19.94 -3.20
CA THR D 28 28.93 19.74 -2.99
C THR D 28 28.19 20.47 -4.10
N PHE D 29 28.09 19.82 -5.24
CA PHE D 29 27.43 20.35 -6.42
C PHE D 29 26.14 21.02 -5.98
N SER D 30 25.39 20.30 -5.17
CA SER D 30 24.11 20.75 -4.66
C SER D 30 24.08 22.13 -4.04
N SER D 31 25.23 22.71 -3.76
CA SER D 31 25.29 24.03 -3.13
C SER D 31 25.66 25.20 -4.04
N PHE D 32 26.19 24.96 -5.24
CA PHE D 32 26.54 26.09 -6.06
C PHE D 32 25.73 26.17 -7.30
N GLY D 33 25.64 27.39 -7.82
CA GLY D 33 24.90 27.66 -9.05
C GLY D 33 25.93 27.60 -10.15
N MET D 34 25.58 26.94 -11.23
CA MET D 34 26.52 26.78 -12.31
C MET D 34 26.34 27.80 -13.45
N HIS D 35 27.25 27.76 -14.41
CA HIS D 35 27.19 28.63 -15.56
C HIS D 35 27.64 27.91 -16.80
N TRP D 36 27.30 28.48 -17.95
CA TRP D 36 27.76 27.96 -19.25
C TRP D 36 28.43 29.15 -19.96
N VAL D 37 29.67 28.98 -20.36
CA VAL D 37 30.34 30.07 -20.98
C VAL D 37 30.92 29.50 -22.25
N ARG D 38 30.68 30.21 -23.36
CA ARG D 38 31.14 29.80 -24.68
C ARG D 38 32.15 30.81 -25.22
N GLN D 39 33.03 30.31 -26.08
CA GLN D 39 34.10 31.09 -26.68
C GLN D 39 34.27 30.66 -28.15
N ALA D 40 33.94 31.59 -29.04
CA ALA D 40 34.00 31.36 -30.47
C ALA D 40 35.42 31.26 -31.02
N PRO D 41 35.69 30.23 -31.86
CA PRO D 41 36.97 29.92 -32.50
C PRO D 41 38.15 30.79 -32.15
N GLU D 42 38.05 32.09 -32.41
CA GLU D 42 39.15 32.96 -32.08
C GLU D 42 38.67 34.29 -31.54
N LYS D 43 37.78 34.18 -30.56
CA LYS D 43 37.19 35.34 -29.91
C LYS D 43 37.25 35.15 -28.39
N GLY D 44 36.55 36.03 -27.68
CA GLY D 44 36.55 35.99 -26.22
C GLY D 44 35.51 35.08 -25.58
N LEU D 45 35.51 35.09 -24.26
CA LEU D 45 34.58 34.25 -23.52
C LEU D 45 33.24 34.98 -23.59
N GLU D 46 32.15 34.24 -23.47
CA GLU D 46 30.83 34.83 -23.51
C GLU D 46 29.88 34.04 -22.58
N TRP D 47 29.29 34.74 -21.60
CA TRP D 47 28.35 34.13 -20.66
C TRP D 47 27.09 33.71 -21.49
N VAL D 48 26.48 32.56 -21.15
CA VAL D 48 25.35 31.98 -21.86
C VAL D 48 24.14 31.67 -20.99
N ALA D 49 24.38 31.12 -19.79
CA ALA D 49 23.33 30.72 -18.84
C ALA D 49 23.82 30.56 -17.40
N TYR D 50 22.87 30.52 -16.47
CA TYR D 50 23.18 30.36 -15.08
C TYR D 50 21.96 29.79 -14.40
N ILE D 51 22.21 28.70 -13.68
CA ILE D 51 21.15 28.05 -12.92
C ILE D 51 21.58 28.01 -11.45
N SER D 52 20.72 28.56 -10.60
CA SER D 52 20.94 28.62 -9.17
C SER D 52 20.99 27.17 -8.64
N SER D 53 21.60 26.96 -7.47
CA SER D 53 21.73 25.64 -6.87
C SER D 53 20.42 24.86 -6.83
N GLY D 54 19.35 25.53 -6.48
CA GLY D 54 18.07 24.86 -6.39
C GLY D 54 17.32 24.78 -7.67
N SER D 55 17.85 25.38 -8.74
CA SER D 55 17.21 25.37 -10.06
C SER D 55 15.95 26.20 -9.90
N SER D 56 16.13 27.28 -9.19
CA SER D 56 15.01 28.13 -8.88
C SER D 56 15.43 29.57 -9.10
N THR D 57 16.04 29.79 -10.26
CA THR D 57 16.50 31.09 -10.72
C THR D 57 17.41 30.70 -11.84
N ILE D 58 17.01 31.07 -13.04
CA ILE D 58 17.82 30.74 -14.18
C ILE D 58 17.96 32.00 -14.96
N TYR D 59 19.12 32.21 -15.54
CA TYR D 59 19.35 33.42 -16.33
C TYR D 59 19.78 33.01 -17.72
N TYR D 60 19.72 33.94 -18.65
CA TYR D 60 20.15 33.58 -19.99
C TYR D 60 20.73 34.71 -20.76
N ALA D 61 21.62 34.31 -21.66
CA ALA D 61 22.30 35.26 -22.50
C ALA D 61 21.24 35.67 -23.56
N ASP D 62 21.20 36.97 -23.91
CA ASP D 62 20.25 37.44 -24.91
C ASP D 62 20.43 36.63 -26.20
N THR D 63 21.68 36.36 -26.56
CA THR D 63 22.01 35.58 -27.73
C THR D 63 21.37 34.18 -27.69
N VAL D 64 21.02 33.65 -26.52
CA VAL D 64 20.44 32.28 -26.46
C VAL D 64 19.06 32.14 -25.84
N LYS D 65 18.56 33.24 -25.27
CA LYS D 65 17.23 33.21 -24.68
C LYS D 65 16.34 32.36 -25.54
N GLY D 66 15.54 31.54 -24.92
CA GLY D 66 14.59 30.76 -25.71
C GLY D 66 15.01 29.50 -26.47
N ARG D 67 16.15 29.55 -27.15
CA ARG D 67 16.58 28.38 -27.89
C ARG D 67 17.26 27.37 -26.95
N PHE D 68 18.02 27.89 -25.99
CA PHE D 68 18.73 27.06 -25.01
C PHE D 68 17.99 26.81 -23.69
N THR D 69 18.18 25.62 -23.13
CA THR D 69 17.60 25.25 -21.84
C THR D 69 18.72 24.79 -20.93
N ILE D 70 18.83 25.39 -19.74
CA ILE D 70 19.87 24.96 -18.80
C ILE D 70 19.21 24.10 -17.76
N SER D 71 19.96 23.17 -17.17
CA SER D 71 19.40 22.30 -16.14
C SER D 71 20.46 21.47 -15.44
N ARG D 72 20.14 20.96 -14.26
CA ARG D 72 21.06 20.11 -13.49
C ARG D 72 20.31 18.97 -12.84
N ASP D 73 21.02 17.88 -12.57
CA ASP D 73 20.45 16.71 -11.87
C ASP D 73 21.34 16.52 -10.65
N ASN D 74 21.11 17.38 -9.66
CA ASN D 74 21.89 17.38 -8.41
C ASN D 74 22.38 16.03 -7.87
N PRO D 75 21.52 14.99 -7.84
CA PRO D 75 22.01 13.71 -7.32
C PRO D 75 23.08 13.08 -8.19
N LYS D 76 23.00 13.35 -9.48
CA LYS D 76 23.98 12.81 -10.38
C LYS D 76 25.11 13.80 -10.68
N ASN D 77 25.23 14.86 -9.87
CA ASN D 77 26.28 15.88 -10.08
C ASN D 77 26.55 16.26 -11.54
N THR D 78 25.47 16.59 -12.24
CA THR D 78 25.58 16.93 -13.64
C THR D 78 24.74 18.15 -14.06
N LEU D 79 25.40 19.10 -14.71
CA LEU D 79 24.77 20.29 -15.26
C LEU D 79 24.44 19.92 -16.72
N PHE D 80 23.49 20.63 -17.33
CA PHE D 80 23.09 20.35 -18.70
C PHE D 80 22.80 21.66 -19.46
N LEU D 81 22.92 21.59 -20.79
CA LEU D 81 22.60 22.70 -21.69
C LEU D 81 21.99 22.02 -22.89
N GLN D 82 20.70 22.16 -23.06
CA GLN D 82 20.02 21.56 -24.19
C GLN D 82 19.90 22.70 -25.18
N MET D 83 20.44 22.46 -26.38
CA MET D 83 20.42 23.46 -27.43
C MET D 83 19.34 23.22 -28.48
N THR D 84 18.86 24.32 -29.06
CA THR D 84 17.85 24.27 -30.06
C THR D 84 17.98 25.45 -31.01
N SER D 85 17.83 25.15 -32.31
CA SER D 85 17.96 26.15 -33.37
C SER D 85 19.42 26.55 -33.50
N LEU D 86 20.32 25.57 -33.39
CA LEU D 86 21.74 25.83 -33.49
C LEU D 86 22.10 26.58 -34.78
N ARG D 87 22.51 27.83 -34.65
CA ARG D 87 22.93 28.62 -35.79
C ARG D 87 24.42 28.35 -36.04
N SER D 88 25.01 29.11 -36.95
CA SER D 88 26.43 28.99 -37.29
C SER D 88 27.19 29.72 -36.18
N GLU D 89 26.60 30.81 -35.68
CA GLU D 89 27.21 31.61 -34.62
C GLU D 89 27.37 30.79 -33.35
N ASP D 90 26.45 29.86 -33.12
CA ASP D 90 26.52 28.99 -31.96
C ASP D 90 27.81 28.18 -31.93
N THR D 91 28.54 28.20 -33.03
CA THR D 91 29.78 27.47 -33.12
C THR D 91 30.77 28.01 -32.13
N ALA D 92 31.26 27.15 -31.23
CA ALA D 92 32.25 27.57 -30.25
C ALA D 92 32.59 26.44 -29.31
N MET D 93 33.45 26.77 -28.34
CA MET D 93 33.88 25.84 -27.32
C MET D 93 32.99 26.11 -26.11
N TYR D 94 32.26 25.10 -25.67
CA TYR D 94 31.38 25.24 -24.53
C TYR D 94 31.93 24.78 -23.17
N TYR D 95 32.35 25.74 -22.35
CA TYR D 95 32.85 25.42 -21.01
C TYR D 95 31.67 25.54 -20.02
N CYS D 96 31.80 24.86 -18.89
CA CYS D 96 30.83 24.94 -17.80
C CYS D 96 31.72 25.44 -16.67
N ALA D 97 31.18 26.31 -15.81
CA ALA D 97 31.97 26.86 -14.69
C ALA D 97 31.17 27.03 -13.44
N ARG D 98 31.73 26.64 -12.31
CA ARG D 98 31.00 26.81 -11.04
C ARG D 98 30.94 28.30 -10.68
N GLY D 99 29.79 28.73 -10.18
CA GLY D 99 29.63 30.12 -9.82
C GLY D 99 29.54 30.40 -8.34
N ASP D 100 28.69 31.37 -8.02
CA ASP D 100 28.45 31.88 -6.67
C ASP D 100 29.69 32.47 -6.07
N TYR D 101 30.32 33.40 -6.82
CA TYR D 101 31.56 34.07 -6.42
C TYR D 101 31.38 34.89 -5.16
N TYR D 102 30.12 35.05 -4.76
CA TYR D 102 29.76 35.78 -3.52
C TYR D 102 30.07 34.85 -2.36
N GLY D 103 31.26 34.94 -1.82
CA GLY D 103 31.57 34.06 -0.72
C GLY D 103 32.22 32.75 -1.09
N SER D 104 31.62 31.98 -1.98
CA SER D 104 32.16 30.66 -2.38
C SER D 104 33.63 30.31 -2.14
N ARG D 105 34.53 31.27 -2.28
CA ARG D 105 35.97 31.03 -2.05
C ARG D 105 36.71 30.49 -3.27
N GLY D 106 36.55 29.20 -3.55
CA GLY D 106 37.23 28.67 -4.72
C GLY D 106 36.50 29.08 -5.98
N ALA D 107 37.08 28.73 -7.13
CA ALA D 107 36.49 29.05 -8.43
C ALA D 107 37.01 28.02 -9.42
N TYR D 108 36.12 27.34 -10.13
CA TYR D 108 36.55 26.29 -11.06
C TYR D 108 35.88 26.23 -12.42
N TRP D 109 36.72 26.32 -13.47
CA TRP D 109 36.28 26.26 -14.87
C TRP D 109 36.48 24.88 -15.51
N GLY D 110 35.69 24.54 -16.50
CA GLY D 110 35.85 23.22 -17.09
C GLY D 110 36.91 23.28 -18.16
N GLN D 111 37.00 22.25 -18.97
CA GLN D 111 38.00 22.20 -20.05
C GLN D 111 37.39 22.68 -21.37
N GLY D 112 36.06 22.60 -21.45
CA GLY D 112 35.33 23.00 -22.65
C GLY D 112 35.16 21.87 -23.65
N THR D 113 34.00 21.80 -24.25
CA THR D 113 33.74 20.80 -25.24
C THR D 113 33.54 21.64 -26.48
N LEU D 114 33.72 21.04 -27.65
CA LEU D 114 33.58 21.77 -28.89
C LEU D 114 32.40 21.33 -29.73
N VAL D 115 31.56 22.30 -30.07
CA VAL D 115 30.38 22.08 -30.91
C VAL D 115 30.47 23.01 -32.15
N THR D 116 30.54 22.39 -33.33
CA THR D 116 30.61 23.07 -34.61
C THR D 116 29.31 22.87 -35.38
N VAL D 117 28.65 23.99 -35.64
CA VAL D 117 27.38 23.98 -36.33
C VAL D 117 27.60 24.42 -37.74
N SER D 118 27.61 23.43 -38.64
CA SER D 118 27.77 23.65 -40.06
C SER D 118 27.10 22.56 -40.89
N ALA D 119 26.82 22.89 -42.15
CA ALA D 119 26.27 21.91 -43.06
C ALA D 119 27.51 21.02 -43.25
N ALA D 120 28.42 21.47 -44.11
CA ALA D 120 29.68 20.78 -44.39
C ALA D 120 29.65 19.26 -44.56
N LYS D 121 30.75 18.70 -45.03
CA LYS D 121 30.77 17.27 -45.25
C LYS D 121 31.93 16.56 -44.60
N THR D 122 31.60 15.72 -43.63
CA THR D 122 32.59 14.96 -42.93
C THR D 122 33.40 14.24 -43.99
N THR D 123 34.55 14.83 -44.30
CA THR D 123 35.45 14.34 -45.31
C THR D 123 36.75 13.89 -44.68
N ALA D 124 37.50 13.05 -45.38
CA ALA D 124 38.81 12.61 -44.87
C ALA D 124 39.88 13.39 -45.62
N PRO D 125 41.01 13.68 -44.97
CA PRO D 125 42.08 14.43 -45.64
C PRO D 125 43.06 13.58 -46.47
N SER D 126 43.84 14.30 -47.27
CA SER D 126 44.90 13.71 -48.07
C SER D 126 46.17 14.15 -47.33
N VAL D 127 47.17 13.27 -47.29
CA VAL D 127 48.40 13.64 -46.59
C VAL D 127 49.56 13.58 -47.58
N TYR D 128 50.15 14.72 -47.88
CA TYR D 128 51.27 14.75 -48.82
C TYR D 128 52.57 15.02 -48.10
N PRO D 129 53.53 14.10 -48.24
CA PRO D 129 54.83 14.25 -47.59
C PRO D 129 55.66 15.34 -48.25
N LEU D 130 56.13 16.28 -47.46
CA LEU D 130 56.93 17.34 -48.04
C LEU D 130 58.43 17.04 -48.01
N ALA D 131 58.88 16.20 -48.96
CA ALA D 131 60.30 15.85 -49.07
C ALA D 131 61.11 17.09 -49.50
N PRO D 132 62.23 17.36 -48.82
CA PRO D 132 63.11 18.50 -49.10
C PRO D 132 63.33 18.95 -50.53
N VAL D 133 64.29 18.33 -51.21
CA VAL D 133 64.64 18.67 -52.58
C VAL D 133 64.91 20.18 -52.80
N CYS D 134 64.82 20.94 -51.71
CA CYS D 134 65.02 22.38 -51.64
C CYS D 134 64.54 22.94 -50.26
N GLY D 135 64.66 22.07 -49.26
CA GLY D 135 64.27 22.41 -47.91
C GLY D 135 65.44 22.97 -47.12
N ASP D 136 66.29 23.73 -47.85
CA ASP D 136 67.50 24.37 -47.39
C ASP D 136 67.75 24.51 -45.87
N THR D 137 67.11 25.51 -45.28
CA THR D 137 67.22 25.80 -43.85
C THR D 137 68.57 26.00 -43.11
N THR D 138 69.69 25.86 -43.81
CA THR D 138 71.06 26.04 -43.30
C THR D 138 72.08 25.10 -43.93
N GLY D 139 71.61 23.95 -44.43
CA GLY D 139 72.52 22.98 -45.05
C GLY D 139 72.98 21.94 -44.05
N SER D 140 73.29 22.39 -42.83
CA SER D 140 73.71 21.53 -41.73
C SER D 140 72.45 21.02 -41.03
N SER D 141 71.33 21.58 -41.47
CA SER D 141 70.01 21.25 -40.96
C SER D 141 69.17 20.86 -42.16
N VAL D 142 68.26 19.91 -41.98
CA VAL D 142 67.39 19.49 -43.07
C VAL D 142 65.95 19.47 -42.59
N THR D 143 65.10 20.34 -43.18
CA THR D 143 63.70 20.41 -42.77
C THR D 143 62.81 19.65 -43.69
N LEU D 144 61.83 19.01 -43.11
CA LEU D 144 60.86 18.25 -43.87
C LEU D 144 59.50 18.76 -43.40
N GLY D 145 58.45 18.47 -44.16
CA GLY D 145 57.14 18.94 -43.78
C GLY D 145 56.07 17.96 -44.18
N CYS D 146 54.84 18.26 -43.82
CA CYS D 146 53.75 17.36 -44.16
C CYS D 146 52.49 18.19 -44.44
N LEU D 147 51.81 17.81 -45.51
CA LEU D 147 50.61 18.51 -45.92
C LEU D 147 49.38 17.67 -45.70
N VAL D 148 48.47 18.22 -44.90
CA VAL D 148 47.19 17.58 -44.60
C VAL D 148 46.14 18.57 -45.16
N LYS D 149 45.63 18.27 -46.36
CA LYS D 149 44.64 19.14 -46.95
C LYS D 149 43.36 18.43 -47.38
N GLY D 150 42.26 19.17 -47.30
CA GLY D 150 40.98 18.65 -47.73
C GLY D 150 40.15 17.93 -46.70
N TYR D 151 40.33 18.23 -45.42
CA TYR D 151 39.55 17.56 -44.38
C TYR D 151 38.52 18.47 -43.73
N PHE D 152 37.62 17.85 -42.98
CA PHE D 152 36.58 18.55 -42.26
C PHE D 152 35.72 17.51 -41.57
N PRO D 153 35.34 17.76 -40.31
CA PRO D 153 35.75 18.98 -39.59
C PRO D 153 37.00 18.79 -38.73
N GLU D 154 37.25 19.75 -37.84
CA GLU D 154 38.39 19.73 -36.91
C GLU D 154 38.05 18.81 -35.73
N PRO D 155 39.06 18.27 -35.04
CA PRO D 155 40.49 18.46 -35.26
C PRO D 155 41.07 17.27 -35.95
N VAL D 156 42.38 17.28 -36.06
CA VAL D 156 43.10 16.21 -36.68
C VAL D 156 44.34 16.09 -35.82
N THR D 157 44.98 14.92 -35.82
CA THR D 157 46.19 14.73 -35.03
C THR D 157 47.33 14.36 -35.93
N LEU D 158 48.30 15.25 -35.95
CA LEU D 158 49.53 15.08 -36.73
C LEU D 158 50.65 14.75 -35.75
N THR D 159 51.54 13.84 -36.14
CA THR D 159 52.66 13.45 -35.29
C THR D 159 53.89 13.05 -36.07
N TRP D 160 55.05 13.32 -35.49
CA TRP D 160 56.27 12.96 -36.15
C TRP D 160 56.87 11.73 -35.52
N ASN D 161 56.76 10.60 -36.23
CA ASN D 161 57.25 9.30 -35.78
C ASN D 161 56.42 8.79 -34.61
N SER D 162 55.12 8.65 -34.84
CA SER D 162 54.14 8.15 -33.86
C SER D 162 54.29 8.80 -32.48
N GLY D 163 54.90 9.98 -32.46
CA GLY D 163 55.14 10.68 -31.21
C GLY D 163 56.63 10.87 -31.00
N SER D 164 57.40 9.77 -31.09
CA SER D 164 58.86 9.75 -30.92
C SER D 164 59.55 11.07 -31.21
N LEU D 165 59.55 11.49 -32.48
CA LEU D 165 60.15 12.76 -32.86
C LEU D 165 59.12 13.81 -32.44
N SER D 166 59.51 14.58 -31.45
CA SER D 166 58.64 15.59 -30.90
C SER D 166 59.41 16.88 -30.62
N SER D 167 60.56 16.98 -31.25
CA SER D 167 61.37 18.17 -31.09
C SER D 167 61.88 18.64 -32.43
N GLY D 168 61.64 19.93 -32.70
CA GLY D 168 62.04 20.53 -33.96
C GLY D 168 60.85 20.60 -34.90
N VAL D 169 59.68 20.21 -34.39
CA VAL D 169 58.48 20.24 -35.19
C VAL D 169 57.67 21.52 -34.94
N HIS D 170 57.09 22.04 -36.00
CA HIS D 170 56.24 23.24 -35.95
C HIS D 170 54.97 22.87 -36.70
N THR D 171 53.90 22.58 -36.00
CA THR D 171 52.68 22.29 -36.72
C THR D 171 51.91 23.60 -36.74
N PHE D 172 51.59 24.06 -37.95
CA PHE D 172 50.86 25.28 -38.11
C PHE D 172 49.37 25.03 -37.94
N PRO D 173 48.61 26.04 -37.50
CA PRO D 173 47.18 25.91 -37.31
C PRO D 173 46.43 25.76 -38.62
N ALA D 174 45.35 24.99 -38.60
CA ALA D 174 44.57 24.74 -39.81
C ALA D 174 43.84 26.01 -40.31
N VAL D 175 43.54 26.01 -41.61
CA VAL D 175 42.82 27.12 -42.25
C VAL D 175 41.64 26.57 -43.04
N LEU D 176 40.54 27.31 -42.98
CA LEU D 176 39.34 26.92 -43.71
C LEU D 176 39.38 27.66 -45.03
N GLN D 177 39.25 26.92 -46.10
CA GLN D 177 39.25 27.47 -47.44
C GLN D 177 38.03 26.83 -48.05
N SER D 178 37.14 27.66 -48.57
CA SER D 178 35.90 27.16 -49.13
C SER D 178 35.23 26.44 -47.96
N ASP D 179 35.08 25.13 -48.03
CA ASP D 179 34.48 24.43 -46.92
C ASP D 179 35.32 23.24 -46.55
N LEU D 180 36.63 23.49 -46.51
CA LEU D 180 37.62 22.47 -46.16
C LEU D 180 38.75 23.08 -45.30
N TYR D 181 39.56 22.21 -44.71
CA TYR D 181 40.70 22.63 -43.91
C TYR D 181 42.00 22.07 -44.47
N THR D 182 43.08 22.77 -44.18
CA THR D 182 44.39 22.36 -44.63
C THR D 182 45.32 22.77 -43.51
N LEU D 183 46.25 21.87 -43.19
CA LEU D 183 47.22 22.11 -42.13
C LEU D 183 48.53 21.42 -42.50
N SER D 184 49.64 22.03 -42.11
CA SER D 184 50.92 21.42 -42.41
C SER D 184 51.80 21.59 -41.19
N SER D 185 52.80 20.72 -41.11
CA SER D 185 53.72 20.74 -39.99
C SER D 185 55.11 20.58 -40.55
N SER D 186 56.01 21.42 -40.08
CA SER D 186 57.38 21.31 -40.50
C SER D 186 58.03 20.55 -39.35
N VAL D 187 59.30 20.23 -39.49
CA VAL D 187 60.06 19.52 -38.48
C VAL D 187 61.49 19.56 -38.97
N THR D 188 62.42 19.74 -38.05
CA THR D 188 63.79 19.81 -38.46
C THR D 188 64.66 18.80 -37.76
N VAL D 189 65.54 18.17 -38.52
CA VAL D 189 66.48 17.20 -38.00
C VAL D 189 67.85 17.57 -38.59
N THR D 190 68.92 17.01 -38.03
CA THR D 190 70.27 17.29 -38.52
C THR D 190 70.44 16.52 -39.81
N SER D 191 71.22 17.10 -40.74
CA SER D 191 71.49 16.51 -42.05
C SER D 191 71.54 15.00 -41.93
N SER D 192 72.53 14.53 -41.18
CA SER D 192 72.77 13.11 -40.91
C SER D 192 71.50 12.28 -40.67
N THR D 193 70.66 12.75 -39.76
CA THR D 193 69.43 12.08 -39.40
C THR D 193 68.62 11.61 -40.61
N TRP D 194 68.48 12.48 -41.58
CA TRP D 194 67.69 12.14 -42.75
C TRP D 194 68.57 12.22 -43.98
N PRO D 195 68.44 11.24 -44.88
CA PRO D 195 67.52 10.10 -44.76
C PRO D 195 68.11 8.83 -44.14
N SER D 196 69.07 8.97 -43.24
CA SER D 196 69.68 7.78 -42.61
C SER D 196 68.62 7.10 -41.74
N GLN D 197 67.76 7.92 -41.17
CA GLN D 197 66.69 7.47 -40.31
C GLN D 197 65.39 7.69 -41.08
N SER D 198 64.28 7.24 -40.52
CA SER D 198 62.99 7.42 -41.19
C SER D 198 62.02 8.27 -40.37
N ILE D 199 61.70 9.44 -40.91
CA ILE D 199 60.78 10.36 -40.28
C ILE D 199 59.44 10.15 -41.00
N THR D 200 58.37 10.08 -40.23
CA THR D 200 57.07 9.80 -40.80
C THR D 200 55.94 10.66 -40.22
N CYS D 201 55.05 11.09 -41.11
CA CYS D 201 53.90 11.90 -40.73
C CYS D 201 52.73 10.96 -40.44
N ASN D 202 52.20 11.03 -39.25
CA ASN D 202 51.11 10.16 -38.89
C ASN D 202 49.90 11.06 -38.62
N VAL D 203 48.99 11.15 -39.57
CA VAL D 203 47.81 11.99 -39.39
C VAL D 203 46.58 11.14 -39.15
N ALA D 204 45.68 11.64 -38.33
CA ALA D 204 44.46 10.90 -38.06
C ALA D 204 43.29 11.83 -37.87
N HIS D 205 42.41 11.85 -38.86
CA HIS D 205 41.21 12.67 -38.78
C HIS D 205 40.20 11.82 -38.01
N PRO D 206 40.06 12.09 -36.72
CA PRO D 206 39.14 11.37 -35.84
C PRO D 206 37.72 11.27 -36.38
N ALA D 207 37.03 12.41 -36.45
CA ALA D 207 35.64 12.50 -36.90
C ALA D 207 35.27 11.77 -38.21
N SER D 208 36.26 11.18 -38.87
CA SER D 208 35.98 10.49 -40.11
C SER D 208 36.64 9.12 -40.16
N SER D 209 37.20 8.70 -39.02
CA SER D 209 37.89 7.41 -38.90
C SER D 209 39.02 7.30 -39.94
N THR D 210 39.85 8.34 -39.98
CA THR D 210 40.94 8.37 -40.91
C THR D 210 42.29 8.40 -40.19
N LYS D 211 43.14 7.43 -40.51
CA LYS D 211 44.48 7.36 -39.92
C LYS D 211 45.41 7.01 -41.07
N VAL D 212 46.49 7.77 -41.17
CA VAL D 212 47.47 7.59 -42.24
C VAL D 212 48.84 7.94 -41.74
N ASP D 213 49.84 7.53 -42.51
CA ASP D 213 51.23 7.77 -42.18
C ASP D 213 51.95 7.98 -43.49
N LYS D 214 52.86 8.94 -43.52
CA LYS D 214 53.62 9.25 -44.72
C LYS D 214 55.14 9.17 -44.53
N LYS D 215 55.78 8.26 -45.27
CA LYS D 215 57.23 8.09 -45.20
C LYS D 215 57.84 9.23 -46.00
N ILE D 216 58.34 10.25 -45.32
CA ILE D 216 58.93 11.39 -46.01
C ILE D 216 60.21 11.00 -46.76
N GLU D 217 60.04 10.33 -47.89
CA GLU D 217 61.15 9.86 -48.70
C GLU D 217 61.67 10.93 -49.65
N PRO D 218 63.00 11.01 -49.84
CA PRO D 218 63.62 12.00 -50.73
C PRO D 218 63.29 11.71 -52.20
N ARG D 219 63.51 12.73 -53.04
CA ARG D 219 63.29 12.68 -54.49
C ARG D 219 62.89 14.09 -54.96
N GLY D 220 61.69 14.51 -54.59
CA GLY D 220 61.19 15.83 -54.94
C GLY D 220 60.75 16.52 -53.66
N GLN E 1 -30.10 23.90 2.93
CA GLN E 1 -29.39 22.80 3.63
C GLN E 1 -28.11 22.86 2.87
N ILE E 2 -27.09 22.05 3.30
CA ILE E 2 -25.81 21.86 2.58
C ILE E 2 -25.84 20.44 2.05
N GLN E 3 -26.18 20.25 0.77
CA GLN E 3 -26.25 18.94 0.13
C GLN E 3 -24.91 18.27 0.01
N MET E 4 -24.88 16.98 0.33
CA MET E 4 -23.67 16.18 0.19
C MET E 4 -23.97 15.10 -0.86
N THR E 5 -23.51 15.33 -2.09
CA THR E 5 -23.73 14.40 -3.19
C THR E 5 -22.66 13.32 -3.16
N GLN E 6 -23.06 12.14 -2.70
CA GLN E 6 -22.14 11.02 -2.56
C GLN E 6 -22.27 9.97 -3.65
N SER E 7 -21.12 9.43 -4.08
CA SER E 7 -21.07 8.45 -5.16
C SER E 7 -19.80 7.59 -5.17
N PRO E 8 -19.88 6.39 -5.77
CA PRO E 8 -21.09 5.88 -6.42
C PRO E 8 -22.08 5.47 -5.37
N SER E 9 -23.26 5.06 -5.81
CA SER E 9 -24.32 4.69 -4.88
C SER E 9 -24.25 3.24 -4.47
N SER E 10 -23.33 2.53 -5.11
CA SER E 10 -23.07 1.14 -4.83
C SER E 10 -21.95 0.77 -5.77
N LEU E 11 -21.23 -0.31 -5.46
CA LEU E 11 -20.17 -0.80 -6.31
C LEU E 11 -19.67 -2.14 -5.82
N SER E 12 -19.30 -3.02 -6.75
CA SER E 12 -18.76 -4.35 -6.45
C SER E 12 -17.31 -4.28 -6.82
N ALA E 13 -16.45 -4.98 -6.09
CA ALA E 13 -15.03 -4.97 -6.41
C ALA E 13 -14.50 -6.27 -5.89
N SER E 14 -13.35 -6.70 -6.40
CA SER E 14 -12.73 -7.95 -5.95
C SER E 14 -11.80 -7.62 -4.78
N LEU E 15 -11.53 -8.59 -3.92
CA LEU E 15 -10.64 -8.29 -2.82
C LEU E 15 -9.34 -7.78 -3.40
N GLY E 16 -8.54 -7.12 -2.58
CA GLY E 16 -7.26 -6.59 -3.04
C GLY E 16 -7.36 -5.37 -3.95
N GLU E 17 -8.49 -5.22 -4.59
CA GLU E 17 -8.76 -4.10 -5.50
C GLU E 17 -8.92 -2.82 -4.68
N ARG E 18 -8.59 -1.67 -5.27
CA ARG E 18 -8.75 -0.41 -4.56
C ARG E 18 -10.10 0.24 -4.91
N VAL E 19 -10.57 1.20 -4.11
CA VAL E 19 -11.84 1.84 -4.37
C VAL E 19 -11.72 3.29 -3.92
N SER E 20 -12.52 4.17 -4.52
CA SER E 20 -12.55 5.61 -4.17
C SER E 20 -13.97 6.15 -4.13
N LEU E 21 -14.56 6.25 -2.94
CA LEU E 21 -15.92 6.78 -2.86
C LEU E 21 -15.70 8.29 -2.73
N THR E 22 -16.64 9.04 -3.26
CA THR E 22 -16.49 10.48 -3.21
C THR E 22 -17.74 11.24 -2.80
N CYS E 23 -17.50 12.34 -2.08
CA CYS E 23 -18.56 13.19 -1.63
C CYS E 23 -18.24 14.62 -2.01
N ARG E 24 -19.19 15.24 -2.70
CA ARG E 24 -19.05 16.65 -3.11
C ARG E 24 -20.00 17.48 -2.27
N ALA E 25 -19.44 18.37 -1.47
CA ALA E 25 -20.24 19.23 -0.63
C ALA E 25 -20.64 20.43 -1.47
N SER E 26 -21.86 20.94 -1.26
CA SER E 26 -22.35 22.09 -2.00
C SER E 26 -22.10 23.44 -1.30
N GLN E 27 -21.15 23.49 -0.39
CA GLN E 27 -20.80 24.73 0.32
C GLN E 27 -19.51 24.48 1.07
N GLU E 28 -18.82 25.53 1.47
CA GLU E 28 -17.58 25.31 2.19
C GLU E 28 -17.90 24.63 3.50
N ILE E 29 -17.17 23.55 3.78
CA ILE E 29 -17.33 22.85 5.04
C ILE E 29 -15.95 22.81 5.68
N SER E 30 -15.00 23.47 5.03
CA SER E 30 -13.63 23.57 5.51
C SER E 30 -13.16 22.27 6.09
N GLY E 31 -13.28 21.21 5.30
CA GLY E 31 -12.83 19.90 5.73
C GLY E 31 -13.43 19.36 7.00
N TYR E 32 -14.68 19.68 7.26
CA TYR E 32 -15.31 19.12 8.44
C TYR E 32 -16.01 17.88 7.93
N LEU E 33 -15.30 17.10 7.12
CA LEU E 33 -15.89 15.88 6.56
C LEU E 33 -15.54 14.73 7.45
N SER E 34 -16.43 13.76 7.50
CA SER E 34 -16.25 12.61 8.33
C SER E 34 -16.84 11.46 7.56
N TRP E 35 -16.24 10.27 7.68
CA TRP E 35 -16.75 9.11 6.97
C TRP E 35 -17.19 8.02 7.91
N LEU E 36 -18.46 7.68 7.88
CA LEU E 36 -18.98 6.62 8.73
C LEU E 36 -19.06 5.33 7.96
N GLN E 37 -19.11 4.22 8.68
CA GLN E 37 -19.21 2.93 8.07
C GLN E 37 -20.30 2.14 8.75
N GLN E 38 -21.36 1.85 8.02
CA GLN E 38 -22.40 1.06 8.62
C GLN E 38 -22.29 -0.40 8.19
N LYS E 39 -21.99 -1.26 9.16
CA LYS E 39 -21.90 -2.70 8.98
C LYS E 39 -23.34 -3.25 8.84
N PRO E 40 -23.49 -4.47 8.32
CA PRO E 40 -24.83 -5.07 8.13
C PRO E 40 -25.62 -5.30 9.41
N ASP E 41 -24.92 -5.51 10.51
CA ASP E 41 -25.61 -5.75 11.78
C ASP E 41 -26.20 -4.48 12.35
N GLY E 42 -26.17 -3.41 11.57
CA GLY E 42 -26.69 -2.12 12.00
C GLY E 42 -25.60 -1.19 12.45
N THR E 43 -24.65 -1.74 13.22
CA THR E 43 -23.52 -1.02 13.78
C THR E 43 -22.92 0.09 12.94
N ILE E 44 -22.66 1.24 13.55
CA ILE E 44 -22.05 2.38 12.85
C ILE E 44 -20.71 2.70 13.54
N LYS E 45 -19.68 2.95 12.78
CA LYS E 45 -18.40 3.23 13.41
C LYS E 45 -17.72 4.31 12.56
N ARG E 46 -17.15 5.32 13.18
CA ARG E 46 -16.51 6.35 12.37
C ARG E 46 -15.08 5.90 11.99
N LEU E 47 -14.70 6.15 10.74
CA LEU E 47 -13.41 5.77 10.21
C LEU E 47 -12.52 6.96 10.08
N ILE E 48 -13.01 7.96 9.35
CA ILE E 48 -12.23 9.18 9.14
C ILE E 48 -13.04 10.38 9.55
N TYR E 49 -12.33 11.40 10.03
CA TYR E 49 -12.95 12.66 10.42
C TYR E 49 -11.92 13.76 10.18
N ALA E 50 -12.34 15.00 10.32
CA ALA E 50 -11.44 16.11 10.08
C ALA E 50 -10.97 15.94 8.65
N ALA E 51 -11.87 15.41 7.82
CA ALA E 51 -11.65 15.17 6.40
C ALA E 51 -10.52 14.22 6.00
N SER E 52 -9.64 13.86 6.92
CA SER E 52 -8.53 12.94 6.58
C SER E 52 -7.82 12.22 7.77
N THR E 53 -8.17 12.58 8.99
CA THR E 53 -7.58 11.92 10.13
C THR E 53 -8.23 10.56 10.40
N LEU E 54 -7.42 9.51 10.39
CA LEU E 54 -7.96 8.18 10.64
C LEU E 54 -8.31 8.09 12.08
N ASP E 55 -9.31 7.30 12.40
CA ASP E 55 -9.64 7.13 13.79
C ASP E 55 -8.73 6.06 14.38
N SER E 56 -8.67 6.03 15.71
CA SER E 56 -7.85 5.07 16.44
C SER E 56 -8.42 3.71 16.12
N GLY E 57 -7.59 2.89 15.47
CA GLY E 57 -8.00 1.54 15.13
C GLY E 57 -8.26 1.32 13.66
N VAL E 58 -8.74 2.35 12.98
CA VAL E 58 -9.00 2.20 11.57
C VAL E 58 -7.65 1.90 10.92
N PRO E 59 -7.62 0.85 10.08
CA PRO E 59 -6.49 0.32 9.31
C PRO E 59 -5.86 1.39 8.45
N LYS E 60 -4.53 1.48 8.47
CA LYS E 60 -3.83 2.48 7.66
C LYS E 60 -4.02 2.26 6.16
N ARG E 61 -4.97 1.43 5.77
CA ARG E 61 -5.19 1.28 4.35
C ARG E 61 -6.40 2.14 3.91
N PHE E 62 -6.96 2.88 4.87
CA PHE E 62 -8.08 3.79 4.58
C PHE E 62 -7.42 5.16 4.56
N SER E 63 -7.89 6.07 3.71
CA SER E 63 -7.34 7.42 3.64
C SER E 63 -8.27 8.45 3.00
N GLY E 64 -8.60 9.46 3.77
CA GLY E 64 -9.47 10.49 3.24
C GLY E 64 -8.61 11.55 2.63
N SER E 65 -9.21 12.35 1.77
CA SER E 65 -8.48 13.43 1.13
C SER E 65 -9.48 14.40 0.51
N ARG E 66 -9.06 15.65 0.34
CA ARG E 66 -9.95 16.66 -0.25
C ARG E 66 -9.28 17.52 -1.31
N SER E 67 -10.04 17.83 -2.35
CA SER E 67 -9.52 18.71 -3.40
C SER E 67 -10.74 19.49 -3.87
N GLY E 68 -10.80 20.73 -3.43
CA GLY E 68 -11.91 21.59 -3.79
C GLY E 68 -13.03 21.26 -2.85
N SER E 69 -14.16 20.91 -3.41
CA SER E 69 -15.26 20.54 -2.55
C SER E 69 -15.62 19.09 -2.87
N ASP E 70 -14.57 18.36 -3.25
CA ASP E 70 -14.65 16.94 -3.57
C ASP E 70 -13.78 16.28 -2.51
N TYR E 71 -14.39 15.45 -1.68
CA TYR E 71 -13.67 14.77 -0.64
C TYR E 71 -13.76 13.33 -1.02
N SER E 72 -12.66 12.61 -0.85
CA SER E 72 -12.63 11.18 -1.20
C SER E 72 -12.01 10.26 -0.15
N LEU E 73 -12.58 9.06 -0.06
CA LEU E 73 -12.12 8.01 0.85
C LEU E 73 -11.61 6.96 -0.11
N THR E 74 -10.36 6.57 0.05
CA THR E 74 -9.80 5.54 -0.81
C THR E 74 -9.40 4.31 -0.01
N ILE E 75 -10.03 3.18 -0.31
CA ILE E 75 -9.70 1.94 0.39
C ILE E 75 -8.80 1.19 -0.55
N SER E 76 -7.49 1.24 -0.32
CA SER E 76 -6.57 0.51 -1.19
C SER E 76 -6.42 -0.89 -0.68
N SER E 77 -6.68 -1.87 -1.52
CA SER E 77 -6.56 -3.27 -1.11
C SER E 77 -7.69 -3.69 -0.20
N LEU E 78 -8.82 -4.03 -0.80
CA LEU E 78 -9.99 -4.49 -0.05
C LEU E 78 -9.87 -5.88 0.58
N GLU E 79 -10.46 -6.03 1.74
CA GLU E 79 -10.51 -7.32 2.41
C GLU E 79 -11.97 -7.39 2.83
N SER E 80 -12.46 -8.56 3.21
CA SER E 80 -13.87 -8.68 3.59
C SER E 80 -14.43 -7.70 4.64
N GLU E 81 -13.58 -7.17 5.50
CA GLU E 81 -13.95 -6.23 6.55
C GLU E 81 -14.57 -4.94 5.97
N ASP E 82 -14.25 -4.67 4.71
CA ASP E 82 -14.67 -3.45 4.05
C ASP E 82 -16.05 -3.56 3.43
N PHE E 83 -16.53 -4.78 3.29
CA PHE E 83 -17.87 -4.99 2.74
C PHE E 83 -18.78 -4.38 3.74
N ALA E 84 -19.40 -3.27 3.36
CA ALA E 84 -20.30 -2.56 4.26
C ALA E 84 -21.03 -1.47 3.50
N ASP E 85 -21.39 -0.41 4.19
CA ASP E 85 -22.05 0.72 3.59
C ASP E 85 -21.32 1.93 4.16
N TYR E 86 -20.90 2.84 3.30
CA TYR E 86 -20.19 4.02 3.77
C TYR E 86 -21.08 5.26 3.65
N TYR E 87 -20.84 6.25 4.51
CA TYR E 87 -21.57 7.51 4.47
C TYR E 87 -20.61 8.65 4.78
N CYS E 88 -20.77 9.80 4.11
CA CYS E 88 -19.90 10.91 4.44
C CYS E 88 -20.79 11.79 5.26
N LEU E 89 -20.23 12.48 6.25
CA LEU E 89 -20.99 13.36 7.13
C LEU E 89 -20.24 14.68 7.21
N GLN E 90 -20.93 15.80 6.99
CA GLN E 90 -20.29 17.11 7.06
C GLN E 90 -20.85 17.67 8.33
N TYR E 91 -19.96 18.14 9.19
CA TYR E 91 -20.35 18.71 10.49
C TYR E 91 -19.88 20.15 10.65
N ALA E 92 -19.94 20.90 9.56
CA ALA E 92 -19.52 22.30 9.57
C ALA E 92 -20.67 23.25 9.87
N SER E 93 -21.86 22.95 9.37
CA SER E 93 -23.03 23.85 9.56
C SER E 93 -24.33 23.19 9.99
N SER E 94 -24.93 23.81 11.00
CA SER E 94 -26.15 23.35 11.63
C SER E 94 -26.96 22.18 11.12
N PRO E 95 -27.81 22.38 10.09
CA PRO E 95 -28.56 21.18 9.67
C PRO E 95 -27.53 20.15 9.18
N TYR E 96 -27.16 19.22 10.06
CA TYR E 96 -26.15 18.27 9.69
C TYR E 96 -26.63 17.32 8.59
N THR E 97 -25.95 17.35 7.45
CA THR E 97 -26.29 16.51 6.32
C THR E 97 -25.31 15.33 6.10
N PHE E 98 -25.90 14.17 5.77
CA PHE E 98 -25.14 12.95 5.50
C PHE E 98 -25.12 12.72 4.00
N GLY E 99 -24.08 12.07 3.47
CA GLY E 99 -24.03 11.72 2.06
C GLY E 99 -25.16 10.71 1.78
N GLY E 100 -25.17 10.17 0.58
CA GLY E 100 -26.25 9.27 0.25
C GLY E 100 -26.05 7.84 0.61
N GLY E 101 -24.84 7.37 0.41
CA GLY E 101 -24.51 5.99 0.70
C GLY E 101 -23.83 5.34 -0.48
N THR E 102 -23.10 4.27 -0.20
CA THR E 102 -22.38 3.49 -1.20
C THR E 102 -22.51 2.08 -0.65
N LYS E 103 -23.14 1.19 -1.36
CA LYS E 103 -23.27 -0.18 -0.90
C LYS E 103 -22.16 -0.92 -1.63
N LEU E 104 -21.06 -1.19 -0.95
CA LEU E 104 -19.93 -1.86 -1.56
C LEU E 104 -20.13 -3.37 -1.49
N GLU E 105 -20.49 -4.07 -2.58
CA GLU E 105 -20.63 -5.52 -2.45
C GLU E 105 -19.33 -6.09 -2.99
N ILE E 106 -19.12 -7.39 -2.83
CA ILE E 106 -17.89 -8.06 -3.25
C ILE E 106 -18.01 -9.12 -4.33
N LEU E 107 -17.56 -8.75 -5.53
CA LEU E 107 -17.51 -9.53 -6.76
C LEU E 107 -16.94 -10.93 -6.51
N ARG E 108 -17.63 -11.96 -6.97
CA ARG E 108 -17.16 -13.34 -6.78
C ARG E 108 -17.55 -14.26 -7.96
N ALA E 109 -16.85 -15.36 -8.17
CA ALA E 109 -17.08 -16.23 -9.32
C ALA E 109 -18.46 -16.90 -9.20
N ASP E 110 -19.38 -16.72 -10.15
CA ASP E 110 -20.76 -17.19 -10.33
C ASP E 110 -21.00 -18.44 -9.49
N ALA E 111 -22.39 -18.64 -9.24
CA ALA E 111 -22.85 -19.81 -8.50
C ALA E 111 -24.35 -19.98 -8.61
N ALA E 112 -24.77 -21.10 -9.18
CA ALA E 112 -26.19 -21.44 -9.35
C ALA E 112 -26.90 -21.76 -8.02
N PRO E 113 -28.18 -21.37 -7.91
CA PRO E 113 -28.97 -21.60 -6.71
C PRO E 113 -29.21 -23.07 -6.36
N THR E 114 -29.78 -23.29 -5.19
CA THR E 114 -30.16 -24.63 -4.77
C THR E 114 -31.65 -24.58 -4.35
N VAL E 115 -32.52 -24.67 -5.36
CA VAL E 115 -33.98 -24.62 -5.23
C VAL E 115 -34.52 -25.86 -4.48
N SER E 116 -35.37 -25.63 -3.49
CA SER E 116 -35.99 -26.72 -2.73
C SER E 116 -37.42 -26.34 -2.45
N ILE E 117 -38.36 -27.04 -3.08
CA ILE E 117 -39.79 -26.75 -2.97
C ILE E 117 -40.47 -27.41 -1.79
N PHE E 118 -41.32 -26.65 -1.09
CA PHE E 118 -42.03 -27.13 0.06
C PHE E 118 -43.51 -26.90 -0.06
N PRO E 119 -44.30 -27.96 -0.02
CA PRO E 119 -45.76 -27.82 -0.12
C PRO E 119 -46.29 -27.22 1.21
N PRO E 120 -47.56 -26.78 1.25
CA PRO E 120 -48.22 -26.19 2.41
C PRO E 120 -48.18 -27.10 3.61
N SER E 121 -48.06 -26.50 4.80
CA SER E 121 -48.03 -27.24 6.08
C SER E 121 -49.44 -27.67 6.40
N SER E 122 -49.62 -28.79 7.08
CA SER E 122 -50.96 -29.23 7.40
C SER E 122 -51.60 -28.30 8.43
N GLU E 123 -50.77 -27.58 9.20
CA GLU E 123 -51.28 -26.66 10.20
C GLU E 123 -51.90 -25.48 9.48
N GLN E 124 -51.16 -24.93 8.53
CA GLN E 124 -51.67 -23.80 7.75
C GLN E 124 -52.93 -24.17 6.95
N LEU E 125 -52.97 -25.37 6.39
CA LEU E 125 -54.12 -25.77 5.61
C LEU E 125 -55.39 -25.63 6.44
N THR E 126 -55.33 -26.02 7.70
CA THR E 126 -56.52 -25.94 8.54
C THR E 126 -56.81 -24.49 8.91
N SER E 127 -55.84 -23.63 8.66
CA SER E 127 -56.04 -22.23 8.96
C SER E 127 -56.81 -21.63 7.83
N GLY E 128 -56.92 -22.37 6.74
CA GLY E 128 -57.62 -21.87 5.57
C GLY E 128 -56.64 -21.57 4.47
N GLY E 129 -55.47 -21.04 4.81
CA GLY E 129 -54.46 -20.72 3.81
C GLY E 129 -53.62 -21.89 3.32
N ALA E 130 -52.80 -21.62 2.32
CA ALA E 130 -51.93 -22.62 1.75
C ALA E 130 -50.81 -21.81 1.12
N SER E 131 -49.59 -22.03 1.60
CA SER E 131 -48.42 -21.33 1.08
C SER E 131 -47.39 -22.33 0.64
N VAL E 132 -46.96 -22.23 -0.61
CA VAL E 132 -45.96 -23.14 -1.14
C VAL E 132 -44.68 -22.34 -1.10
N VAL E 133 -43.83 -22.51 -0.07
CA VAL E 133 -42.54 -21.77 -0.02
C VAL E 133 -41.53 -22.42 -0.97
N CYS E 134 -40.58 -21.66 -1.46
CA CYS E 134 -39.62 -22.24 -2.34
C CYS E 134 -38.33 -21.51 -2.20
N PHE E 135 -37.41 -22.07 -1.42
CA PHE E 135 -36.12 -21.44 -1.21
C PHE E 135 -35.14 -21.59 -2.38
N LEU E 136 -34.30 -20.58 -2.61
CA LEU E 136 -33.29 -20.61 -3.66
C LEU E 136 -32.00 -20.15 -2.98
N ASN E 137 -31.18 -21.12 -2.59
CA ASN E 137 -29.95 -20.81 -1.85
C ASN E 137 -28.58 -20.66 -2.46
N ASN E 138 -27.76 -19.88 -1.76
CA ASN E 138 -26.37 -19.62 -2.11
C ASN E 138 -25.90 -19.32 -3.54
N PHE E 139 -26.63 -18.48 -4.26
CA PHE E 139 -26.26 -18.16 -5.63
C PHE E 139 -25.49 -16.85 -5.76
N TYR E 140 -25.15 -16.48 -6.98
CA TYR E 140 -24.42 -15.26 -7.30
C TYR E 140 -24.34 -15.24 -8.82
N PRO E 141 -24.64 -14.08 -9.45
CA PRO E 141 -25.07 -12.79 -8.92
C PRO E 141 -26.44 -12.82 -8.28
N LYS E 142 -26.90 -11.67 -7.80
CA LYS E 142 -28.19 -11.59 -7.14
C LYS E 142 -29.30 -11.70 -8.16
N ASP E 143 -29.03 -11.28 -9.38
CA ASP E 143 -30.06 -11.31 -10.41
C ASP E 143 -30.54 -12.71 -10.51
N ILE E 144 -31.83 -12.94 -10.24
CA ILE E 144 -32.37 -14.28 -10.36
C ILE E 144 -33.84 -14.12 -10.63
N ASN E 145 -34.37 -14.87 -11.57
CA ASN E 145 -35.78 -14.78 -11.88
C ASN E 145 -36.49 -16.01 -11.41
N VAL E 146 -37.68 -15.82 -10.86
CA VAL E 146 -38.46 -16.95 -10.39
C VAL E 146 -39.84 -16.85 -10.99
N LYS E 147 -40.35 -17.98 -11.50
CA LYS E 147 -41.69 -18.04 -12.05
C LYS E 147 -42.43 -19.14 -11.32
N TRP E 148 -43.69 -18.91 -10.99
CA TRP E 148 -44.49 -19.90 -10.28
C TRP E 148 -45.45 -20.50 -11.29
N LYS E 149 -45.74 -21.80 -11.14
CA LYS E 149 -46.63 -22.43 -12.09
C LYS E 149 -47.60 -23.45 -11.50
N ILE E 150 -48.78 -22.99 -11.13
CA ILE E 150 -49.82 -23.87 -10.60
C ILE E 150 -50.42 -24.62 -11.75
N ASP E 151 -50.13 -25.91 -11.82
CA ASP E 151 -50.59 -26.75 -12.92
C ASP E 151 -49.89 -26.20 -14.19
N GLY E 152 -50.46 -26.40 -15.36
CA GLY E 152 -49.77 -25.91 -16.55
C GLY E 152 -49.40 -24.42 -16.56
N SER E 153 -50.34 -23.58 -16.15
CA SER E 153 -50.15 -22.14 -16.19
C SER E 153 -49.17 -21.46 -15.23
N GLU E 154 -48.68 -20.31 -15.68
CA GLU E 154 -47.76 -19.48 -14.90
C GLU E 154 -48.68 -18.57 -14.14
N ARG E 155 -48.40 -18.36 -12.86
CA ARG E 155 -49.22 -17.50 -12.03
C ARG E 155 -48.39 -16.41 -11.31
N GLN E 156 -49.02 -15.26 -11.10
CA GLN E 156 -48.35 -14.14 -10.47
C GLN E 156 -49.04 -13.69 -9.21
N ASN E 157 -50.33 -13.39 -9.29
CA ASN E 157 -51.07 -12.91 -8.13
C ASN E 157 -50.88 -13.87 -6.95
N GLY E 158 -50.05 -13.46 -6.00
CA GLY E 158 -49.82 -14.30 -4.83
C GLY E 158 -48.38 -14.52 -4.42
N VAL E 159 -47.42 -14.15 -5.26
CA VAL E 159 -46.00 -14.34 -4.94
C VAL E 159 -45.44 -13.32 -3.98
N LEU E 160 -44.69 -13.76 -2.99
CA LEU E 160 -44.08 -12.86 -2.00
C LEU E 160 -42.57 -13.13 -1.95
N ASN E 161 -41.78 -12.34 -2.67
CA ASN E 161 -40.33 -12.53 -2.71
C ASN E 161 -39.51 -11.71 -1.70
N SER E 162 -38.39 -12.28 -1.25
CA SER E 162 -37.52 -11.64 -0.28
C SER E 162 -36.09 -12.17 -0.40
N TRP E 163 -35.20 -11.33 -0.91
CA TRP E 163 -33.80 -11.71 -1.08
C TRP E 163 -33.06 -11.49 0.23
N THR E 164 -31.83 -11.98 0.27
CA THR E 164 -30.95 -11.81 1.42
C THR E 164 -29.84 -10.86 0.99
N ASP E 165 -29.08 -10.37 1.95
CA ASP E 165 -27.97 -9.49 1.63
C ASP E 165 -26.83 -10.42 1.26
N GLN E 166 -25.74 -9.87 0.73
CA GLN E 166 -24.60 -10.69 0.37
C GLN E 166 -24.10 -11.38 1.63
N ASP E 167 -24.06 -12.72 1.60
CA ASP E 167 -23.61 -13.51 2.74
C ASP E 167 -22.19 -13.22 3.20
N SER E 168 -22.02 -13.20 4.52
CA SER E 168 -20.74 -12.92 5.15
C SER E 168 -19.65 -13.90 4.78
N LYS E 169 -19.97 -15.19 4.74
CA LYS E 169 -18.97 -16.18 4.42
C LYS E 169 -18.75 -16.43 2.94
N ASP E 170 -19.74 -17.01 2.29
CA ASP E 170 -19.61 -17.36 0.88
C ASP E 170 -19.96 -16.29 -0.13
N SER E 171 -20.33 -15.10 0.36
CA SER E 171 -20.67 -13.98 -0.51
C SER E 171 -21.72 -14.31 -1.59
N THR E 172 -22.66 -15.18 -1.24
CA THR E 172 -23.74 -15.55 -2.15
C THR E 172 -25.08 -15.12 -1.56
N TYR E 173 -25.99 -14.72 -2.44
CA TYR E 173 -27.32 -14.30 -2.05
C TYR E 173 -28.25 -15.51 -1.84
N SER E 174 -29.46 -15.31 -1.33
CA SER E 174 -30.41 -16.41 -1.14
C SER E 174 -31.81 -15.81 -1.27
N MET E 175 -32.78 -16.60 -1.71
CA MET E 175 -34.11 -16.05 -1.91
C MET E 175 -35.22 -16.91 -1.38
N SER E 176 -36.42 -16.32 -1.21
CA SER E 176 -37.60 -17.05 -0.71
C SER E 176 -38.86 -16.66 -1.50
N SER E 177 -39.31 -17.51 -2.40
CA SER E 177 -40.52 -17.19 -3.13
C SER E 177 -41.65 -17.85 -2.33
N THR E 178 -42.69 -17.10 -1.97
CA THR E 178 -43.82 -17.68 -1.22
C THR E 178 -45.15 -17.35 -1.93
N LEU E 179 -45.70 -18.32 -2.67
CA LEU E 179 -46.99 -18.14 -3.33
C LEU E 179 -48.00 -18.57 -2.29
N THR E 180 -49.04 -17.75 -2.06
CA THR E 180 -50.09 -18.03 -1.08
C THR E 180 -51.43 -18.24 -1.75
N LEU E 181 -52.22 -19.16 -1.26
CA LEU E 181 -53.50 -19.48 -1.89
C LEU E 181 -54.52 -19.86 -0.84
N THR E 182 -55.80 -19.82 -1.19
CA THR E 182 -56.80 -20.25 -0.24
C THR E 182 -56.71 -21.75 -0.37
N LYS E 183 -56.81 -22.46 0.75
CA LYS E 183 -56.77 -23.92 0.75
C LYS E 183 -57.59 -24.33 -0.47
N ASP E 184 -58.80 -23.78 -0.54
CA ASP E 184 -59.73 -24.03 -1.65
C ASP E 184 -59.04 -24.16 -3.00
N GLU E 185 -58.54 -23.04 -3.49
CA GLU E 185 -57.90 -23.02 -4.77
C GLU E 185 -56.72 -23.95 -4.79
N TYR E 186 -55.96 -24.00 -3.71
CA TYR E 186 -54.80 -24.89 -3.67
C TYR E 186 -55.27 -26.31 -3.92
N GLU E 187 -56.23 -26.76 -3.14
CA GLU E 187 -56.69 -28.12 -3.34
C GLU E 187 -57.56 -28.28 -4.54
N ARG E 188 -57.53 -27.31 -5.45
CA ARG E 188 -58.32 -27.43 -6.66
C ARG E 188 -57.42 -27.41 -7.91
N HIS E 189 -56.14 -27.72 -7.68
CA HIS E 189 -55.12 -27.80 -8.71
C HIS E 189 -54.21 -28.92 -8.29
N ASN E 190 -53.31 -29.40 -9.16
CA ASN E 190 -52.45 -30.53 -8.76
C ASN E 190 -50.95 -30.36 -8.72
N SER E 191 -50.39 -29.76 -9.75
CA SER E 191 -48.95 -29.57 -9.75
C SER E 191 -48.61 -28.11 -9.39
N TYR E 192 -47.40 -27.93 -8.86
CA TYR E 192 -46.90 -26.64 -8.45
C TYR E 192 -45.41 -26.59 -8.75
N THR E 193 -45.02 -25.75 -9.68
CA THR E 193 -43.63 -25.61 -10.08
C THR E 193 -43.05 -24.27 -9.67
N CYS E 194 -41.86 -24.32 -9.10
CA CYS E 194 -41.14 -23.13 -8.71
C CYS E 194 -39.99 -23.11 -9.69
N GLU E 195 -40.15 -22.45 -10.83
CA GLU E 195 -39.04 -22.46 -11.78
C GLU E 195 -38.26 -21.17 -11.90
N ALA E 196 -36.99 -21.26 -11.50
CA ALA E 196 -36.07 -20.14 -11.48
C ALA E 196 -35.10 -20.13 -12.63
N THR E 197 -34.79 -18.94 -13.12
CA THR E 197 -33.87 -18.79 -14.21
C THR E 197 -32.69 -17.99 -13.71
N HIS E 198 -31.49 -18.54 -13.79
CA HIS E 198 -30.30 -17.82 -13.33
C HIS E 198 -29.12 -17.86 -14.33
N LYS E 199 -28.40 -16.74 -14.37
CA LYS E 199 -27.26 -16.54 -15.24
C LYS E 199 -26.29 -17.72 -15.28
N THR E 200 -26.19 -18.48 -14.19
CA THR E 200 -25.26 -19.60 -14.14
C THR E 200 -25.49 -20.60 -15.27
N SER E 201 -26.75 -20.95 -15.51
CA SER E 201 -27.08 -21.88 -16.58
C SER E 201 -28.08 -21.22 -17.53
N THR E 202 -28.60 -22.02 -18.46
CA THR E 202 -29.54 -21.49 -19.41
C THR E 202 -30.88 -22.17 -19.27
N SER E 203 -30.86 -23.42 -18.83
CA SER E 203 -32.09 -24.17 -18.67
C SER E 203 -32.71 -23.96 -17.26
N PRO E 204 -33.97 -23.47 -17.22
CA PRO E 204 -34.72 -23.19 -15.99
C PRO E 204 -34.61 -24.27 -14.95
N ILE E 205 -33.95 -23.92 -13.85
CA ILE E 205 -33.79 -24.81 -12.73
C ILE E 205 -35.17 -25.04 -12.15
N VAL E 206 -35.80 -26.13 -12.55
CA VAL E 206 -37.14 -26.46 -12.10
C VAL E 206 -37.18 -27.38 -10.87
N LYS E 207 -38.15 -27.14 -10.00
CA LYS E 207 -38.40 -27.94 -8.82
C LYS E 207 -39.91 -27.91 -8.72
N SER E 208 -40.52 -29.06 -8.61
CA SER E 208 -41.97 -29.08 -8.50
C SER E 208 -42.48 -30.34 -7.91
N PHE E 209 -43.32 -30.19 -6.90
CA PHE E 209 -43.91 -31.31 -6.22
C PHE E 209 -45.25 -31.43 -6.89
N ASN E 210 -46.15 -32.13 -6.22
CA ASN E 210 -47.48 -32.33 -6.73
C ASN E 210 -48.26 -32.90 -5.53
N ARG E 211 -49.55 -32.62 -5.43
CA ARG E 211 -50.28 -33.18 -4.31
C ARG E 211 -50.72 -34.63 -4.61
N ASN E 212 -51.97 -34.97 -4.35
CA ASN E 212 -52.50 -36.33 -4.57
C ASN E 212 -52.13 -37.25 -3.41
N GLU E 213 -52.66 -38.47 -3.41
CA GLU E 213 -52.43 -39.47 -2.36
C GLU E 213 -51.03 -39.41 -1.75
N CYS E 214 -50.94 -38.96 -0.50
CA CYS E 214 -49.67 -38.82 0.23
C CYS E 214 -48.93 -37.53 -0.15
N ASP F 1 -15.46 0.91 28.69
CA ASP F 1 -15.47 1.58 27.37
C ASP F 1 -16.84 2.22 27.16
N VAL F 2 -16.83 3.39 26.51
CA VAL F 2 -18.02 4.16 26.20
C VAL F 2 -19.14 3.26 25.69
N LYS F 3 -20.40 3.61 25.96
CA LYS F 3 -21.49 2.78 25.49
C LYS F 3 -22.84 3.46 25.67
N LEU F 4 -23.52 3.71 24.55
CA LEU F 4 -24.84 4.34 24.51
C LEU F 4 -25.95 3.29 24.30
N VAL F 5 -27.07 3.40 24.99
CA VAL F 5 -28.08 2.39 24.82
C VAL F 5 -29.45 2.97 24.63
N GLU F 6 -29.90 3.02 23.37
CA GLU F 6 -31.24 3.57 23.02
C GLU F 6 -32.31 2.64 23.56
N SER F 7 -33.51 3.18 23.83
CA SER F 7 -34.57 2.36 24.38
C SER F 7 -35.87 3.11 24.54
N GLY F 8 -36.90 2.70 23.81
CA GLY F 8 -38.20 3.35 23.89
C GLY F 8 -39.00 3.17 22.61
N GLY F 9 -38.45 2.35 21.73
CA GLY F 9 -39.10 2.11 20.46
C GLY F 9 -40.36 1.36 20.69
N GLY F 10 -41.26 1.43 19.72
CA GLY F 10 -42.51 0.74 19.85
C GLY F 10 -43.42 1.08 18.70
N LEU F 11 -44.57 0.43 18.66
CA LEU F 11 -45.53 0.68 17.61
C LEU F 11 -46.29 1.88 18.11
N VAL F 12 -46.44 2.90 17.28
CA VAL F 12 -47.15 4.08 17.72
C VAL F 12 -48.09 4.55 16.63
N GLN F 13 -49.36 4.65 16.97
CA GLN F 13 -50.37 5.09 16.03
C GLN F 13 -50.04 6.49 15.57
N PRO F 14 -50.38 6.83 14.33
CA PRO F 14 -50.05 8.19 13.88
C PRO F 14 -50.72 9.20 14.81
N GLY F 15 -50.12 10.37 14.92
CA GLY F 15 -50.63 11.40 15.81
C GLY F 15 -50.13 11.16 17.24
N GLY F 16 -49.93 9.90 17.60
CA GLY F 16 -49.46 9.56 18.93
C GLY F 16 -48.09 10.10 19.25
N SER F 17 -47.55 9.73 20.39
CA SER F 17 -46.25 10.22 20.77
C SER F 17 -45.47 9.20 21.57
N ARG F 18 -44.14 9.28 21.49
CA ARG F 18 -43.27 8.32 22.18
C ARG F 18 -42.09 9.07 22.73
N LYS F 19 -41.51 8.58 23.82
CA LYS F 19 -40.36 9.26 24.40
C LYS F 19 -39.25 8.25 24.57
N LEU F 20 -38.19 8.42 23.80
CA LEU F 20 -37.09 7.49 23.86
C LEU F 20 -36.04 7.98 24.85
N SER F 21 -35.23 7.04 25.28
CA SER F 21 -34.16 7.33 26.22
C SER F 21 -32.89 6.78 25.61
N CYS F 22 -31.77 7.42 25.90
CA CYS F 22 -30.49 6.95 25.40
C CYS F 22 -29.58 7.08 26.61
N ALA F 23 -29.27 5.94 27.24
CA ALA F 23 -28.41 5.90 28.43
C ALA F 23 -26.98 5.78 27.97
N ALA F 24 -26.07 6.56 28.58
CA ALA F 24 -24.66 6.57 28.22
C ALA F 24 -23.75 6.21 29.37
N SER F 25 -22.61 5.58 29.08
CA SER F 25 -21.66 5.21 30.13
C SER F 25 -20.26 5.14 29.56
N GLY F 26 -19.28 5.48 30.37
CA GLY F 26 -17.91 5.38 29.91
C GLY F 26 -17.28 6.69 29.53
N PHE F 27 -18.02 7.78 29.67
CA PHE F 27 -17.47 9.10 29.36
C PHE F 27 -18.21 10.14 30.19
N THR F 28 -17.62 11.31 30.31
CA THR F 28 -18.23 12.38 31.08
C THR F 28 -19.34 12.98 30.27
N PHE F 29 -20.51 12.36 30.36
CA PHE F 29 -21.72 12.76 29.64
C PHE F 29 -21.79 14.29 29.66
N SER F 30 -21.63 14.82 30.86
CA SER F 30 -21.68 16.25 31.11
C SER F 30 -20.75 17.09 30.25
N SER F 31 -19.90 16.49 29.42
CA SER F 31 -19.00 17.30 28.62
C SER F 31 -19.26 17.28 27.12
N PHE F 32 -20.14 16.40 26.65
CA PHE F 32 -20.40 16.33 25.21
C PHE F 32 -21.81 16.60 24.81
N GLY F 33 -21.96 17.07 23.58
CA GLY F 33 -23.27 17.35 23.05
C GLY F 33 -23.74 16.09 22.36
N MET F 34 -24.97 15.70 22.58
CA MET F 34 -25.48 14.52 21.94
C MET F 34 -26.29 14.82 20.70
N HIS F 35 -26.63 13.78 19.94
CA HIS F 35 -27.41 13.91 18.71
C HIS F 35 -28.36 12.76 18.60
N TRP F 36 -29.36 12.90 17.76
CA TRP F 36 -30.29 11.82 17.49
C TRP F 36 -30.26 11.70 15.97
N VAL F 37 -30.03 10.49 15.46
CA VAL F 37 -29.93 10.24 14.05
C VAL F 37 -30.88 9.12 13.73
N ARG F 38 -31.70 9.30 12.72
CA ARG F 38 -32.65 8.26 12.35
C ARG F 38 -32.35 7.73 10.97
N GLN F 39 -32.84 6.51 10.71
CA GLN F 39 -32.61 5.81 9.44
C GLN F 39 -33.83 5.00 9.07
N ALA F 40 -34.53 5.45 8.03
CA ALA F 40 -35.75 4.78 7.58
C ALA F 40 -35.49 3.40 7.00
N PRO F 41 -36.35 2.42 7.33
CA PRO F 41 -36.31 1.02 6.91
C PRO F 41 -35.19 0.61 5.97
N GLU F 42 -35.14 1.22 4.79
CA GLU F 42 -34.10 0.89 3.83
C GLU F 42 -33.58 2.12 3.13
N LYS F 43 -33.23 3.11 3.93
CA LYS F 43 -32.71 4.36 3.42
C LYS F 43 -31.49 4.71 4.23
N GLY F 44 -31.06 5.96 4.11
CA GLY F 44 -29.87 6.40 4.81
C GLY F 44 -30.02 7.04 6.16
N LEU F 45 -28.89 7.47 6.70
CA LEU F 45 -28.88 8.10 7.98
C LEU F 45 -29.43 9.52 7.77
N GLU F 46 -30.10 10.05 8.80
CA GLU F 46 -30.68 11.39 8.79
C GLU F 46 -30.52 12.04 10.17
N TRP F 47 -29.74 13.13 10.26
CA TRP F 47 -29.57 13.86 11.53
C TRP F 47 -30.93 14.44 11.98
N VAL F 48 -31.26 14.36 13.28
CA VAL F 48 -32.56 14.81 13.84
C VAL F 48 -32.60 15.91 14.88
N ALA F 49 -31.59 15.95 15.75
CA ALA F 49 -31.55 16.95 16.80
C ALA F 49 -30.18 16.96 17.45
N TYR F 50 -29.86 18.04 18.13
CA TYR F 50 -28.58 18.17 18.78
C TYR F 50 -28.72 19.11 19.95
N ILE F 51 -28.23 18.67 21.11
CA ILE F 51 -28.30 19.45 22.34
C ILE F 51 -26.90 19.59 22.95
N SER F 52 -26.42 20.83 23.02
CA SER F 52 -25.09 21.11 23.56
C SER F 52 -25.01 20.53 24.96
N SER F 53 -23.79 20.32 25.46
CA SER F 53 -23.56 19.71 26.78
C SER F 53 -24.43 20.27 27.89
N GLY F 54 -24.48 21.61 27.92
CA GLY F 54 -25.27 22.32 28.91
C GLY F 54 -26.73 22.54 28.64
N SER F 55 -27.26 22.03 27.54
CA SER F 55 -28.68 22.21 27.19
C SER F 55 -29.02 23.69 26.91
N SER F 56 -28.00 24.37 26.43
CA SER F 56 -28.06 25.75 26.11
C SER F 56 -27.59 25.97 24.66
N THR F 57 -28.25 25.26 23.74
CA THR F 57 -28.03 25.34 22.27
C THR F 57 -28.64 24.09 21.78
N ILE F 58 -29.78 24.18 21.13
CA ILE F 58 -30.43 23.00 20.65
C ILE F 58 -30.65 23.26 19.20
N TYR F 59 -30.58 22.22 18.37
CA TYR F 59 -30.77 22.33 16.93
C TYR F 59 -31.81 21.29 16.50
N TYR F 60 -32.41 21.47 15.36
CA TYR F 60 -33.37 20.49 14.92
C TYR F 60 -33.40 20.29 13.42
N ALA F 61 -33.77 19.09 13.02
CA ALA F 61 -33.91 18.76 11.63
C ALA F 61 -35.20 19.43 11.14
N ASP F 62 -35.19 20.03 9.95
CA ASP F 62 -36.40 20.65 9.41
C ASP F 62 -37.55 19.68 9.45
N THR F 63 -37.24 18.41 9.24
CA THR F 63 -38.23 17.36 9.23
C THR F 63 -38.97 17.20 10.54
N VAL F 64 -38.27 17.52 11.63
CA VAL F 64 -38.84 17.38 12.98
C VAL F 64 -39.11 18.63 13.74
N LYS F 65 -38.64 19.78 13.26
CA LYS F 65 -38.87 21.07 13.92
C LYS F 65 -40.26 21.13 14.56
N GLY F 66 -40.30 21.50 15.82
CA GLY F 66 -41.59 21.63 16.46
C GLY F 66 -42.23 20.42 17.06
N ARG F 67 -42.37 19.33 16.33
CA ARG F 67 -43.00 18.14 16.90
C ARG F 67 -42.11 17.36 17.89
N PHE F 68 -40.80 17.45 17.75
CA PHE F 68 -39.90 16.74 18.64
C PHE F 68 -39.22 17.68 19.63
N THR F 69 -38.94 17.15 20.81
CA THR F 69 -38.23 17.87 21.87
C THR F 69 -37.03 17.02 22.32
N ILE F 70 -35.82 17.54 22.19
CA ILE F 70 -34.67 16.80 22.66
C ILE F 70 -34.43 17.28 24.13
N SER F 71 -33.73 16.49 24.95
CA SER F 71 -33.43 16.86 26.34
C SER F 71 -32.53 15.81 26.97
N ARG F 72 -31.85 16.23 28.04
CA ARG F 72 -30.93 15.36 28.78
C ARG F 72 -30.99 15.59 30.28
N ASP F 73 -30.62 14.56 31.04
CA ASP F 73 -30.56 14.65 32.50
C ASP F 73 -29.13 14.32 32.85
N ASN F 74 -28.22 15.26 32.67
CA ASN F 74 -26.81 15.06 32.98
C ASN F 74 -26.43 14.21 34.18
N PRO F 75 -27.08 14.40 35.33
CA PRO F 75 -26.70 13.56 36.46
C PRO F 75 -27.05 12.07 36.24
N LYS F 76 -28.13 11.81 35.51
CA LYS F 76 -28.54 10.44 35.22
C LYS F 76 -28.00 9.91 33.88
N ASN F 77 -26.97 10.57 33.35
CA ASN F 77 -26.36 10.18 32.07
C ASN F 77 -27.35 9.68 31.04
N THR F 78 -28.38 10.49 30.79
CA THR F 78 -29.43 10.13 29.84
C THR F 78 -29.91 11.24 28.92
N LEU F 79 -29.89 10.94 27.62
CA LEU F 79 -30.37 11.86 26.61
C LEU F 79 -31.82 11.43 26.34
N PHE F 80 -32.65 12.32 25.83
CA PHE F 80 -34.05 11.96 25.57
C PHE F 80 -34.53 12.60 24.29
N LEU F 81 -35.60 12.07 23.70
CA LEU F 81 -36.18 12.66 22.51
C LEU F 81 -37.68 12.43 22.66
N GLN F 82 -38.41 13.51 22.89
CA GLN F 82 -39.84 13.37 23.04
C GLN F 82 -40.44 13.67 21.71
N MET F 83 -41.24 12.73 21.25
CA MET F 83 -41.87 12.84 19.95
C MET F 83 -43.33 13.12 20.06
N THR F 84 -43.83 13.91 19.13
CA THR F 84 -45.23 14.30 19.07
C THR F 84 -45.66 14.45 17.60
N SER F 85 -46.86 13.96 17.29
CA SER F 85 -47.42 14.01 15.93
C SER F 85 -46.71 13.03 15.04
N LEU F 86 -46.36 11.89 15.62
CA LEU F 86 -45.67 10.86 14.86
C LEU F 86 -46.42 10.51 13.59
N ARG F 87 -45.87 10.88 12.44
CA ARG F 87 -46.49 10.53 11.16
C ARG F 87 -45.96 9.13 10.80
N SER F 88 -46.24 8.68 9.57
CA SER F 88 -45.77 7.38 9.08
C SER F 88 -44.27 7.51 8.75
N GLU F 89 -43.92 8.65 8.18
CA GLU F 89 -42.55 8.91 7.82
C GLU F 89 -41.65 8.79 9.04
N ASP F 90 -42.20 9.09 10.21
CA ASP F 90 -41.38 9.04 11.41
C ASP F 90 -40.84 7.65 11.71
N THR F 91 -41.34 6.67 10.96
CA THR F 91 -40.92 5.29 11.13
C THR F 91 -39.47 5.12 10.79
N ALA F 92 -38.70 4.59 11.73
CA ALA F 92 -37.28 4.35 11.52
C ALA F 92 -36.59 3.83 12.76
N MET F 93 -35.29 3.70 12.68
CA MET F 93 -34.48 3.22 13.78
C MET F 93 -33.88 4.47 14.37
N TYR F 94 -34.11 4.71 15.66
CA TYR F 94 -33.57 5.91 16.26
C TYR F 94 -32.31 5.68 17.04
N TYR F 95 -31.18 6.07 16.47
CA TYR F 95 -29.87 5.91 17.12
C TYR F 95 -29.60 7.18 17.87
N CYS F 96 -28.73 7.15 18.86
CA CYS F 96 -28.35 8.36 19.56
C CYS F 96 -26.86 8.32 19.37
N ALA F 97 -26.21 9.46 19.36
CA ALA F 97 -24.78 9.46 19.12
C ALA F 97 -24.09 10.62 19.81
N ARG F 98 -22.91 10.38 20.38
CA ARG F 98 -22.15 11.45 21.02
C ARG F 98 -21.61 12.37 19.96
N GLY F 99 -21.62 13.67 20.21
CA GLY F 99 -21.13 14.60 19.24
C GLY F 99 -19.82 15.21 19.63
N ASP F 100 -19.67 16.47 19.25
CA ASP F 100 -18.48 17.28 19.49
C ASP F 100 -17.17 16.81 18.87
N TYR F 101 -17.26 16.41 17.60
CA TYR F 101 -16.11 15.95 16.81
C TYR F 101 -15.01 17.00 16.76
N TYR F 102 -15.34 18.26 17.05
CA TYR F 102 -14.33 19.32 17.08
C TYR F 102 -13.42 18.99 18.27
N GLY F 103 -12.32 18.29 17.99
CA GLY F 103 -11.40 17.96 19.05
C GLY F 103 -11.73 16.73 19.86
N SER F 104 -13.00 16.52 20.24
CA SER F 104 -13.41 15.37 21.09
C SER F 104 -12.60 14.08 21.01
N ARG F 105 -11.99 13.83 19.85
CA ARG F 105 -11.17 12.65 19.65
C ARG F 105 -12.07 11.44 19.42
N GLY F 106 -12.58 10.79 20.45
CA GLY F 106 -13.41 9.62 20.21
C GLY F 106 -14.66 9.96 19.43
N ALA F 107 -15.50 8.97 19.14
CA ALA F 107 -16.75 9.16 18.41
C ALA F 107 -17.55 7.88 18.62
N TYR F 108 -18.73 7.95 19.27
CA TYR F 108 -19.51 6.73 19.56
C TYR F 108 -20.98 6.78 19.26
N TRP F 109 -21.46 5.82 18.47
CA TRP F 109 -22.88 5.76 18.07
C TRP F 109 -23.59 4.71 18.92
N GLY F 110 -24.91 4.68 18.89
CA GLY F 110 -25.61 3.69 19.66
C GLY F 110 -26.00 2.54 18.78
N GLN F 111 -26.90 1.72 19.27
CA GLN F 111 -27.36 0.54 18.56
C GLN F 111 -28.64 0.83 17.80
N GLY F 112 -29.33 1.83 18.27
CA GLY F 112 -30.57 2.22 17.64
C GLY F 112 -31.72 1.44 18.19
N THR F 113 -32.85 2.12 18.33
CA THR F 113 -34.08 1.52 18.83
C THR F 113 -35.08 1.68 17.71
N LEU F 114 -36.06 0.80 17.62
CA LEU F 114 -36.98 0.90 16.49
C LEU F 114 -38.41 1.33 16.79
N VAL F 115 -38.84 2.43 16.16
CA VAL F 115 -40.20 2.90 16.38
C VAL F 115 -40.98 2.87 15.10
N THR F 116 -42.05 2.08 15.10
CA THR F 116 -42.90 1.96 13.92
C THR F 116 -44.22 2.72 14.13
N VAL F 117 -44.57 3.62 13.21
CA VAL F 117 -45.76 4.43 13.32
C VAL F 117 -46.79 4.17 12.23
N SER F 118 -47.92 3.56 12.58
CA SER F 118 -49.01 3.33 11.62
C SER F 118 -50.29 2.92 12.35
N ALA F 119 -51.32 2.60 11.57
CA ALA F 119 -52.58 2.15 12.16
C ALA F 119 -52.29 0.69 12.50
N ALA F 120 -52.77 -0.24 11.67
CA ALA F 120 -52.53 -1.67 11.87
C ALA F 120 -52.76 -2.09 13.32
N LYS F 121 -52.38 -3.31 13.67
CA LYS F 121 -52.61 -3.78 15.03
C LYS F 121 -51.66 -4.90 15.46
N THR F 122 -51.10 -4.79 16.65
CA THR F 122 -50.15 -5.79 17.15
C THR F 122 -50.63 -7.23 17.05
N THR F 123 -50.30 -7.87 15.91
CA THR F 123 -50.71 -9.22 15.62
C THR F 123 -49.66 -10.29 15.79
N ALA F 124 -50.00 -11.34 16.53
CA ALA F 124 -49.10 -12.47 16.77
C ALA F 124 -49.02 -13.32 15.49
N PRO F 125 -47.82 -13.84 15.18
CA PRO F 125 -47.65 -14.65 13.99
C PRO F 125 -47.98 -16.11 14.15
N SER F 126 -48.14 -16.78 13.01
CA SER F 126 -48.39 -18.21 13.00
C SER F 126 -47.02 -18.73 12.59
N VAL F 127 -46.65 -19.92 13.06
CA VAL F 127 -45.37 -20.50 12.68
C VAL F 127 -45.63 -21.87 12.09
N TYR F 128 -45.36 -22.00 10.79
CA TYR F 128 -45.55 -23.24 10.07
C TYR F 128 -44.21 -23.89 9.75
N PRO F 129 -44.06 -25.15 10.13
CA PRO F 129 -42.83 -25.85 9.86
C PRO F 129 -42.75 -26.30 8.39
N LEU F 130 -41.65 -26.00 7.73
CA LEU F 130 -41.49 -26.40 6.36
C LEU F 130 -40.72 -27.69 6.29
N ALA F 131 -41.41 -28.80 6.50
CA ALA F 131 -40.82 -30.13 6.43
C ALA F 131 -40.59 -30.48 4.95
N PRO F 132 -39.38 -30.92 4.61
CA PRO F 132 -38.96 -31.27 3.27
C PRO F 132 -39.96 -31.86 2.34
N VAL F 133 -40.12 -33.18 2.34
CA VAL F 133 -41.02 -33.88 1.42
C VAL F 133 -40.74 -33.57 -0.08
N CYS F 134 -39.81 -32.66 -0.33
CA CYS F 134 -39.40 -32.22 -1.66
C CYS F 134 -38.32 -31.10 -1.50
N GLY F 135 -37.69 -31.07 -0.32
CA GLY F 135 -36.64 -30.09 -0.04
C GLY F 135 -35.29 -30.54 -0.56
N ASP F 136 -35.31 -31.19 -1.73
CA ASP F 136 -34.17 -31.74 -2.45
C ASP F 136 -32.74 -31.27 -2.08
N THR F 137 -32.34 -30.09 -2.59
CA THR F 137 -31.04 -29.47 -2.35
C THR F 137 -29.69 -30.16 -2.60
N THR F 138 -29.71 -31.41 -3.08
CA THR F 138 -28.52 -32.24 -3.41
C THR F 138 -28.74 -33.72 -3.10
N GLY F 139 -29.59 -34.02 -2.12
CA GLY F 139 -29.83 -35.41 -1.74
C GLY F 139 -28.95 -35.86 -0.58
N SER F 140 -27.70 -35.38 -0.58
CA SER F 140 -26.75 -35.67 0.48
C SER F 140 -26.95 -34.59 1.56
N SER F 141 -27.79 -33.61 1.20
CA SER F 141 -28.12 -32.50 2.05
C SER F 141 -29.64 -32.47 2.12
N VAL F 142 -30.16 -32.05 3.28
CA VAL F 142 -31.60 -31.96 3.50
C VAL F 142 -31.94 -30.60 4.12
N THR F 143 -32.65 -29.78 3.34
CA THR F 143 -33.05 -28.46 3.84
C THR F 143 -34.44 -28.44 4.41
N LEU F 144 -34.55 -27.68 5.48
CA LEU F 144 -35.80 -27.50 6.18
C LEU F 144 -36.01 -25.99 6.31
N GLY F 145 -37.23 -25.56 6.53
CA GLY F 145 -37.47 -24.14 6.65
C GLY F 145 -38.57 -23.88 7.63
N CYS F 146 -38.88 -22.62 7.86
CA CYS F 146 -39.93 -22.29 8.80
C CYS F 146 -40.60 -21.02 8.29
N LEU F 147 -41.93 -21.01 8.38
CA LEU F 147 -42.75 -19.90 7.91
C LEU F 147 -43.36 -19.17 9.08
N VAL F 148 -43.09 -17.88 9.17
CA VAL F 148 -43.65 -17.05 10.23
C VAL F 148 -44.46 -16.01 9.47
N LYS F 149 -45.76 -16.21 9.34
CA LYS F 149 -46.56 -15.26 8.60
C LYS F 149 -47.71 -14.61 9.35
N GLY F 150 -48.01 -13.35 9.01
CA GLY F 150 -49.10 -12.63 9.61
C GLY F 150 -48.86 -11.90 10.90
N TYR F 151 -47.61 -11.51 11.19
CA TYR F 151 -47.34 -10.76 12.44
C TYR F 151 -47.18 -9.29 12.16
N PHE F 152 -47.12 -8.51 13.25
CA PHE F 152 -46.94 -7.07 13.20
C PHE F 152 -46.96 -6.55 14.60
N PRO F 153 -46.04 -5.63 14.94
CA PRO F 153 -45.03 -5.12 14.03
C PRO F 153 -43.70 -5.88 14.18
N GLU F 154 -42.65 -5.33 13.61
CA GLU F 154 -41.32 -5.92 13.69
C GLU F 154 -40.69 -5.53 15.00
N PRO F 155 -39.70 -6.30 15.49
CA PRO F 155 -39.11 -7.48 14.90
C PRO F 155 -39.63 -8.78 15.57
N VAL F 156 -39.09 -9.89 15.13
CA VAL F 156 -39.43 -11.20 15.65
C VAL F 156 -38.08 -11.88 15.72
N THR F 157 -37.94 -12.89 16.55
CA THR F 157 -36.67 -13.56 16.63
C THR F 157 -36.87 -15.00 16.29
N LEU F 158 -36.22 -15.44 15.22
CA LEU F 158 -36.30 -16.82 14.76
C LEU F 158 -34.97 -17.46 15.11
N THR F 159 -35.02 -18.71 15.55
CA THR F 159 -33.81 -19.46 15.91
C THR F 159 -33.93 -20.95 15.62
N TRP F 160 -32.81 -21.58 15.29
CA TRP F 160 -32.82 -22.99 15.00
C TRP F 160 -32.21 -23.72 16.18
N ASN F 161 -33.08 -24.41 16.90
CA ASN F 161 -32.71 -25.18 18.10
C ASN F 161 -32.24 -24.25 19.21
N SER F 162 -33.14 -23.36 19.63
CA SER F 162 -32.90 -22.38 20.69
C SER F 162 -31.56 -21.66 20.59
N GLY F 163 -30.99 -21.65 19.40
CA GLY F 163 -29.69 -21.04 19.18
C GLY F 163 -28.74 -22.11 18.66
N SER F 164 -28.63 -23.21 19.42
CA SER F 164 -27.75 -24.33 19.11
C SER F 164 -27.37 -24.46 17.62
N LEU F 165 -28.36 -24.74 16.77
CA LEU F 165 -28.13 -24.85 15.32
C LEU F 165 -28.08 -23.43 14.82
N SER F 166 -26.89 -23.03 14.44
CA SER F 166 -26.67 -21.68 13.96
C SER F 166 -25.78 -21.67 12.73
N SER F 167 -25.70 -22.81 12.06
CA SER F 167 -24.88 -22.86 10.87
C SER F 167 -25.66 -23.56 9.80
N GLY F 168 -25.73 -22.93 8.64
CA GLY F 168 -26.47 -23.49 7.52
C GLY F 168 -27.86 -22.88 7.40
N VAL F 169 -28.14 -21.91 8.27
CA VAL F 169 -29.43 -21.23 8.29
C VAL F 169 -29.39 -19.91 7.51
N HIS F 170 -30.45 -19.68 6.74
CA HIS F 170 -30.61 -18.46 5.94
C HIS F 170 -31.99 -17.92 6.28
N THR F 171 -32.02 -16.91 7.15
CA THR F 171 -33.29 -16.31 7.50
C THR F 171 -33.43 -15.15 6.56
N PHE F 172 -34.49 -15.15 5.80
CA PHE F 172 -34.70 -14.09 4.85
C PHE F 172 -35.37 -12.94 5.59
N PRO F 173 -35.23 -11.70 5.07
CA PRO F 173 -35.82 -10.51 5.69
C PRO F 173 -37.35 -10.54 5.57
N ALA F 174 -38.03 -9.85 6.47
CA ALA F 174 -39.49 -9.82 6.46
C ALA F 174 -40.11 -8.96 5.37
N VAL F 175 -41.34 -9.27 5.01
CA VAL F 175 -42.00 -8.50 3.99
C VAL F 175 -43.39 -8.12 4.46
N LEU F 176 -43.76 -6.87 4.19
CA LEU F 176 -45.07 -6.32 4.54
C LEU F 176 -46.01 -6.52 3.35
N GLN F 177 -47.12 -7.19 3.61
CA GLN F 177 -48.10 -7.48 2.60
C GLN F 177 -49.36 -7.03 3.28
N SER F 178 -50.12 -6.17 2.60
CA SER F 178 -51.35 -5.60 3.19
C SER F 178 -50.88 -4.86 4.45
N ASP F 179 -51.24 -5.36 5.63
CA ASP F 179 -50.78 -4.73 6.84
C ASP F 179 -50.29 -5.79 7.79
N LEU F 180 -49.48 -6.69 7.25
CA LEU F 180 -48.90 -7.78 8.02
C LEU F 180 -47.50 -8.14 7.49
N TYR F 181 -46.76 -8.92 8.27
CA TYR F 181 -45.42 -9.33 7.89
C TYR F 181 -45.30 -10.84 7.79
N THR F 182 -44.39 -11.27 6.94
CA THR F 182 -44.11 -12.68 6.76
C THR F 182 -42.60 -12.79 6.65
N LEU F 183 -42.05 -13.84 7.22
CA LEU F 183 -40.64 -14.10 7.21
C LEU F 183 -40.43 -15.61 7.27
N SER F 184 -39.34 -16.09 6.68
CA SER F 184 -39.07 -17.49 6.70
C SER F 184 -37.60 -17.65 6.75
N SER F 185 -37.19 -18.80 7.26
CA SER F 185 -35.77 -19.13 7.39
C SER F 185 -35.55 -20.55 6.95
N SER F 186 -34.53 -20.73 6.13
CA SER F 186 -34.21 -22.08 5.67
C SER F 186 -32.99 -22.41 6.51
N VAL F 187 -32.64 -23.70 6.54
CA VAL F 187 -31.51 -24.21 7.30
C VAL F 187 -31.16 -25.53 6.66
N THR F 188 -29.86 -25.81 6.57
CA THR F 188 -29.45 -27.06 5.96
C THR F 188 -28.62 -27.91 6.88
N VAL F 189 -28.94 -29.21 6.88
CA VAL F 189 -28.21 -30.17 7.69
C VAL F 189 -27.92 -31.37 6.78
N THR F 190 -26.97 -32.22 7.16
CA THR F 190 -26.66 -33.37 6.33
C THR F 190 -27.78 -34.37 6.48
N SER F 191 -28.04 -35.11 5.41
CA SER F 191 -29.11 -36.10 5.37
C SER F 191 -29.28 -36.78 6.73
N SER F 192 -28.22 -37.47 7.15
CA SER F 192 -28.19 -38.18 8.44
C SER F 192 -28.81 -37.43 9.63
N THR F 193 -28.43 -36.15 9.78
CA THR F 193 -28.89 -35.28 10.88
C THR F 193 -30.41 -35.30 11.06
N TRP F 194 -31.12 -35.19 9.95
CA TRP F 194 -32.57 -35.17 10.01
C TRP F 194 -33.14 -36.37 9.24
N PRO F 195 -34.12 -37.07 9.82
CA PRO F 195 -34.71 -36.79 11.12
C PRO F 195 -34.14 -37.55 12.33
N SER F 196 -32.87 -37.93 12.27
CA SER F 196 -32.28 -38.66 13.39
C SER F 196 -32.20 -37.74 14.61
N GLN F 197 -32.04 -36.46 14.33
CA GLN F 197 -31.94 -35.46 15.35
C GLN F 197 -33.22 -34.64 15.25
N SER F 198 -33.41 -33.67 16.15
CA SER F 198 -34.60 -32.81 16.11
C SER F 198 -34.23 -31.33 15.97
N ILE F 199 -34.61 -30.77 14.82
CA ILE F 199 -34.37 -29.38 14.49
C ILE F 199 -35.69 -28.68 14.80
N THR F 200 -35.61 -27.53 15.45
CA THR F 200 -36.78 -26.78 15.85
C THR F 200 -36.73 -25.27 15.60
N CYS F 201 -37.86 -24.75 15.13
CA CYS F 201 -38.00 -23.34 14.82
C CYS F 201 -38.57 -22.66 16.05
N ASN F 202 -37.80 -21.76 16.64
CA ASN F 202 -38.25 -21.06 17.85
C ASN F 202 -38.46 -19.59 17.51
N VAL F 203 -39.72 -19.20 17.34
CA VAL F 203 -40.04 -17.84 16.98
C VAL F 203 -40.63 -17.11 18.15
N ALA F 204 -40.27 -15.84 18.28
CA ALA F 204 -40.76 -15.01 19.39
C ALA F 204 -41.05 -13.60 18.94
N HIS F 205 -42.33 -13.25 18.85
CA HIS F 205 -42.73 -11.92 18.47
C HIS F 205 -42.79 -11.17 19.77
N PRO F 206 -41.74 -10.39 20.04
CA PRO F 206 -41.63 -9.60 21.27
C PRO F 206 -42.86 -8.71 21.51
N ALA F 207 -43.06 -7.73 20.62
CA ALA F 207 -44.15 -6.77 20.75
C ALA F 207 -45.54 -7.32 20.96
N SER F 208 -45.68 -8.64 21.04
CA SER F 208 -46.99 -9.24 21.25
C SER F 208 -46.98 -10.39 22.24
N SER F 209 -45.86 -10.53 22.95
CA SER F 209 -45.71 -11.58 23.95
C SER F 209 -46.00 -12.93 23.33
N THR F 210 -45.35 -13.20 22.21
CA THR F 210 -45.56 -14.45 21.53
C THR F 210 -44.25 -15.21 21.41
N LYS F 211 -44.26 -16.46 21.84
CA LYS F 211 -43.09 -17.29 21.74
C LYS F 211 -43.64 -18.64 21.36
N VAL F 212 -43.01 -19.28 20.38
CA VAL F 212 -43.43 -20.58 19.90
C VAL F 212 -42.23 -21.35 19.43
N ASP F 213 -42.45 -22.63 19.17
CA ASP F 213 -41.41 -23.53 18.70
C ASP F 213 -42.09 -24.56 17.83
N LYS F 214 -41.47 -24.91 16.71
CA LYS F 214 -42.06 -25.88 15.79
C LYS F 214 -41.12 -27.05 15.51
N LYS F 215 -41.58 -28.25 15.85
CA LYS F 215 -40.80 -29.46 15.63
C LYS F 215 -40.89 -29.77 14.14
N ILE F 216 -39.85 -29.48 13.38
CA ILE F 216 -39.90 -29.74 11.95
C ILE F 216 -39.96 -31.22 11.67
N GLU F 217 -41.16 -31.80 11.83
CA GLU F 217 -41.37 -33.23 11.63
C GLU F 217 -41.66 -33.61 10.17
N PRO F 218 -41.11 -34.76 9.71
CA PRO F 218 -41.33 -35.19 8.32
C PRO F 218 -42.77 -35.63 8.08
N ARG F 219 -43.16 -35.65 6.81
CA ARG F 219 -44.50 -36.06 6.35
C ARG F 219 -44.80 -35.35 5.03
N GLY F 220 -45.11 -34.06 5.14
CA GLY F 220 -45.41 -33.23 3.98
C GLY F 220 -44.41 -32.09 3.95
ZN ZN G . -8.28 -6.64 7.39
C1 PNP H . -0.85 -32.95 4.26
C2 PNP H . -0.94 -33.89 5.22
C3 PNP H . -1.71 -33.69 6.31
C4 PNP H . -2.41 -32.56 6.45
C5 PNP H . -2.35 -31.59 5.49
C6 PNP H . -1.55 -31.78 4.38
CM PNP H . 0.88 -33.90 0.79
N PNP H . -3.21 -32.34 7.59
O1N PNP H . -3.24 -33.19 8.42
O2N PNP H . -3.76 -31.38 7.68
P PNP H . -0.47 -33.85 1.79
O1P PNP H . -0.02 -33.17 3.17
O2P PNP H . -1.49 -33.01 1.45
O3P PNP H . -1.07 -35.12 2.16
C1 PNP I . 29.49 34.67 -11.95
C2 PNP I . 28.69 34.50 -13.03
C3 PNP I . 29.18 33.98 -14.18
C4 PNP I . 30.45 33.63 -14.28
C5 PNP I . 31.32 33.80 -13.17
C6 PNP I . 30.81 34.33 -12.00
CM PNP I . 27.77 35.63 -8.49
N PNP I . 30.97 33.10 -15.56
O1N PNP I . 30.18 32.99 -16.51
O2N PNP I . 32.12 32.81 -15.65
P PNP I . 28.26 34.47 -9.68
O1P PNP I . 28.99 35.22 -10.84
O2P PNP I . 29.28 33.57 -9.36
O3P PNP I . 27.14 33.74 -10.32
C1 PNP J . -21.69 16.17 14.54
C2 PNP J . -22.97 16.39 14.25
C3 PNP J . -23.84 15.34 14.04
C4 PNP J . -23.43 14.09 14.14
C5 PNP J . -22.08 13.83 14.44
C6 PNP J . -21.22 14.88 14.66
CM PNP J . -19.43 19.25 15.86
N PNP J . -24.34 13.03 13.90
O1N PNP J . -25.47 13.30 13.62
O2N PNP J . -23.97 12.01 13.97
P PNP J . -20.49 17.86 16.13
O1P PNP J . -20.88 17.22 14.71
O2P PNP J . -19.98 16.83 16.68
O3P PNP J . -21.77 18.13 16.76
#